data_4Z72
# 
_entry.id   4Z72 
# 
_audit_conform.dict_name       mmcif_pdbx.dic 
_audit_conform.dict_version    5.379 
_audit_conform.dict_location   http://mmcif.pdb.org/dictionaries/ascii/mmcif_pdbx.dic 
# 
loop_
_database_2.database_id 
_database_2.database_code 
_database_2.pdbx_database_accession 
_database_2.pdbx_DOI 
PDB   4Z72         pdb_00004z72 10.2210/pdb4z72/pdb 
WWPDB D_1000208725 ?            ?                   
# 
loop_
_pdbx_database_related.db_name 
_pdbx_database_related.details 
_pdbx_database_related.db_id 
_pdbx_database_related.content_type 
PDB . 4Z70 unspecified 
PDB . 4Z71 unspecified 
# 
_pdbx_database_status.status_code                     REL 
_pdbx_database_status.status_code_sf                  REL 
_pdbx_database_status.status_code_mr                  ? 
_pdbx_database_status.entry_id                        4Z72 
_pdbx_database_status.recvd_initial_deposition_date   2015-04-06 
_pdbx_database_status.SG_entry                        N 
_pdbx_database_status.deposit_site                    RCSB 
_pdbx_database_status.process_site                    RCSB 
_pdbx_database_status.status_code_cs                  ? 
_pdbx_database_status.methods_development_category    ? 
_pdbx_database_status.pdb_format_compatible           Y 
_pdbx_database_status.status_code_nmr_data            ? 
# 
loop_
_audit_author.name 
_audit_author.pdbx_ordinal 
'Pratt, A.C.'         1 
'Biswas, T.'          2 
'Barnard-Britson, S.' 3 
'Tsodikov, O.V.'      4 
# 
_citation.abstract                  ? 
_citation.abstract_id_CAS           ? 
_citation.book_id_ISBN              ? 
_citation.book_publisher            ? 
_citation.book_publisher_city       ? 
_citation.book_title                ? 
_citation.coordinate_linkage        ? 
_citation.country                   US 
_citation.database_id_Medline       ? 
_citation.details                   ? 
_citation.id                        primary 
_citation.journal_abbrev            J.Struct.Biol. 
_citation.journal_id_ASTM           JSBIEM 
_citation.journal_id_CSD            0803 
_citation.journal_id_ISSN           1095-8657 
_citation.journal_full              ? 
_citation.journal_issue             ? 
_citation.journal_volume            192 
_citation.language                  ? 
_citation.page_first                76 
_citation.page_last                 87 
_citation.title                     
;Structural and computational dissection of the catalytic mechanism of the inorganic pyrophosphatase from Mycobacterium tuberculosis.
;
_citation.year                      2015 
_citation.database_id_CSD           ? 
_citation.pdbx_database_id_DOI      10.1016/j.jsb.2015.08.010 
_citation.pdbx_database_id_PubMed   26296329 
_citation.unpublished_flag          ? 
# 
loop_
_citation_author.citation_id 
_citation_author.name 
_citation_author.ordinal 
_citation_author.identifier_ORCID 
primary 'Pratt, A.C.'         1 ? 
primary 'Dewage, S.W.'        2 ? 
primary 'Pang, A.H.'          3 ? 
primary 'Biswas, T.'          4 ? 
primary 'Barnard-Britson, S.' 5 ? 
primary 'Cisneros, G.A.'      6 ? 
primary 'Tsodikov, O.V.'      7 ? 
# 
_cell.angle_alpha                  90.00 
_cell.angle_alpha_esd              ? 
_cell.angle_beta                   90.00 
_cell.angle_beta_esd               ? 
_cell.angle_gamma                  120.00 
_cell.angle_gamma_esd              ? 
_cell.entry_id                     4Z72 
_cell.details                      ? 
_cell.formula_units_Z              ? 
_cell.length_a                     99.319 
_cell.length_a_esd                 ? 
_cell.length_b                     99.319 
_cell.length_b_esd                 ? 
_cell.length_c                     96.732 
_cell.length_c_esd                 ? 
_cell.volume                       ? 
_cell.volume_esd                   ? 
_cell.Z_PDB                        12 
_cell.reciprocal_angle_alpha       ? 
_cell.reciprocal_angle_beta        ? 
_cell.reciprocal_angle_gamma       ? 
_cell.reciprocal_angle_alpha_esd   ? 
_cell.reciprocal_angle_beta_esd    ? 
_cell.reciprocal_angle_gamma_esd   ? 
_cell.reciprocal_length_a          ? 
_cell.reciprocal_length_b          ? 
_cell.reciprocal_length_c          ? 
_cell.reciprocal_length_a_esd      ? 
_cell.reciprocal_length_b_esd      ? 
_cell.reciprocal_length_c_esd      ? 
_cell.pdbx_unique_axis             ? 
# 
_symmetry.entry_id                         4Z72 
_symmetry.cell_setting                     ? 
_symmetry.Int_Tables_number                182 
_symmetry.space_group_name_Hall            ? 
_symmetry.space_group_name_H-M             'P 63 2 2' 
_symmetry.pdbx_full_space_group_name_H-M   ? 
# 
loop_
_entity.id 
_entity.type 
_entity.src_method 
_entity.pdbx_description 
_entity.formula_weight 
_entity.pdbx_number_of_molecules 
_entity.pdbx_ec 
_entity.pdbx_mutation 
_entity.pdbx_fragment 
_entity.details 
1 polymer     man 'Inorganic pyrophosphatase' 19454.867 1  3.6.1.1 ? ? ? 
2 non-polymer syn 'PHOSPHATE ION'             94.971    2  ?       ? ? ? 
3 non-polymer syn 'CALCIUM ION'               40.078    3  ?       ? ? ? 
4 water       nat water                       18.015    30 ?       ? ? ? 
# 
_entity_name_com.entity_id   1 
_entity_name_com.name        'Pyrophosphate phospho-hydrolase,PPase' 
# 
_entity_poly.entity_id                      1 
_entity_poly.type                           'polypeptide(L)' 
_entity_poly.nstd_linkage                   no 
_entity_poly.nstd_monomer                   no 
_entity_poly.pdbx_seq_one_letter_code       
;MAHHHHHHAMQFDVTIEIPKGQRNKYEVDHETGRVRLDRYLYTPMAYPTDYGFIEDTLGDDGDPLDALVLLPQPVFPGVL
VAARPVGMFRMVDEHGGDDKVLCVPAGDPRWDHVQDIGDVPAFELDAIKHFFVHYKDLEPGKFVKAADWVDRAEAEAEVQ
RSVERFKAGTH
;
_entity_poly.pdbx_seq_one_letter_code_can   
;MAHHHHHHAMQFDVTIEIPKGQRNKYEVDHETGRVRLDRYLYTPMAYPTDYGFIEDTLGDDGDPLDALVLLPQPVFPGVL
VAARPVGMFRMVDEHGGDDKVLCVPAGDPRWDHVQDIGDVPAFELDAIKHFFVHYKDLEPGKFVKAADWVDRAEAEAEVQ
RSVERFKAGTH
;
_entity_poly.pdbx_strand_id                 A 
_entity_poly.pdbx_target_identifier         ? 
# 
loop_
_entity_poly_seq.entity_id 
_entity_poly_seq.num 
_entity_poly_seq.mon_id 
_entity_poly_seq.hetero 
1 1   MET n 
1 2   ALA n 
1 3   HIS n 
1 4   HIS n 
1 5   HIS n 
1 6   HIS n 
1 7   HIS n 
1 8   HIS n 
1 9   ALA n 
1 10  MET n 
1 11  GLN n 
1 12  PHE n 
1 13  ASP n 
1 14  VAL n 
1 15  THR n 
1 16  ILE n 
1 17  GLU n 
1 18  ILE n 
1 19  PRO n 
1 20  LYS n 
1 21  GLY n 
1 22  GLN n 
1 23  ARG n 
1 24  ASN n 
1 25  LYS n 
1 26  TYR n 
1 27  GLU n 
1 28  VAL n 
1 29  ASP n 
1 30  HIS n 
1 31  GLU n 
1 32  THR n 
1 33  GLY n 
1 34  ARG n 
1 35  VAL n 
1 36  ARG n 
1 37  LEU n 
1 38  ASP n 
1 39  ARG n 
1 40  TYR n 
1 41  LEU n 
1 42  TYR n 
1 43  THR n 
1 44  PRO n 
1 45  MET n 
1 46  ALA n 
1 47  TYR n 
1 48  PRO n 
1 49  THR n 
1 50  ASP n 
1 51  TYR n 
1 52  GLY n 
1 53  PHE n 
1 54  ILE n 
1 55  GLU n 
1 56  ASP n 
1 57  THR n 
1 58  LEU n 
1 59  GLY n 
1 60  ASP n 
1 61  ASP n 
1 62  GLY n 
1 63  ASP n 
1 64  PRO n 
1 65  LEU n 
1 66  ASP n 
1 67  ALA n 
1 68  LEU n 
1 69  VAL n 
1 70  LEU n 
1 71  LEU n 
1 72  PRO n 
1 73  GLN n 
1 74  PRO n 
1 75  VAL n 
1 76  PHE n 
1 77  PRO n 
1 78  GLY n 
1 79  VAL n 
1 80  LEU n 
1 81  VAL n 
1 82  ALA n 
1 83  ALA n 
1 84  ARG n 
1 85  PRO n 
1 86  VAL n 
1 87  GLY n 
1 88  MET n 
1 89  PHE n 
1 90  ARG n 
1 91  MET n 
1 92  VAL n 
1 93  ASP n 
1 94  GLU n 
1 95  HIS n 
1 96  GLY n 
1 97  GLY n 
1 98  ASP n 
1 99  ASP n 
1 100 LYS n 
1 101 VAL n 
1 102 LEU n 
1 103 CYS n 
1 104 VAL n 
1 105 PRO n 
1 106 ALA n 
1 107 GLY n 
1 108 ASP n 
1 109 PRO n 
1 110 ARG n 
1 111 TRP n 
1 112 ASP n 
1 113 HIS n 
1 114 VAL n 
1 115 GLN n 
1 116 ASP n 
1 117 ILE n 
1 118 GLY n 
1 119 ASP n 
1 120 VAL n 
1 121 PRO n 
1 122 ALA n 
1 123 PHE n 
1 124 GLU n 
1 125 LEU n 
1 126 ASP n 
1 127 ALA n 
1 128 ILE n 
1 129 LYS n 
1 130 HIS n 
1 131 PHE n 
1 132 PHE n 
1 133 VAL n 
1 134 HIS n 
1 135 TYR n 
1 136 LYS n 
1 137 ASP n 
1 138 LEU n 
1 139 GLU n 
1 140 PRO n 
1 141 GLY n 
1 142 LYS n 
1 143 PHE n 
1 144 VAL n 
1 145 LYS n 
1 146 ALA n 
1 147 ALA n 
1 148 ASP n 
1 149 TRP n 
1 150 VAL n 
1 151 ASP n 
1 152 ARG n 
1 153 ALA n 
1 154 GLU n 
1 155 ALA n 
1 156 GLU n 
1 157 ALA n 
1 158 GLU n 
1 159 VAL n 
1 160 GLN n 
1 161 ARG n 
1 162 SER n 
1 163 VAL n 
1 164 GLU n 
1 165 ARG n 
1 166 PHE n 
1 167 LYS n 
1 168 ALA n 
1 169 GLY n 
1 170 THR n 
1 171 HIS n 
# 
_entity_src_gen.entity_id                          1 
_entity_src_gen.pdbx_src_id                        1 
_entity_src_gen.pdbx_alt_source_flag               sample 
_entity_src_gen.pdbx_seq_type                      'Biological sequence' 
_entity_src_gen.pdbx_beg_seq_num                   1 
_entity_src_gen.pdbx_end_seq_num                   171 
_entity_src_gen.gene_src_common_name               ? 
_entity_src_gen.gene_src_genus                     ? 
_entity_src_gen.pdbx_gene_src_gene                 'ppa, Rv3628, MTCY15C10.24' 
_entity_src_gen.gene_src_species                   ? 
_entity_src_gen.gene_src_strain                    'ATCC 25618 / H37Rv' 
_entity_src_gen.gene_src_tissue                    ? 
_entity_src_gen.gene_src_tissue_fraction           ? 
_entity_src_gen.gene_src_details                   ? 
_entity_src_gen.pdbx_gene_src_fragment             ? 
_entity_src_gen.pdbx_gene_src_scientific_name      'Mycobacterium tuberculosis (strain ATCC 25618 / H37Rv)' 
_entity_src_gen.pdbx_gene_src_ncbi_taxonomy_id     83332 
_entity_src_gen.pdbx_gene_src_variant              ? 
_entity_src_gen.pdbx_gene_src_cell_line            ? 
_entity_src_gen.pdbx_gene_src_atcc                 ? 
_entity_src_gen.pdbx_gene_src_organ                ? 
_entity_src_gen.pdbx_gene_src_organelle            ? 
_entity_src_gen.pdbx_gene_src_cell                 ? 
_entity_src_gen.pdbx_gene_src_cellular_location    ? 
_entity_src_gen.host_org_common_name               ? 
_entity_src_gen.pdbx_host_org_scientific_name      'Escherichia coli' 
_entity_src_gen.pdbx_host_org_ncbi_taxonomy_id     562 
_entity_src_gen.host_org_genus                     ? 
_entity_src_gen.pdbx_host_org_gene                 ? 
_entity_src_gen.pdbx_host_org_organ                ? 
_entity_src_gen.host_org_species                   ? 
_entity_src_gen.pdbx_host_org_tissue               ? 
_entity_src_gen.pdbx_host_org_tissue_fraction      ? 
_entity_src_gen.pdbx_host_org_strain               ? 
_entity_src_gen.pdbx_host_org_variant              ? 
_entity_src_gen.pdbx_host_org_cell_line            ? 
_entity_src_gen.pdbx_host_org_atcc                 ? 
_entity_src_gen.pdbx_host_org_culture_collection   ? 
_entity_src_gen.pdbx_host_org_cell                 ? 
_entity_src_gen.pdbx_host_org_organelle            ? 
_entity_src_gen.pdbx_host_org_cellular_location    ? 
_entity_src_gen.pdbx_host_org_vector_type          ? 
_entity_src_gen.pdbx_host_org_vector               ? 
_entity_src_gen.host_org_details                   ? 
_entity_src_gen.expression_system_id               ? 
_entity_src_gen.plasmid_name                       ? 
_entity_src_gen.plasmid_details                    ? 
_entity_src_gen.pdbx_description                   ? 
# 
_struct_ref.id                         1 
_struct_ref.db_name                    UNP 
_struct_ref.db_code                    IPYR_MYCTU 
_struct_ref.pdbx_db_accession          P9WI55 
_struct_ref.pdbx_db_isoform            ? 
_struct_ref.entity_id                  1 
_struct_ref.pdbx_seq_one_letter_code   
;MQFDVTIEIPKGQRNKYEVDHETGRVRLDRYLYTPMAYPTDYGFIEDTLGDDGDPLDALVLLPQPVFPGVLVAARPVGMF
RMVDEHGGDDKVLCVPAGDPRWDHVQDIGDVPAFELDAIKHFFVHYKDLEPGKFVKAADWVDRAEAEAEVQRSVERFKAG
TH
;
_struct_ref.pdbx_align_begin           1 
# 
_struct_ref_seq.align_id                      1 
_struct_ref_seq.ref_id                        1 
_struct_ref_seq.pdbx_PDB_id_code              4Z72 
_struct_ref_seq.pdbx_strand_id                A 
_struct_ref_seq.seq_align_beg                 10 
_struct_ref_seq.pdbx_seq_align_beg_ins_code   ? 
_struct_ref_seq.seq_align_end                 171 
_struct_ref_seq.pdbx_seq_align_end_ins_code   ? 
_struct_ref_seq.pdbx_db_accession             P9WI55 
_struct_ref_seq.db_align_beg                  1 
_struct_ref_seq.pdbx_db_align_beg_ins_code    ? 
_struct_ref_seq.db_align_end                  162 
_struct_ref_seq.pdbx_db_align_end_ins_code    ? 
_struct_ref_seq.pdbx_auth_seq_align_beg       1 
_struct_ref_seq.pdbx_auth_seq_align_end       162 
# 
loop_
_struct_ref_seq_dif.align_id 
_struct_ref_seq_dif.pdbx_pdb_id_code 
_struct_ref_seq_dif.mon_id 
_struct_ref_seq_dif.pdbx_pdb_strand_id 
_struct_ref_seq_dif.seq_num 
_struct_ref_seq_dif.pdbx_pdb_ins_code 
_struct_ref_seq_dif.pdbx_seq_db_name 
_struct_ref_seq_dif.pdbx_seq_db_accession_code 
_struct_ref_seq_dif.db_mon_id 
_struct_ref_seq_dif.pdbx_seq_db_seq_num 
_struct_ref_seq_dif.details 
_struct_ref_seq_dif.pdbx_auth_seq_num 
_struct_ref_seq_dif.pdbx_ordinal 
1 4Z72 MET A 1 ? UNP P9WI55 ? ? 'initiating methionine' -8 1 
1 4Z72 ALA A 2 ? UNP P9WI55 ? ? 'expression tag'        -7 2 
1 4Z72 HIS A 3 ? UNP P9WI55 ? ? 'expression tag'        -6 3 
1 4Z72 HIS A 4 ? UNP P9WI55 ? ? 'expression tag'        -5 4 
1 4Z72 HIS A 5 ? UNP P9WI55 ? ? 'expression tag'        -4 5 
1 4Z72 HIS A 6 ? UNP P9WI55 ? ? 'expression tag'        -3 6 
1 4Z72 HIS A 7 ? UNP P9WI55 ? ? 'expression tag'        -2 7 
1 4Z72 HIS A 8 ? UNP P9WI55 ? ? 'expression tag'        -1 8 
1 4Z72 ALA A 9 ? UNP P9WI55 ? ? 'expression tag'        0  9 
# 
loop_
_chem_comp.id 
_chem_comp.type 
_chem_comp.mon_nstd_flag 
_chem_comp.name 
_chem_comp.pdbx_synonyms 
_chem_comp.formula 
_chem_comp.formula_weight 
ALA 'L-peptide linking' y ALANINE         ? 'C3 H7 N O2'     89.093  
ARG 'L-peptide linking' y ARGININE        ? 'C6 H15 N4 O2 1' 175.209 
ASN 'L-peptide linking' y ASPARAGINE      ? 'C4 H8 N2 O3'    132.118 
ASP 'L-peptide linking' y 'ASPARTIC ACID' ? 'C4 H7 N O4'     133.103 
CA  non-polymer         . 'CALCIUM ION'   ? 'Ca 2'           40.078  
CYS 'L-peptide linking' y CYSTEINE        ? 'C3 H7 N O2 S'   121.158 
GLN 'L-peptide linking' y GLUTAMINE       ? 'C5 H10 N2 O3'   146.144 
GLU 'L-peptide linking' y 'GLUTAMIC ACID' ? 'C5 H9 N O4'     147.129 
GLY 'peptide linking'   y GLYCINE         ? 'C2 H5 N O2'     75.067  
HIS 'L-peptide linking' y HISTIDINE       ? 'C6 H10 N3 O2 1' 156.162 
HOH non-polymer         . WATER           ? 'H2 O'           18.015  
ILE 'L-peptide linking' y ISOLEUCINE      ? 'C6 H13 N O2'    131.173 
LEU 'L-peptide linking' y LEUCINE         ? 'C6 H13 N O2'    131.173 
LYS 'L-peptide linking' y LYSINE          ? 'C6 H15 N2 O2 1' 147.195 
MET 'L-peptide linking' y METHIONINE      ? 'C5 H11 N O2 S'  149.211 
PHE 'L-peptide linking' y PHENYLALANINE   ? 'C9 H11 N O2'    165.189 
PO4 non-polymer         . 'PHOSPHATE ION' ? 'O4 P -3'        94.971  
PRO 'L-peptide linking' y PROLINE         ? 'C5 H9 N O2'     115.130 
SER 'L-peptide linking' y SERINE          ? 'C3 H7 N O3'     105.093 
THR 'L-peptide linking' y THREONINE       ? 'C4 H9 N O3'     119.119 
TRP 'L-peptide linking' y TRYPTOPHAN      ? 'C11 H12 N2 O2'  204.225 
TYR 'L-peptide linking' y TYROSINE        ? 'C9 H11 N O3'    181.189 
VAL 'L-peptide linking' y VALINE          ? 'C5 H11 N O2'    117.146 
# 
_exptl.absorpt_coefficient_mu     ? 
_exptl.absorpt_correction_T_max   ? 
_exptl.absorpt_correction_T_min   ? 
_exptl.absorpt_correction_type    ? 
_exptl.absorpt_process_details    ? 
_exptl.entry_id                   4Z72 
_exptl.crystals_number            1 
_exptl.details                    ? 
_exptl.method                     'X-RAY DIFFRACTION' 
_exptl.method_details             ? 
# 
_exptl_crystal.colour                      ? 
_exptl_crystal.density_diffrn              ? 
_exptl_crystal.density_Matthews            3.54 
_exptl_crystal.density_method              ? 
_exptl_crystal.density_percent_sol         65.25 
_exptl_crystal.description                 ? 
_exptl_crystal.F_000                       ? 
_exptl_crystal.id                          1 
_exptl_crystal.preparation                 ? 
_exptl_crystal.size_max                    ? 
_exptl_crystal.size_mid                    ? 
_exptl_crystal.size_min                    ? 
_exptl_crystal.size_rad                    ? 
_exptl_crystal.colour_lustre               ? 
_exptl_crystal.colour_modifier             ? 
_exptl_crystal.colour_primary              ? 
_exptl_crystal.density_meas                ? 
_exptl_crystal.density_meas_esd            ? 
_exptl_crystal.density_meas_gt             ? 
_exptl_crystal.density_meas_lt             ? 
_exptl_crystal.density_meas_temp           ? 
_exptl_crystal.density_meas_temp_esd       ? 
_exptl_crystal.density_meas_temp_gt        ? 
_exptl_crystal.density_meas_temp_lt        ? 
_exptl_crystal.pdbx_crystal_image_url      ? 
_exptl_crystal.pdbx_crystal_image_format   ? 
_exptl_crystal.pdbx_mosaicity              ? 
_exptl_crystal.pdbx_mosaicity_esd          ? 
# 
_exptl_crystal_grow.apparatus       ? 
_exptl_crystal_grow.atmosphere      ? 
_exptl_crystal_grow.crystal_id      1 
_exptl_crystal_grow.details         ? 
_exptl_crystal_grow.method          'VAPOR DIFFUSION, HANGING DROP' 
_exptl_crystal_grow.method_ref      ? 
_exptl_crystal_grow.pH              ? 
_exptl_crystal_grow.pressure        ? 
_exptl_crystal_grow.pressure_esd    ? 
_exptl_crystal_grow.seeding         ? 
_exptl_crystal_grow.seeding_ref     ? 
_exptl_crystal_grow.temp            294 
_exptl_crystal_grow.temp_details    ? 
_exptl_crystal_grow.temp_esd        ? 
_exptl_crystal_grow.time            ? 
_exptl_crystal_grow.pdbx_details    'reservoir: 1.6 M KH2PO4, 100 mM HEPES pH 7.75 and 2 mM CaCl2' 
_exptl_crystal_grow.pdbx_pH_range   ? 
# 
_diffrn.ambient_environment    ? 
_diffrn.ambient_temp           100 
_diffrn.ambient_temp_details   ? 
_diffrn.ambient_temp_esd       ? 
_diffrn.crystal_id             1 
_diffrn.crystal_support        ? 
_diffrn.crystal_treatment      ? 
_diffrn.details                ? 
_diffrn.id                     1 
_diffrn.ambient_pressure       ? 
_diffrn.ambient_pressure_esd   ? 
_diffrn.ambient_pressure_gt    ? 
_diffrn.ambient_pressure_lt    ? 
_diffrn.ambient_temp_gt        ? 
_diffrn.ambient_temp_lt        ? 
# 
_diffrn_detector.details                      ? 
_diffrn_detector.detector                     CCD 
_diffrn_detector.diffrn_id                    1 
_diffrn_detector.type                         'MARMOSAIC 225 mm CCD' 
_diffrn_detector.area_resol_mean              ? 
_diffrn_detector.dtime                        ? 
_diffrn_detector.pdbx_frames_total            ? 
_diffrn_detector.pdbx_collection_time_total   ? 
_diffrn_detector.pdbx_collection_date         2014-03-07 
# 
_diffrn_radiation.collimation                      ? 
_diffrn_radiation.diffrn_id                        1 
_diffrn_radiation.filter_edge                      ? 
_diffrn_radiation.inhomogeneity                    ? 
_diffrn_radiation.monochromator                    ? 
_diffrn_radiation.polarisn_norm                    ? 
_diffrn_radiation.polarisn_ratio                   ? 
_diffrn_radiation.probe                            ? 
_diffrn_radiation.type                             ? 
_diffrn_radiation.xray_symbol                      ? 
_diffrn_radiation.wavelength_id                    1 
_diffrn_radiation.pdbx_monochromatic_or_laue_m_l   M 
_diffrn_radiation.pdbx_wavelength_list             ? 
_diffrn_radiation.pdbx_wavelength                  ? 
_diffrn_radiation.pdbx_diffrn_protocol             'SINGLE WAVELENGTH' 
_diffrn_radiation.pdbx_analyzer                    ? 
_diffrn_radiation.pdbx_scattering_type             x-ray 
# 
_diffrn_radiation_wavelength.id           1 
_diffrn_radiation_wavelength.wavelength   0.97872 
_diffrn_radiation_wavelength.wt           1.0 
# 
_diffrn_source.current                     ? 
_diffrn_source.details                     ? 
_diffrn_source.diffrn_id                   1 
_diffrn_source.power                       ? 
_diffrn_source.size                        ? 
_diffrn_source.source                      SYNCHROTRON 
_diffrn_source.target                      ? 
_diffrn_source.type                        'APS BEAMLINE 22-ID' 
_diffrn_source.voltage                     ? 
_diffrn_source.take-off_angle              ? 
_diffrn_source.pdbx_wavelength_list        0.97872 
_diffrn_source.pdbx_wavelength             ? 
_diffrn_source.pdbx_synchrotron_beamline   22-ID 
_diffrn_source.pdbx_synchrotron_site       APS 
# 
_reflns.B_iso_Wilson_estimate            ? 
_reflns.entry_id                         4Z72 
_reflns.data_reduction_details           ? 
_reflns.data_reduction_method            ? 
_reflns.d_resolution_high                2.35 
_reflns.d_resolution_low                 50 
_reflns.details                          ? 
_reflns.limit_h_max                      ? 
_reflns.limit_h_min                      ? 
_reflns.limit_k_max                      ? 
_reflns.limit_k_min                      ? 
_reflns.limit_l_max                      ? 
_reflns.limit_l_min                      ? 
_reflns.number_all                       ? 
_reflns.number_obs                       11538 
_reflns.observed_criterion               ? 
_reflns.observed_criterion_F_max         ? 
_reflns.observed_criterion_F_min         ? 
_reflns.observed_criterion_I_max         ? 
_reflns.observed_criterion_I_min         ? 
_reflns.observed_criterion_sigma_F       ? 
_reflns.observed_criterion_sigma_I       ? 
_reflns.percent_possible_obs             99.3 
_reflns.R_free_details                   ? 
_reflns.Rmerge_F_all                     ? 
_reflns.Rmerge_F_obs                     ? 
_reflns.Friedel_coverage                 ? 
_reflns.number_gt                        ? 
_reflns.threshold_expression             ? 
_reflns.pdbx_redundancy                  7.1 
_reflns.pdbx_Rmerge_I_obs                ? 
_reflns.pdbx_Rmerge_I_all                ? 
_reflns.pdbx_Rsym_value                  ? 
_reflns.pdbx_netI_over_av_sigmaI         ? 
_reflns.pdbx_netI_over_sigmaI            18.1 
_reflns.pdbx_res_netI_over_av_sigmaI_2   ? 
_reflns.pdbx_res_netI_over_sigmaI_2      ? 
_reflns.pdbx_chi_squared                 ? 
_reflns.pdbx_scaling_rejects             ? 
_reflns.pdbx_d_res_high_opt              ? 
_reflns.pdbx_d_res_low_opt               ? 
_reflns.pdbx_d_res_opt_method            ? 
_reflns.phase_calculation_details        ? 
_reflns.pdbx_Rrim_I_all                  ? 
_reflns.pdbx_Rpim_I_all                  ? 
_reflns.pdbx_d_opt                       ? 
_reflns.pdbx_number_measured_all         ? 
_reflns.pdbx_diffrn_id                   1 
_reflns.pdbx_ordinal                     1 
_reflns.pdbx_CC_half                     ? 
_reflns.pdbx_R_split                     ? 
# 
_refine.aniso_B[1][1]                            0.53 
_refine.aniso_B[1][2]                            0.26 
_refine.aniso_B[1][3]                            0.00 
_refine.aniso_B[2][2]                            0.53 
_refine.aniso_B[2][3]                            0.00 
_refine.aniso_B[3][3]                            -1.71 
_refine.B_iso_max                                ? 
_refine.B_iso_mean                               39.437 
_refine.B_iso_min                                ? 
_refine.correlation_coeff_Fo_to_Fc               0.941 
_refine.correlation_coeff_Fo_to_Fc_free          0.926 
_refine.details                                  'HYDROGENS HAVE BEEN ADDED IN THE RIDING POSITIONS' 
_refine.diff_density_max                         ? 
_refine.diff_density_max_esd                     ? 
_refine.diff_density_min                         ? 
_refine.diff_density_min_esd                     ? 
_refine.diff_density_rms                         ? 
_refine.diff_density_rms_esd                     ? 
_refine.entry_id                                 4Z72 
_refine.pdbx_refine_id                           'X-RAY DIFFRACTION' 
_refine.ls_abs_structure_details                 ? 
_refine.ls_abs_structure_Flack                   ? 
_refine.ls_abs_structure_Flack_esd               ? 
_refine.ls_abs_structure_Rogers                  ? 
_refine.ls_abs_structure_Rogers_esd              ? 
_refine.ls_d_res_high                            2.352 
_refine.ls_d_res_low                             40.00 
_refine.ls_extinction_coef                       ? 
_refine.ls_extinction_coef_esd                   ? 
_refine.ls_extinction_expression                 ? 
_refine.ls_extinction_method                     ? 
_refine.ls_goodness_of_fit_all                   ? 
_refine.ls_goodness_of_fit_all_esd               ? 
_refine.ls_goodness_of_fit_obs                   ? 
_refine.ls_goodness_of_fit_obs_esd               ? 
_refine.ls_hydrogen_treatment                    ? 
_refine.ls_matrix_type                           ? 
_refine.ls_number_constraints                    ? 
_refine.ls_number_parameters                     ? 
_refine.ls_number_reflns_all                     ? 
_refine.ls_number_reflns_obs                     11538 
_refine.ls_number_reflns_R_free                  606 
_refine.ls_number_reflns_R_work                  ? 
_refine.ls_number_restraints                     ? 
_refine.ls_percent_reflns_obs                    99.39 
_refine.ls_percent_reflns_R_free                 5.0 
_refine.ls_R_factor_all                          ? 
_refine.ls_R_factor_obs                          0.20965 
_refine.ls_R_factor_R_free                       0.24094 
_refine.ls_R_factor_R_free_error                 ? 
_refine.ls_R_factor_R_free_error_details         ? 
_refine.ls_R_factor_R_work                       0.20806 
_refine.ls_R_Fsqd_factor_obs                     ? 
_refine.ls_R_I_factor_obs                        ? 
_refine.ls_redundancy_reflns_all                 ? 
_refine.ls_redundancy_reflns_obs                 ? 
_refine.ls_restrained_S_all                      ? 
_refine.ls_restrained_S_obs                      ? 
_refine.ls_shift_over_esd_max                    ? 
_refine.ls_shift_over_esd_mean                   ? 
_refine.ls_structure_factor_coef                 ? 
_refine.ls_weighting_details                     ? 
_refine.ls_weighting_scheme                      ? 
_refine.ls_wR_factor_all                         ? 
_refine.ls_wR_factor_obs                         ? 
_refine.ls_wR_factor_R_free                      ? 
_refine.ls_wR_factor_R_work                      ? 
_refine.occupancy_max                            ? 
_refine.occupancy_min                            ? 
_refine.solvent_model_details                    MASK 
_refine.solvent_model_param_bsol                 ? 
_refine.solvent_model_param_ksol                 ? 
_refine.ls_R_factor_gt                           ? 
_refine.ls_goodness_of_fit_gt                    ? 
_refine.ls_goodness_of_fit_ref                   ? 
_refine.ls_shift_over_su_max                     ? 
_refine.ls_shift_over_su_max_lt                  ? 
_refine.ls_shift_over_su_mean                    ? 
_refine.ls_shift_over_su_mean_lt                 ? 
_refine.pdbx_ls_sigma_I                          ? 
_refine.pdbx_ls_sigma_F                          ? 
_refine.pdbx_ls_sigma_Fsqd                       ? 
_refine.pdbx_data_cutoff_high_absF               ? 
_refine.pdbx_data_cutoff_high_rms_absF           ? 
_refine.pdbx_data_cutoff_low_absF                ? 
_refine.pdbx_isotropic_thermal_model             ? 
_refine.pdbx_ls_cross_valid_method               THROUGHOUT 
_refine.pdbx_method_to_determine_struct          'MOLECULAR REPLACEMENT' 
_refine.pdbx_starting_model                      4Z71 
_refine.pdbx_stereochemistry_target_values       'MAXIMUM LIKELIHOOD' 
_refine.pdbx_R_Free_selection_details            RANDOM 
_refine.pdbx_stereochem_target_val_spec_case     ? 
_refine.pdbx_overall_ESU_R                       0.229 
_refine.pdbx_overall_ESU_R_Free                  0.195 
_refine.pdbx_solvent_vdw_probe_radii             1.20 
_refine.pdbx_solvent_ion_probe_radii             0.80 
_refine.pdbx_solvent_shrinkage_radii             0.80 
_refine.pdbx_real_space_R                        ? 
_refine.pdbx_density_correlation                 ? 
_refine.pdbx_pd_number_of_powder_patterns        ? 
_refine.pdbx_pd_number_of_points                 ? 
_refine.pdbx_pd_meas_number_of_points            ? 
_refine.pdbx_pd_proc_ls_prof_R_factor            ? 
_refine.pdbx_pd_proc_ls_prof_wR_factor           ? 
_refine.pdbx_pd_Marquardt_correlation_coeff      ? 
_refine.pdbx_pd_Fsqrd_R_factor                   ? 
_refine.pdbx_pd_ls_matrix_band_width             ? 
_refine.pdbx_overall_phase_error                 ? 
_refine.pdbx_overall_SU_R_free_Cruickshank_DPI   ? 
_refine.pdbx_overall_SU_R_free_Blow_DPI          ? 
_refine.pdbx_overall_SU_R_Blow_DPI               ? 
_refine.pdbx_TLS_residual_ADP_flag               ? 
_refine.pdbx_diffrn_id                           1 
_refine.overall_SU_B                             6.556 
_refine.overall_SU_ML                            0.148 
_refine.overall_SU_R_Cruickshank_DPI             ? 
_refine.overall_SU_R_free                        ? 
_refine.overall_FOM_free_R_set                   ? 
_refine.overall_FOM_work_R_set                   ? 
_refine.pdbx_average_fsc_overall                 ? 
_refine.pdbx_average_fsc_work                    ? 
_refine.pdbx_average_fsc_free                    ? 
# 
_refine_hist.pdbx_refine_id                   'X-RAY DIFFRACTION' 
_refine_hist.cycle_id                         1 
_refine_hist.pdbx_number_atoms_protein        1278 
_refine_hist.pdbx_number_atoms_nucleic_acid   0 
_refine_hist.pdbx_number_atoms_ligand         13 
_refine_hist.number_atoms_solvent             30 
_refine_hist.number_atoms_total               1321 
_refine_hist.d_res_high                       2.352 
_refine_hist.d_res_low                        40.00 
# 
loop_
_refine_ls_restr.pdbx_refine_id 
_refine_ls_restr.criterion 
_refine_ls_restr.dev_ideal 
_refine_ls_restr.dev_ideal_target 
_refine_ls_restr.number 
_refine_ls_restr.rejects 
_refine_ls_restr.type 
_refine_ls_restr.weight 
_refine_ls_restr.pdbx_restraint_function 
'X-RAY DIFFRACTION' ? 0.007  0.019  1330 ? r_bond_refined_d             ? ? 
'X-RAY DIFFRACTION' ? 0.005  0.020  1219 ? r_bond_other_d               ? ? 
'X-RAY DIFFRACTION' ? 1.492  1.966  1797 ? r_angle_refined_deg          ? ? 
'X-RAY DIFFRACTION' ? 0.728  3.000  2810 ? r_angle_other_deg            ? ? 
'X-RAY DIFFRACTION' ? 5.898  5.000  159  ? r_dihedral_angle_1_deg       ? ? 
'X-RAY DIFFRACTION' ? 26.683 23.913 69   ? r_dihedral_angle_2_deg       ? ? 
'X-RAY DIFFRACTION' ? 14.014 15.000 206  ? r_dihedral_angle_3_deg       ? ? 
'X-RAY DIFFRACTION' ? 13.223 15.000 10   ? r_dihedral_angle_4_deg       ? ? 
'X-RAY DIFFRACTION' ? 0.071  0.200  187  ? r_chiral_restr               ? ? 
'X-RAY DIFFRACTION' ? 0.004  0.021  1496 ? r_gen_planes_refined         ? ? 
'X-RAY DIFFRACTION' ? 0.001  0.020  300  ? r_gen_planes_other           ? ? 
'X-RAY DIFFRACTION' ? ?      ?      ?    ? r_nbd_refined                ? ? 
'X-RAY DIFFRACTION' ? ?      ?      ?    ? r_nbd_other                  ? ? 
'X-RAY DIFFRACTION' ? ?      ?      ?    ? r_nbtor_refined              ? ? 
'X-RAY DIFFRACTION' ? ?      ?      ?    ? r_nbtor_other                ? ? 
'X-RAY DIFFRACTION' ? ?      ?      ?    ? r_xyhbond_nbd_refined        ? ? 
'X-RAY DIFFRACTION' ? ?      ?      ?    ? r_xyhbond_nbd_other          ? ? 
'X-RAY DIFFRACTION' ? ?      ?      ?    ? r_metal_ion_refined          ? ? 
'X-RAY DIFFRACTION' ? ?      ?      ?    ? r_metal_ion_other            ? ? 
'X-RAY DIFFRACTION' ? ?      ?      ?    ? r_symmetry_vdw_refined       ? ? 
'X-RAY DIFFRACTION' ? ?      ?      ?    ? r_symmetry_vdw_other         ? ? 
'X-RAY DIFFRACTION' ? ?      ?      ?    ? r_symmetry_hbond_refined     ? ? 
'X-RAY DIFFRACTION' ? ?      ?      ?    ? r_symmetry_hbond_other       ? ? 
'X-RAY DIFFRACTION' ? ?      ?      ?    ? r_symmetry_metal_ion_refined ? ? 
'X-RAY DIFFRACTION' ? ?      ?      ?    ? r_symmetry_metal_ion_other   ? ? 
'X-RAY DIFFRACTION' ? 2.038  3.866  647  ? r_mcbond_it                  ? ? 
'X-RAY DIFFRACTION' ? 1.654  3.842  640  ? r_mcbond_other               ? ? 
'X-RAY DIFFRACTION' ? 2.607  5.758  797  ? r_mcangle_it                 ? ? 
'X-RAY DIFFRACTION' ? 2.606  5.764  798  ? r_mcangle_other              ? ? 
'X-RAY DIFFRACTION' ? 2.097  4.068  682  ? r_scbond_it                  ? ? 
'X-RAY DIFFRACTION' ? 2.088  4.055  675  ? r_scbond_other               ? ? 
'X-RAY DIFFRACTION' ? ?      ?      ?    ? r_scangle_it                 ? ? 
'X-RAY DIFFRACTION' ? 3.359  5.978  989  ? r_scangle_other              ? ? 
'X-RAY DIFFRACTION' ? 5.383  30.905 1457 ? r_long_range_B_refined       ? ? 
'X-RAY DIFFRACTION' ? 5.196  30.766 1442 ? r_long_range_B_other         ? ? 
'X-RAY DIFFRACTION' ? ?      ?      ?    ? r_rigid_bond_restr           ? ? 
'X-RAY DIFFRACTION' ? ?      ?      ?    ? r_sphericity_free            ? ? 
'X-RAY DIFFRACTION' ? ?      ?      ?    ? r_sphericity_bonded          ? ? 
# 
_refine_ls_shell.pdbx_refine_id                   'X-RAY DIFFRACTION' 
_refine_ls_shell.d_res_high                       2.352 
_refine_ls_shell.d_res_low                        2.413 
_refine_ls_shell.number_reflns_all                ? 
_refine_ls_shell.number_reflns_obs                ? 
_refine_ls_shell.number_reflns_R_free             50 
_refine_ls_shell.number_reflns_R_work             809 
_refine_ls_shell.percent_reflns_obs               99.08 
_refine_ls_shell.percent_reflns_R_free            ? 
_refine_ls_shell.R_factor_all                     ? 
_refine_ls_shell.R_factor_obs                     ? 
_refine_ls_shell.R_factor_R_free                  0.311 
_refine_ls_shell.R_factor_R_free_error            ? 
_refine_ls_shell.R_factor_R_work                  0.298 
_refine_ls_shell.redundancy_reflns_all            ? 
_refine_ls_shell.redundancy_reflns_obs            ? 
_refine_ls_shell.wR_factor_all                    ? 
_refine_ls_shell.wR_factor_obs                    ? 
_refine_ls_shell.wR_factor_R_free                 ? 
_refine_ls_shell.wR_factor_R_work                 ? 
_refine_ls_shell.pdbx_total_number_of_bins_used   20 
_refine_ls_shell.pdbx_phase_error                 ? 
_refine_ls_shell.pdbx_fsc_work                    ? 
_refine_ls_shell.pdbx_fsc_free                    ? 
# 
_struct.entry_id                     4Z72 
_struct.title                        
'Crystal structure of inorganic pyrophosphatase from Mycobacterium tuberculosis in complex with two phosphate ions' 
_struct.pdbx_model_details           ? 
_struct.pdbx_formula_weight          ? 
_struct.pdbx_formula_weight_method   ? 
_struct.pdbx_model_type_details      ? 
_struct.pdbx_CASP_flag               ? 
# 
_struct_keywords.entry_id        4Z72 
_struct_keywords.text            'PYROPHOSPHATASE, PHOSPHATASE, HYDROLASE, INORGANIC PYROPHOSPHATE' 
_struct_keywords.pdbx_keywords   HYDROLASE 
# 
loop_
_struct_asym.id 
_struct_asym.pdbx_blank_PDB_chainid_flag 
_struct_asym.pdbx_modified 
_struct_asym.entity_id 
_struct_asym.details 
A N N 1 ? 
B N N 2 ? 
C N N 2 ? 
D N N 3 ? 
E N N 3 ? 
F N N 3 ? 
G N N 4 ? 
# 
loop_
_struct_conf.conf_type_id 
_struct_conf.id 
_struct_conf.pdbx_PDB_helix_id 
_struct_conf.beg_label_comp_id 
_struct_conf.beg_label_asym_id 
_struct_conf.beg_label_seq_id 
_struct_conf.pdbx_beg_PDB_ins_code 
_struct_conf.end_label_comp_id 
_struct_conf.end_label_asym_id 
_struct_conf.end_label_seq_id 
_struct_conf.pdbx_end_PDB_ins_code 
_struct_conf.beg_auth_comp_id 
_struct_conf.beg_auth_asym_id 
_struct_conf.beg_auth_seq_id 
_struct_conf.end_auth_comp_id 
_struct_conf.end_auth_asym_id 
_struct_conf.end_auth_seq_id 
_struct_conf.pdbx_PDB_helix_class 
_struct_conf.details 
_struct_conf.pdbx_PDB_helix_length 
HELX_P HELX_P1 AA1 ASP A 108 ? ASP A 112 ? ASP A 99  ASP A 103 5 ? 5  
HELX_P HELX_P2 AA2 ASP A 116 ? VAL A 120 ? ASP A 107 VAL A 111 5 ? 5  
HELX_P HELX_P3 AA3 PRO A 121 ? TYR A 135 ? PRO A 112 TYR A 126 1 ? 15 
HELX_P HELX_P4 AA4 ARG A 152 ? ALA A 168 ? ARG A 143 ALA A 159 1 ? 17 
# 
_struct_conf_type.id          HELX_P 
_struct_conf_type.criteria    ? 
_struct_conf_type.reference   ? 
# 
loop_
_struct_conn.id 
_struct_conn.conn_type_id 
_struct_conn.pdbx_leaving_atom_flag 
_struct_conn.pdbx_PDB_id 
_struct_conn.ptnr1_label_asym_id 
_struct_conn.ptnr1_label_comp_id 
_struct_conn.ptnr1_label_seq_id 
_struct_conn.ptnr1_label_atom_id 
_struct_conn.pdbx_ptnr1_label_alt_id 
_struct_conn.pdbx_ptnr1_PDB_ins_code 
_struct_conn.pdbx_ptnr1_standard_comp_id 
_struct_conn.ptnr1_symmetry 
_struct_conn.ptnr2_label_asym_id 
_struct_conn.ptnr2_label_comp_id 
_struct_conn.ptnr2_label_seq_id 
_struct_conn.ptnr2_label_atom_id 
_struct_conn.pdbx_ptnr2_label_alt_id 
_struct_conn.pdbx_ptnr2_PDB_ins_code 
_struct_conn.ptnr1_auth_asym_id 
_struct_conn.ptnr1_auth_comp_id 
_struct_conn.ptnr1_auth_seq_id 
_struct_conn.ptnr2_auth_asym_id 
_struct_conn.ptnr2_auth_comp_id 
_struct_conn.ptnr2_auth_seq_id 
_struct_conn.ptnr2_symmetry 
_struct_conn.pdbx_ptnr3_label_atom_id 
_struct_conn.pdbx_ptnr3_label_seq_id 
_struct_conn.pdbx_ptnr3_label_comp_id 
_struct_conn.pdbx_ptnr3_label_asym_id 
_struct_conn.pdbx_ptnr3_label_alt_id 
_struct_conn.pdbx_ptnr3_PDB_ins_code 
_struct_conn.details 
_struct_conn.pdbx_dist_value 
_struct_conn.pdbx_value_order 
_struct_conn.pdbx_role 
metalc1  metalc ? ? A GLU 27  OE2 ? ? ? 1_555 E CA  . CA ? ? A GLU 18  A CA  204 1_555 ? ? ? ? ? ? ? 2.329 ? ? 
metalc2  metalc ? ? A ASP 38  OD2 ? ? ? 1_555 E CA  . CA ? ? A ASP 29  A CA  204 1_555 ? ? ? ? ? ? ? 3.180 ? ? 
metalc3  metalc ? ? A LYS 136 O   ? ? ? 1_555 F CA  . CA ? ? A LYS 127 A CA  205 1_555 ? ? ? ? ? ? ? 2.779 ? ? 
metalc4  metalc ? ? A ASP 137 O   ? ? ? 1_555 F CA  . CA ? ? A ASP 128 A CA  205 1_555 ? ? ? ? ? ? ? 3.198 ? ? 
metalc5  metalc ? ? A GLU 139 O   ? ? ? 1_555 F CA  . CA ? ? A GLU 130 A CA  205 1_555 ? ? ? ? ? ? ? 2.348 ? ? 
metalc6  metalc ? ? A LYS 142 O   ? ? ? 1_555 F CA  . CA ? ? A LYS 133 A CA  205 1_555 ? ? ? ? ? ? ? 2.342 ? ? 
metalc7  metalc ? ? D CA  .   CA  ? ? ? 1_555 G HOH . O  ? ? A CA  203 A HOH 305 1_555 ? ? ? ? ? ? ? 2.309 ? ? 
metalc8  metalc ? ? D CA  .   CA  ? ? ? 1_555 G HOH . O  ? ? A CA  203 A HOH 314 1_555 ? ? ? ? ? ? ? 2.330 ? ? 
metalc9  metalc ? ? D CA  .   CA  ? ? ? 1_555 G HOH . O  ? ? A CA  203 A HOH 327 1_555 ? ? ? ? ? ? ? 2.322 ? ? 
metalc10 metalc ? ? E CA  .   CA  ? ? ? 1_555 G HOH . O  ? ? A CA  204 A HOH 321 1_555 ? ? ? ? ? ? ? 2.321 ? ? 
metalc11 metalc ? ? E CA  .   CA  ? ? ? 1_555 G HOH . O  ? ? A CA  204 A HOH 324 1_555 ? ? ? ? ? ? ? 2.324 ? ? 
metalc12 metalc ? ? F CA  .   CA  ? ? ? 1_555 G HOH . O  ? ? A CA  205 A HOH 326 1_555 ? ? ? ? ? ? ? 2.329 ? ? 
# 
_struct_conn_type.id          metalc 
_struct_conn_type.criteria    ? 
_struct_conn_type.reference   ? 
# 
loop_
_struct_sheet.id 
_struct_sheet.type 
_struct_sheet.number_strands 
_struct_sheet.details 
AA1 ? 8 ? 
AA2 ? 2 ? 
# 
loop_
_struct_sheet_order.sheet_id 
_struct_sheet_order.range_id_1 
_struct_sheet_order.range_id_2 
_struct_sheet_order.offset 
_struct_sheet_order.sense 
AA1 3 4 ? anti-parallel 
AA1 4 5 ? anti-parallel 
AA1 5 6 ? parallel      
AA1 6 7 ? anti-parallel 
AA1 7 8 ? anti-parallel 
AA2 1 2 ? anti-parallel 
# 
loop_
_struct_sheet_range.sheet_id 
_struct_sheet_range.id 
_struct_sheet_range.beg_label_comp_id 
_struct_sheet_range.beg_label_asym_id 
_struct_sheet_range.beg_label_seq_id 
_struct_sheet_range.pdbx_beg_PDB_ins_code 
_struct_sheet_range.end_label_comp_id 
_struct_sheet_range.end_label_asym_id 
_struct_sheet_range.end_label_seq_id 
_struct_sheet_range.pdbx_end_PDB_ins_code 
_struct_sheet_range.beg_auth_comp_id 
_struct_sheet_range.beg_auth_asym_id 
_struct_sheet_range.beg_auth_seq_id 
_struct_sheet_range.end_auth_comp_id 
_struct_sheet_range.end_auth_asym_id 
_struct_sheet_range.end_auth_seq_id 
AA1 1 GLY A 96  ? GLY A 97  ? GLY A 87  GLY A 88  
AA1 2 VAL A 144 ? ASP A 151 ? VAL A 135 ASP A 142 
AA1 3 PHE A 12  ? ILE A 18  ? PHE A 3   ILE A 9   
AA1 4 ASP A 50  ? ILE A 54  ? ASP A 41  ILE A 45  
AA1 5 ASP A 66  ? VAL A 69  ? ASP A 57  VAL A 60  
AA1 6 LYS A 100 ? PRO A 105 ? LYS A 91  PRO A 96  
AA1 7 LEU A 80  ? ASP A 93  ? LEU A 71  ASP A 84  
AA1 8 VAL A 144 ? ASP A 151 ? VAL A 135 ASP A 142 
AA2 1 ASN A 24  ? VAL A 28  ? ASN A 15  VAL A 19  
AA2 2 VAL A 35  ? TYR A 40  ? VAL A 26  TYR A 31  
# 
loop_
_pdbx_struct_sheet_hbond.sheet_id 
_pdbx_struct_sheet_hbond.range_id_1 
_pdbx_struct_sheet_hbond.range_id_2 
_pdbx_struct_sheet_hbond.range_1_label_atom_id 
_pdbx_struct_sheet_hbond.range_1_label_comp_id 
_pdbx_struct_sheet_hbond.range_1_label_asym_id 
_pdbx_struct_sheet_hbond.range_1_label_seq_id 
_pdbx_struct_sheet_hbond.range_1_PDB_ins_code 
_pdbx_struct_sheet_hbond.range_1_auth_atom_id 
_pdbx_struct_sheet_hbond.range_1_auth_comp_id 
_pdbx_struct_sheet_hbond.range_1_auth_asym_id 
_pdbx_struct_sheet_hbond.range_1_auth_seq_id 
_pdbx_struct_sheet_hbond.range_2_label_atom_id 
_pdbx_struct_sheet_hbond.range_2_label_comp_id 
_pdbx_struct_sheet_hbond.range_2_label_asym_id 
_pdbx_struct_sheet_hbond.range_2_label_seq_id 
_pdbx_struct_sheet_hbond.range_2_PDB_ins_code 
_pdbx_struct_sheet_hbond.range_2_auth_atom_id 
_pdbx_struct_sheet_hbond.range_2_auth_comp_id 
_pdbx_struct_sheet_hbond.range_2_auth_asym_id 
_pdbx_struct_sheet_hbond.range_2_auth_seq_id 
AA1 3 4 N ILE A 18  ? N ILE A 9  O TYR A 51  ? O TYR A 42  
AA1 4 5 N GLY A 52  ? N GLY A 43 O ALA A 67  ? O ALA A 58  
AA1 5 6 N LEU A 68  ? N LEU A 59 O CYS A 103 ? O CYS A 94  
AA1 6 7 O LYS A 100 ? O LYS A 91 N PHE A 89  ? N PHE A 80  
AA1 7 8 N MET A 88  ? N MET A 79 O VAL A 150 ? O VAL A 141 
AA2 1 2 N GLU A 27  ? N GLU A 18 O ARG A 36  ? O ARG A 27  
# 
loop_
_struct_site.id 
_struct_site.pdbx_evidence_code 
_struct_site.pdbx_auth_asym_id 
_struct_site.pdbx_auth_comp_id 
_struct_site.pdbx_auth_seq_id 
_struct_site.pdbx_auth_ins_code 
_struct_site.pdbx_num_residues 
_struct_site.details 
AC1 Software A PO4 201 ? 11 'binding site for residue PO4 A 201' 
AC2 Software A PO4 202 ? 8  'binding site for residue PO4 A 202' 
AC3 Software A CA  203 ? 5  'binding site for residue CA A 203'  
AC4 Software A CA  204 ? 4  'binding site for residue CA A 204'  
AC5 Software A CA  205 ? 5  'binding site for residue CA A 205'  
# 
loop_
_struct_site_gen.id 
_struct_site_gen.site_id 
_struct_site_gen.pdbx_num_res 
_struct_site_gen.label_comp_id 
_struct_site_gen.label_asym_id 
_struct_site_gen.label_seq_id 
_struct_site_gen.pdbx_auth_ins_code 
_struct_site_gen.auth_comp_id 
_struct_site_gen.auth_asym_id 
_struct_site_gen.auth_seq_id 
_struct_site_gen.label_atom_id 
_struct_site_gen.label_alt_id 
_struct_site_gen.symmetry 
_struct_site_gen.details 
1  AC1 11 LYS A 25  ? LYS A 16  . ? 1_555 ? 
2  AC1 11 TYR A 51  ? TYR A 42  . ? 1_555 ? 
3  AC1 11 ASP A 98  ? ASP A 89  . ? 1_555 ? 
4  AC1 11 LYS A 100 ? LYS A 91  . ? 1_555 ? 
5  AC1 11 TYR A 135 ? TYR A 126 . ? 1_555 ? 
6  AC1 11 LYS A 136 ? LYS A 127 . ? 1_555 ? 
7  AC1 11 PO4 C .   ? PO4 A 202 . ? 1_555 ? 
8  AC1 11 HOH G .   ? HOH A 303 . ? 1_555 ? 
9  AC1 11 HOH G .   ? HOH A 305 . ? 1_555 ? 
10 AC1 11 HOH G .   ? HOH A 306 . ? 1_555 ? 
11 AC1 11 HOH G .   ? HOH A 315 . ? 1_555 ? 
12 AC2 8  LYS A 25  ? LYS A 16  . ? 1_555 ? 
13 AC2 8  ARG A 39  ? ARG A 30  . ? 1_555 ? 
14 AC2 8  GLU A 94  ? GLU A 85  . ? 1_555 ? 
15 AC2 8  LYS A 136 ? LYS A 127 . ? 1_555 ? 
16 AC2 8  LYS A 142 ? LYS A 133 . ? 1_555 ? 
17 AC2 8  PO4 B .   ? PO4 A 201 . ? 1_555 ? 
18 AC2 8  HOH G .   ? HOH A 321 . ? 1_555 ? 
19 AC2 8  HOH G .   ? HOH A 324 . ? 1_555 ? 
20 AC3 5  GLU A 17  ? GLU A 8   . ? 1_555 ? 
21 AC3 5  ASP A 66  ? ASP A 57  . ? 1_555 ? 
22 AC3 5  HOH G .   ? HOH A 305 . ? 1_555 ? 
23 AC3 5  HOH G .   ? HOH A 314 . ? 1_555 ? 
24 AC3 5  HOH G .   ? HOH A 327 . ? 1_555 ? 
25 AC4 4  GLU A 27  ? GLU A 18  . ? 1_555 ? 
26 AC4 4  ASP A 38  ? ASP A 29  . ? 1_555 ? 
27 AC4 4  HOH G .   ? HOH A 321 . ? 1_555 ? 
28 AC4 4  HOH G .   ? HOH A 324 . ? 1_555 ? 
29 AC5 5  LYS A 136 ? LYS A 127 . ? 1_555 ? 
30 AC5 5  ASP A 137 ? ASP A 128 . ? 1_555 ? 
31 AC5 5  GLU A 139 ? GLU A 130 . ? 1_555 ? 
32 AC5 5  LYS A 142 ? LYS A 133 . ? 1_555 ? 
33 AC5 5  HOH G .   ? HOH A 326 . ? 1_555 ? 
# 
_atom_sites.entry_id                    4Z72 
_atom_sites.fract_transf_matrix[1][1]   -0.00987325 
_atom_sites.fract_transf_matrix[1][2]   0.00584210 
_atom_sites.fract_transf_matrix[1][3]   0.00188800 
_atom_sites.fract_transf_matrix[2][1]   -0.00797165 
_atom_sites.fract_transf_matrix[2][2]   0.00081796 
_atom_sites.fract_transf_matrix[2][3]   -0.00842304 
_atom_sites.fract_transf_matrix[3][1]   -0.00448206 
_atom_sites.fract_transf_matrix[3][2]   -0.00867342 
_atom_sites.fract_transf_matrix[3][3]   0.00339959 
_atom_sites.fract_transf_vector[1]      0.478442 
_atom_sites.fract_transf_vector[2]      -0.653540 
_atom_sites.fract_transf_vector[3]      1.100396 
# 
loop_
_atom_type.symbol 
C  
CA 
N  
O  
P  
S  
# 
loop_
_atom_site.group_PDB 
_atom_site.id 
_atom_site.type_symbol 
_atom_site.label_atom_id 
_atom_site.label_alt_id 
_atom_site.label_comp_id 
_atom_site.label_asym_id 
_atom_site.label_entity_id 
_atom_site.label_seq_id 
_atom_site.pdbx_PDB_ins_code 
_atom_site.Cartn_x 
_atom_site.Cartn_y 
_atom_site.Cartn_z 
_atom_site.occupancy 
_atom_site.B_iso_or_equiv 
_atom_site.pdbx_formal_charge 
_atom_site.auth_seq_id 
_atom_site.auth_comp_id 
_atom_site.auth_asym_id 
_atom_site.auth_atom_id 
_atom_site.pdbx_PDB_model_num 
ATOM   1    N  N   . ALA A 1 9   ? 19.060  2.198   7.383   1.00 48.82 ? 0   ALA A N   1 
ATOM   2    C  CA  . ALA A 1 9   ? 17.878  1.426   6.888   1.00 46.11 ? 0   ALA A CA  1 
ATOM   3    C  C   . ALA A 1 9   ? 16.827  2.412   6.413   1.00 45.36 ? 0   ALA A C   1 
ATOM   4    O  O   . ALA A 1 9   ? 16.543  3.385   7.109   1.00 46.92 ? 0   ALA A O   1 
ATOM   5    C  CB  . ALA A 1 9   ? 17.315  0.541   7.989   1.00 46.02 ? 0   ALA A CB  1 
ATOM   6    N  N   . MET A 1 10  ? 16.257  2.182   5.235   1.00 41.92 ? 1   MET A N   1 
ATOM   7    C  CA  . MET A 1 10  ? 15.232  3.084   4.719   1.00 40.74 ? 1   MET A CA  1 
ATOM   8    C  C   . MET A 1 10  ? 14.015  3.097   5.643   1.00 39.21 ? 1   MET A C   1 
ATOM   9    O  O   . MET A 1 10  ? 13.604  2.055   6.160   1.00 38.20 ? 1   MET A O   1 
ATOM   10   C  CB  . MET A 1 10  ? 14.789  2.665   3.318   1.00 41.98 ? 1   MET A CB  1 
ATOM   11   C  CG  . MET A 1 10  ? 13.576  3.439   2.805   1.00 43.40 ? 1   MET A CG  1 
ATOM   12   S  SD  . MET A 1 10  ? 13.189  3.118   1.076   1.00 46.99 ? 1   MET A SD  1 
ATOM   13   C  CE  . MET A 1 10  ? 14.561  3.972   0.290   1.00 46.48 ? 1   MET A CE  1 
ATOM   14   N  N   . GLN A 1 11  ? 13.449  4.278   5.844   1.00 37.38 ? 2   GLN A N   1 
ATOM   15   C  CA  . GLN A 1 11  ? 12.163  4.401   6.500   1.00 39.94 ? 2   GLN A CA  1 
ATOM   16   C  C   . GLN A 1 11  ? 11.476  5.669   6.049   1.00 40.92 ? 2   GLN A C   1 
ATOM   17   O  O   . GLN A 1 11  ? 12.135  6.607   5.616   1.00 42.62 ? 2   GLN A O   1 
ATOM   18   C  CB  . GLN A 1 11  ? 12.324  4.410   8.017   1.00 41.32 ? 2   GLN A CB  1 
ATOM   19   C  CG  . GLN A 1 11  ? 12.530  5.785   8.633   1.00 41.42 ? 2   GLN A CG  1 
ATOM   20   C  CD  . GLN A 1 11  ? 12.445  5.720   10.141  1.00 40.96 ? 2   GLN A CD  1 
ATOM   21   O  OE1 . GLN A 1 11  ? 13.111  4.892   10.765  1.00 41.34 ? 2   GLN A OE1 1 
ATOM   22   N  NE2 . GLN A 1 11  ? 11.612  6.570   10.734  1.00 39.12 ? 2   GLN A NE2 1 
ATOM   23   N  N   . PHE A 1 12  ? 10.156  5.707   6.183   1.00 39.26 ? 3   PHE A N   1 
ATOM   24   C  CA  . PHE A 1 12  ? 9.372   6.856   5.727   1.00 38.26 ? 3   PHE A CA  1 
ATOM   25   C  C   . PHE A 1 12  ? 8.030   6.873   6.431   1.00 37.72 ? 3   PHE A C   1 
ATOM   26   O  O   . PHE A 1 12  ? 7.654   5.923   7.104   1.00 38.10 ? 3   PHE A O   1 
ATOM   27   C  CB  . PHE A 1 12  ? 9.152   6.781   4.210   1.00 38.96 ? 3   PHE A CB  1 
ATOM   28   C  CG  . PHE A 1 12  ? 8.865   5.385   3.720   1.00 40.85 ? 3   PHE A CG  1 
ATOM   29   C  CD1 . PHE A 1 12  ? 7.652   4.770   3.998   1.00 39.73 ? 3   PHE A CD1 1 
ATOM   30   C  CD2 . PHE A 1 12  ? 9.830   4.667   3.023   1.00 41.58 ? 3   PHE A CD2 1 
ATOM   31   C  CE1 . PHE A 1 12  ? 7.402   3.474   3.584   1.00 40.17 ? 3   PHE A CE1 1 
ATOM   32   C  CE2 . PHE A 1 12  ? 9.576   3.374   2.596   1.00 42.16 ? 3   PHE A CE2 1 
ATOM   33   C  CZ  . PHE A 1 12  ? 8.361   2.775   2.883   1.00 40.81 ? 3   PHE A CZ  1 
ATOM   34   N  N   . ASP A 1 13  ? 7.302   7.954   6.238   1.00 36.78 ? 4   ASP A N   1 
ATOM   35   C  CA  . ASP A 1 13  ? 5.989   8.092   6.803   1.00 36.38 ? 4   ASP A CA  1 
ATOM   36   C  C   . ASP A 1 13  ? 4.928   7.666   5.819   1.00 36.46 ? 4   ASP A C   1 
ATOM   37   O  O   . ASP A 1 13  ? 4.882   8.135   4.685   1.00 35.78 ? 4   ASP A O   1 
ATOM   38   C  CB  . ASP A 1 13  ? 5.748   9.534   7.220   1.00 37.45 ? 4   ASP A CB  1 
ATOM   39   C  CG  . ASP A 1 13  ? 6.352   9.853   8.565   1.00 39.03 ? 4   ASP A CG  1 
ATOM   40   O  OD1 . ASP A 1 13  ? 6.958   8.967   9.205   1.00 39.18 ? 4   ASP A OD1 1 
ATOM   41   O  OD2 . ASP A 1 13  ? 6.215   11.010  8.989   1.00 41.72 ? 4   ASP A OD2 1 
ATOM   42   N  N   . VAL A 1 14  ? 4.070   6.762   6.278   1.00 36.29 ? 5   VAL A N   1 
ATOM   43   C  CA  . VAL A 1 14  ? 2.881   6.385   5.538   1.00 35.35 ? 5   VAL A CA  1 
ATOM   44   C  C   . VAL A 1 14  ? 1.709   7.084   6.180   1.00 34.88 ? 5   VAL A C   1 
ATOM   45   O  O   . VAL A 1 14  ? 1.563   7.057   7.395   1.00 37.53 ? 5   VAL A O   1 
ATOM   46   C  CB  . VAL A 1 14  ? 2.622   4.877   5.608   1.00 34.32 ? 5   VAL A CB  1 
ATOM   47   C  CG1 . VAL A 1 14  ? 1.375   4.525   4.820   1.00 35.40 ? 5   VAL A CG1 1 
ATOM   48   C  CG2 . VAL A 1 14  ? 3.819   4.104   5.095   1.00 33.52 ? 5   VAL A CG2 1 
ATOM   49   N  N   . THR A 1 15  ? 0.883   7.719   5.368   1.00 35.10 ? 6   THR A N   1 
ATOM   50   C  CA  . THR A 1 15  ? -0.402  8.202   5.836   1.00 35.11 ? 6   THR A CA  1 
ATOM   51   C  C   . THR A 1 15  ? -1.391  7.095   5.540   1.00 33.51 ? 6   THR A C   1 
ATOM   52   O  O   . THR A 1 15  ? -1.661  6.816   4.385   1.00 33.07 ? 6   THR A O   1 
ATOM   53   C  CB  . THR A 1 15  ? -0.815  9.490   5.124   1.00 34.64 ? 6   THR A CB  1 
ATOM   54   O  OG1 . THR A 1 15  ? 0.047   10.543  5.550   1.00 37.63 ? 6   THR A OG1 1 
ATOM   55   C  CG2 . THR A 1 15  ? -2.244  9.873   5.457   1.00 34.60 ? 6   THR A CG2 1 
ATOM   56   N  N   . ILE A 1 16  ? -1.903  6.460   6.589   1.00 33.24 ? 7   ILE A N   1 
ATOM   57   C  CA  . ILE A 1 16  ? -2.897  5.405   6.449   1.00 32.00 ? 7   ILE A CA  1 
ATOM   58   C  C   . ILE A 1 16  ? -4.231  6.028   6.080   1.00 31.86 ? 7   ILE A C   1 
ATOM   59   O  O   . ILE A 1 16  ? -4.740  6.904   6.791   1.00 33.12 ? 7   ILE A O   1 
ATOM   60   C  CB  . ILE A 1 16  ? -3.061  4.613   7.756   1.00 32.28 ? 7   ILE A CB  1 
ATOM   61   C  CG1 . ILE A 1 16  ? -1.764  3.878   8.110   1.00 31.79 ? 7   ILE A CG1 1 
ATOM   62   C  CG2 . ILE A 1 16  ? -4.255  3.664   7.678   1.00 33.02 ? 7   ILE A CG2 1 
ATOM   63   C  CD1 . ILE A 1 16  ? -1.267  2.910   7.060   1.00 32.64 ? 7   ILE A CD1 1 
ATOM   64   N  N   . GLU A 1 17  ? -4.791  5.565   4.968   1.00 30.20 ? 8   GLU A N   1 
ATOM   65   C  CA  . GLU A 1 17  ? -6.110  5.987   4.517   1.00 30.13 ? 8   GLU A CA  1 
ATOM   66   C  C   . GLU A 1 17  ? -7.186  5.002   4.951   1.00 28.88 ? 8   GLU A C   1 
ATOM   67   O  O   . GLU A 1 17  ? -8.300  5.395   5.259   1.00 28.17 ? 8   GLU A O   1 
ATOM   68   C  CB  . GLU A 1 17  ? -6.130  6.083   2.995   1.00 32.41 ? 8   GLU A CB  1 
ATOM   69   C  CG  . GLU A 1 17  ? -4.987  6.884   2.395   1.00 34.68 ? 8   GLU A CG  1 
ATOM   70   C  CD  . GLU A 1 17  ? -5.039  6.938   0.877   1.00 35.94 ? 8   GLU A CD  1 
ATOM   71   O  OE1 . GLU A 1 17  ? -4.697  5.926   0.222   1.00 37.87 ? 8   GLU A OE1 1 
ATOM   72   O  OE2 . GLU A 1 17  ? -5.402  8.007   0.344   1.00 35.64 ? 8   GLU A OE2 1 
ATOM   73   N  N   . ILE A 1 18  ? -6.852  3.716   4.955   1.00 28.93 ? 9   ILE A N   1 
ATOM   74   C  CA  . ILE A 1 18  ? -7.842  2.663   5.199   1.00 28.91 ? 9   ILE A CA  1 
ATOM   75   C  C   . ILE A 1 18  ? -7.353  1.632   6.220   1.00 28.07 ? 9   ILE A C   1 
ATOM   76   O  O   . ILE A 1 18  ? -6.396  0.933   5.960   1.00 27.65 ? 9   ILE A O   1 
ATOM   77   C  CB  . ILE A 1 18  ? -8.200  1.926   3.898   1.00 28.46 ? 9   ILE A CB  1 
ATOM   78   C  CG1 . ILE A 1 18  ? -8.412  2.939   2.764   1.00 28.37 ? 9   ILE A CG1 1 
ATOM   79   C  CG2 . ILE A 1 18  ? -9.423  1.054   4.135   1.00 29.70 ? 9   ILE A CG2 1 
ATOM   80   C  CD1 . ILE A 1 18  ? -8.696  2.358   1.394   1.00 27.86 ? 9   ILE A CD1 1 
ATOM   81   N  N   . PRO A 1 19  ? -8.023  1.533   7.380   1.00 27.57 ? 10  PRO A N   1 
ATOM   82   C  CA  . PRO A 1 19  ? -7.736  0.457   8.318   1.00 28.21 ? 10  PRO A CA  1 
ATOM   83   C  C   . PRO A 1 19  ? -8.058  -0.902  7.735   1.00 27.09 ? 10  PRO A C   1 
ATOM   84   O  O   . PRO A 1 19  ? -8.980  -1.045  6.938   1.00 28.31 ? 10  PRO A O   1 
ATOM   85   C  CB  . PRO A 1 19  ? -8.693  0.705   9.493   1.00 28.54 ? 10  PRO A CB  1 
ATOM   86   C  CG  . PRO A 1 19  ? -9.291  2.043   9.283   1.00 29.63 ? 10  PRO A CG  1 
ATOM   87   C  CD  . PRO A 1 19  ? -9.039  2.472   7.874   1.00 29.28 ? 10  PRO A CD  1 
ATOM   88   N  N   . LYS A 1 20  ? -7.301  -1.894  8.152   1.00 26.62 ? 11  LYS A N   1 
ATOM   89   C  CA  . LYS A 1 20  ? -7.612  -3.277  7.859   1.00 27.38 ? 11  LYS A CA  1 
ATOM   90   C  C   . LYS A 1 20  ? -9.053  -3.567  8.297   1.00 26.43 ? 11  LYS A C   1 
ATOM   91   O  O   . LYS A 1 20  ? -9.487  -3.101  9.341   1.00 26.60 ? 11  LYS A O   1 
ATOM   92   C  CB  . LYS A 1 20  ? -6.631  -4.137  8.628   1.00 27.88 ? 11  LYS A CB  1 
ATOM   93   C  CG  . LYS A 1 20  ? -6.876  -5.619  8.601   1.00 30.58 ? 11  LYS A CG  1 
ATOM   94   C  CD  . LYS A 1 20  ? -5.909  -6.286  9.572   1.00 33.57 ? 11  LYS A CD  1 
ATOM   95   C  CE  . LYS A 1 20  ? -6.216  -7.768  9.719   1.00 37.73 ? 11  LYS A CE  1 
ATOM   96   N  NZ  . LYS A 1 20  ? -5.210  -8.460  10.580  1.00 39.82 ? 11  LYS A NZ  1 
ATOM   97   N  N   . GLY A 1 21  ? -9.795  -4.310  7.493   1.00 25.96 ? 12  GLY A N   1 
ATOM   98   C  CA  . GLY A 1 21  ? -11.160 -4.679  7.849   1.00 26.22 ? 12  GLY A CA  1 
ATOM   99   C  C   . GLY A 1 21  ? -12.232 -3.878  7.139   1.00 26.95 ? 12  GLY A C   1 
ATOM   100  O  O   . GLY A 1 21  ? -13.386 -4.253  7.170   1.00 28.53 ? 12  GLY A O   1 
ATOM   101  N  N   . GLN A 1 22  ? -11.837 -2.817  6.447   1.00 27.75 ? 13  GLN A N   1 
ATOM   102  C  CA  . GLN A 1 22  ? -12.764 -1.861  5.854   1.00 27.81 ? 13  GLN A CA  1 
ATOM   103  C  C   . GLN A 1 22  ? -13.177 -2.182  4.444   1.00 26.33 ? 13  GLN A C   1 
ATOM   104  O  O   . GLN A 1 22  ? -12.358 -2.554  3.626   1.00 24.84 ? 13  GLN A O   1 
ATOM   105  C  CB  . GLN A 1 22  ? -12.140 -0.467  5.830   1.00 29.72 ? 13  GLN A CB  1 
ATOM   106  C  CG  . GLN A 1 22  ? -12.365 0.291   7.116   1.00 32.17 ? 13  GLN A CG  1 
ATOM   107  C  CD  . GLN A 1 22  ? -13.762 0.861   7.208   1.00 35.33 ? 13  GLN A CD  1 
ATOM   108  O  OE1 . GLN A 1 22  ? -14.683 0.426   6.511   1.00 36.73 ? 13  GLN A OE1 1 
ATOM   109  N  NE2 . GLN A 1 22  ? -13.923 1.862   8.051   1.00 41.63 ? 13  GLN A NE2 1 
ATOM   110  N  N   . ARG A 1 23  ? -14.465 -1.995  4.184   1.00 26.21 ? 14  ARG A N   1 
ATOM   111  C  CA  . ARG A 1 23  ? -15.037 -2.039  2.844   1.00 25.06 ? 14  ARG A CA  1 
ATOM   112  C  C   . ARG A 1 23  ? -15.301 -0.619  2.293   1.00 25.12 ? 14  ARG A C   1 
ATOM   113  O  O   . ARG A 1 23  ? -15.535 -0.435  1.099   1.00 25.25 ? 14  ARG A O   1 
ATOM   114  C  CB  . ARG A 1 23  ? -16.321 -2.856  2.889   1.00 24.93 ? 14  ARG A CB  1 
ATOM   115  C  CG  . ARG A 1 23  ? -16.946 -3.038  1.525   1.00 25.35 ? 14  ARG A CG  1 
ATOM   116  C  CD  . ARG A 1 23  ? -18.047 -4.079  1.503   1.00 25.34 ? 14  ARG A CD  1 
ATOM   117  N  NE  . ARG A 1 23  ? -18.781 -3.941  0.252   1.00 26.23 ? 14  ARG A NE  1 
ATOM   118  C  CZ  . ARG A 1 23  ? -19.842 -4.660  -0.095  1.00 27.27 ? 14  ARG A CZ  1 
ATOM   119  N  NH1 . ARG A 1 23  ? -20.317 -5.584  0.704   1.00 26.56 ? 14  ARG A NH1 1 
ATOM   120  N  NH2 . ARG A 1 23  ? -20.430 -4.452  -1.266  1.00 29.15 ? 14  ARG A NH2 1 
ATOM   121  N  N   . ASN A 1 24  ? -15.296 0.384   3.164   1.00 25.72 ? 15  ASN A N   1 
ATOM   122  C  CA  . ASN A 1 24  ? -15.232 1.772   2.706   1.00 26.04 ? 15  ASN A CA  1 
ATOM   123  C  C   . ASN A 1 24  ? -13.816 2.073   2.224   1.00 26.46 ? 15  ASN A C   1 
ATOM   124  O  O   . ASN A 1 24  ? -12.845 1.887   2.959   1.00 26.24 ? 15  ASN A O   1 
ATOM   125  C  CB  . ASN A 1 24  ? -15.614 2.761   3.807   1.00 24.88 ? 15  ASN A CB  1 
ATOM   126  C  CG  . ASN A 1 24  ? -17.090 3.076   3.833   1.00 25.98 ? 15  ASN A CG  1 
ATOM   127  O  OD1 . ASN A 1 24  ? -17.830 2.780   2.892   1.00 27.26 ? 15  ASN A OD1 1 
ATOM   128  N  ND2 . ASN A 1 24  ? -17.532 3.692   4.913   1.00 26.14 ? 15  ASN A ND2 1 
ATOM   129  N  N   . LYS A 1 25  ? -13.712 2.545   0.989   1.00 27.12 ? 16  LYS A N   1 
ATOM   130  C  CA  . LYS A 1 25  ? -12.433 2.892   0.400   1.00 27.80 ? 16  LYS A CA  1 
ATOM   131  C  C   . LYS A 1 25  ? -12.231 4.396   0.542   1.00 28.49 ? 16  LYS A C   1 
ATOM   132  O  O   . LYS A 1 25  ? -12.897 5.182   -0.121  1.00 28.43 ? 16  LYS A O   1 
ATOM   133  C  CB  . LYS A 1 25  ? -12.394 2.464   -1.070  1.00 28.89 ? 16  LYS A CB  1 
ATOM   134  C  CG  . LYS A 1 25  ? -11.130 2.874   -1.804  1.00 29.36 ? 16  LYS A CG  1 
ATOM   135  C  CD  . LYS A 1 25  ? -11.036 2.239   -3.181  1.00 29.90 ? 16  LYS A CD  1 
ATOM   136  C  CE  . LYS A 1 25  ? -9.679  2.525   -3.814  1.00 31.42 ? 16  LYS A CE  1 
ATOM   137  N  NZ  . LYS A 1 25  ? -9.359  3.982   -3.943  1.00 31.59 ? 16  LYS A NZ  1 
ATOM   138  N  N   . TYR A 1 26  ? -11.335 4.773   1.444   1.00 29.22 ? 17  TYR A N   1 
ATOM   139  C  CA  . TYR A 1 26  ? -10.972 6.165   1.673   1.00 31.34 ? 17  TYR A CA  1 
ATOM   140  C  C   . TYR A 1 26  ? -9.756  6.591   0.852   1.00 33.33 ? 17  TYR A C   1 
ATOM   141  O  O   . TYR A 1 26  ? -8.883  5.789   0.560   1.00 33.83 ? 17  TYR A O   1 
ATOM   142  C  CB  . TYR A 1 26  ? -10.666 6.417   3.158   1.00 31.52 ? 17  TYR A CB  1 
ATOM   143  C  CG  . TYR A 1 26  ? -11.838 6.183   4.070   1.00 32.01 ? 17  TYR A CG  1 
ATOM   144  C  CD1 . TYR A 1 26  ? -12.903 7.073   4.097   1.00 31.27 ? 17  TYR A CD1 1 
ATOM   145  C  CD2 . TYR A 1 26  ? -11.893 5.063   4.899   1.00 31.87 ? 17  TYR A CD2 1 
ATOM   146  C  CE1 . TYR A 1 26  ? -13.990 6.853   4.909   1.00 31.87 ? 17  TYR A CE1 1 
ATOM   147  C  CE2 . TYR A 1 26  ? -12.975 4.842   5.726   1.00 31.49 ? 17  TYR A CE2 1 
ATOM   148  C  CZ  . TYR A 1 26  ? -14.020 5.737   5.731   1.00 31.60 ? 17  TYR A CZ  1 
ATOM   149  O  OH  . TYR A 1 26  ? -15.106 5.528   6.544   1.00 29.96 ? 17  TYR A OH  1 
ATOM   150  N  N   . GLU A 1 27  ? -9.717  7.882   0.550   1.00 36.64 ? 18  GLU A N   1 
ATOM   151  C  CA  . GLU A 1 27  ? -8.735  8.537   -0.308  1.00 40.42 ? 18  GLU A CA  1 
ATOM   152  C  C   . GLU A 1 27  ? -8.310  9.803   0.396   1.00 41.24 ? 18  GLU A C   1 
ATOM   153  O  O   . GLU A 1 27  ? -9.007  10.293  1.276   1.00 43.11 ? 18  GLU A O   1 
ATOM   154  C  CB  . GLU A 1 27  ? -9.420  9.046   -1.583  1.00 44.48 ? 18  GLU A CB  1 
ATOM   155  C  CG  . GLU A 1 27  ? -9.122  8.370   -2.903  1.00 46.48 ? 18  GLU A CG  1 
ATOM   156  C  CD  . GLU A 1 27  ? -10.008 8.921   -4.020  1.00 49.14 ? 18  GLU A CD  1 
ATOM   157  O  OE1 . GLU A 1 27  ? -11.043 9.587   -3.725  1.00 43.95 ? 18  GLU A OE1 1 
ATOM   158  O  OE2 . GLU A 1 27  ? -9.673  8.668   -5.201  1.00 60.26 ? 18  GLU A OE2 1 
ATOM   159  N  N   . VAL A 1 28  ? -7.201  10.376  -0.047  1.00 41.85 ? 19  VAL A N   1 
ATOM   160  C  CA  . VAL A 1 28  ? -6.841  11.733  0.325   1.00 43.07 ? 19  VAL A CA  1 
ATOM   161  C  C   . VAL A 1 28  ? -6.866  12.634  -0.918  1.00 44.26 ? 19  VAL A C   1 
ATOM   162  O  O   . VAL A 1 28  ? -6.354  12.254  -1.964  1.00 45.19 ? 19  VAL A O   1 
ATOM   163  C  CB  . VAL A 1 28  ? -5.469  11.761  1.033   1.00 42.47 ? 19  VAL A CB  1 
ATOM   164  C  CG1 . VAL A 1 28  ? -4.958  13.192  1.197   1.00 41.84 ? 19  VAL A CG1 1 
ATOM   165  C  CG2 . VAL A 1 28  ? -5.583  11.067  2.388   1.00 40.60 ? 19  VAL A CG2 1 
ATOM   166  N  N   . ASP A 1 29  ? -7.523  13.792  -0.813  1.00 48.12 ? 20  ASP A N   1 
ATOM   167  C  CA  . ASP A 1 29  ? -7.303  14.904  -1.756  1.00 49.59 ? 20  ASP A CA  1 
ATOM   168  C  C   . ASP A 1 29  ? -5.939  15.474  -1.413  1.00 48.48 ? 20  ASP A C   1 
ATOM   169  O  O   . ASP A 1 29  ? -5.775  16.105  -0.372  1.00 51.22 ? 20  ASP A O   1 
ATOM   170  C  CB  . ASP A 1 29  ? -8.361  16.000  -1.604  1.00 50.56 ? 20  ASP A CB  1 
ATOM   171  C  CG  . ASP A 1 29  ? -9.759  15.525  -1.957  1.00 52.77 ? 20  ASP A CG  1 
ATOM   172  O  OD1 . ASP A 1 29  ? -9.904  14.573  -2.753  1.00 52.94 ? 20  ASP A OD1 1 
ATOM   173  O  OD2 . ASP A 1 29  ? -10.725 16.115  -1.436  1.00 54.16 ? 20  ASP A OD2 1 
ATOM   174  N  N   . HIS A 1 30  ? -4.954  15.234  -2.267  1.00 49.21 ? 21  HIS A N   1 
ATOM   175  C  CA  . HIS A 1 30  ? -3.557  15.518  -1.901  1.00 52.68 ? 21  HIS A CA  1 
ATOM   176  C  C   . HIS A 1 30  ? -3.195  17.003  -1.882  1.00 54.47 ? 21  HIS A C   1 
ATOM   177  O  O   . HIS A 1 30  ? -2.199  17.387  -1.272  1.00 54.85 ? 21  HIS A O   1 
ATOM   178  C  CB  . HIS A 1 30  ? -2.609  14.747  -2.809  1.00 50.24 ? 21  HIS A CB  1 
ATOM   179  C  CG  . HIS A 1 30  ? -2.771  13.269  -2.698  1.00 49.12 ? 21  HIS A CG  1 
ATOM   180  N  ND1 . HIS A 1 30  ? -2.298  12.552  -1.621  1.00 49.29 ? 21  HIS A ND1 1 
ATOM   181  C  CD2 . HIS A 1 30  ? -3.382  12.376  -3.510  1.00 47.31 ? 21  HIS A CD2 1 
ATOM   182  C  CE1 . HIS A 1 30  ? -2.594  11.275  -1.783  1.00 48.84 ? 21  HIS A CE1 1 
ATOM   183  N  NE2 . HIS A 1 30  ? -3.255  11.142  -2.919  1.00 47.65 ? 21  HIS A NE2 1 
ATOM   184  N  N   . GLU A 1 31  ? -4.010  17.825  -2.536  1.00 55.87 ? 22  GLU A N   1 
ATOM   185  C  CA  . GLU A 1 31  ? -3.820  19.271  -2.508  1.00 60.30 ? 22  GLU A CA  1 
ATOM   186  C  C   . GLU A 1 31  ? -4.256  19.878  -1.175  1.00 59.67 ? 22  GLU A C   1 
ATOM   187  O  O   . GLU A 1 31  ? -3.650  20.846  -0.718  1.00 58.43 ? 22  GLU A O   1 
ATOM   188  C  CB  . GLU A 1 31  ? -4.530  19.924  -3.694  1.00 63.99 ? 22  GLU A CB  1 
ATOM   189  C  CG  . GLU A 1 31  ? -3.877  19.509  -5.009  1.00 71.26 ? 22  GLU A CG  1 
ATOM   190  C  CD  . GLU A 1 31  ? -4.474  20.155  -6.241  1.00 78.46 ? 22  GLU A CD  1 
ATOM   191  O  OE1 . GLU A 1 31  ? -5.356  21.032  -6.110  1.00 84.57 ? 22  GLU A OE1 1 
ATOM   192  O  OE2 . GLU A 1 31  ? -4.045  19.775  -7.352  1.00 80.97 ? 22  GLU A OE2 1 
ATOM   193  N  N   . THR A 1 32  ? -5.281  19.297  -0.548  1.00 58.44 ? 23  THR A N   1 
ATOM   194  C  CA  . THR A 1 32  ? -5.804  19.788  0.747   1.00 54.88 ? 23  THR A CA  1 
ATOM   195  C  C   . THR A 1 32  ? -5.379  18.947  1.962   1.00 52.06 ? 23  THR A C   1 
ATOM   196  O  O   . THR A 1 32  ? -5.369  19.445  3.084   1.00 49.72 ? 23  THR A O   1 
ATOM   197  C  CB  . THR A 1 32  ? -7.351  19.888  0.730   1.00 56.42 ? 23  THR A CB  1 
ATOM   198  O  OG1 . THR A 1 32  ? -7.935  18.579  0.720   1.00 57.49 ? 23  THR A OG1 1 
ATOM   199  C  CG2 . THR A 1 32  ? -7.834  20.661  -0.501  1.00 55.53 ? 23  THR A CG2 1 
ATOM   200  N  N   . GLY A 1 33  ? -5.046  17.674  1.738   1.00 48.74 ? 24  GLY A N   1 
ATOM   201  C  CA  . GLY A 1 33  ? -4.792  16.725  2.833   1.00 45.56 ? 24  GLY A CA  1 
ATOM   202  C  C   . GLY A 1 33  ? -6.053  16.171  3.504   1.00 43.43 ? 24  GLY A C   1 
ATOM   203  O  O   . GLY A 1 33  ? -5.961  15.452  4.497   1.00 41.69 ? 24  GLY A O   1 
ATOM   204  N  N   . ARG A 1 34  ? -7.227  16.505  2.963   1.00 41.83 ? 25  ARG A N   1 
ATOM   205  C  CA  . ARG A 1 34  ? -8.509  16.062  3.521   1.00 40.83 ? 25  ARG A CA  1 
ATOM   206  C  C   . ARG A 1 34  ? -8.749  14.591  3.195   1.00 40.23 ? 25  ARG A C   1 
ATOM   207  O  O   . ARG A 1 34  ? -8.402  14.126  2.105   1.00 41.78 ? 25  ARG A O   1 
ATOM   208  C  CB  . ARG A 1 34  ? -9.675  16.882  2.934   1.00 41.46 ? 25  ARG A CB  1 
ATOM   209  C  CG  . ARG A 1 34  ? -9.706  18.377  3.276   1.00 40.54 ? 25  ARG A CG  1 
ATOM   210  C  CD  . ARG A 1 34  ? -9.964  18.656  4.740   1.00 38.81 ? 25  ARG A CD  1 
ATOM   211  N  NE  . ARG A 1 34  ? -11.186 18.009  5.194   1.00 40.05 ? 25  ARG A NE  1 
ATOM   212  C  CZ  . ARG A 1 34  ? -12.420 18.487  5.037   1.00 40.80 ? 25  ARG A CZ  1 
ATOM   213  N  NH1 . ARG A 1 34  ? -12.646 19.650  4.418   1.00 39.05 ? 25  ARG A NH1 1 
ATOM   214  N  NH2 . ARG A 1 34  ? -13.451 17.786  5.500   1.00 40.13 ? 25  ARG A NH2 1 
ATOM   215  N  N   . VAL A 1 35  ? -9.357  13.866  4.125   1.00 36.78 ? 26  VAL A N   1 
ATOM   216  C  CA  . VAL A 1 35  ? -9.761  12.485  3.879   1.00 35.39 ? 26  VAL A CA  1 
ATOM   217  C  C   . VAL A 1 35  ? -11.107 12.495  3.156   1.00 33.32 ? 26  VAL A C   1 
ATOM   218  O  O   . VAL A 1 35  ? -12.015 13.236  3.531   1.00 32.25 ? 26  VAL A O   1 
ATOM   219  C  CB  . VAL A 1 35  ? -9.887  11.680  5.195   1.00 36.16 ? 26  VAL A CB  1 
ATOM   220  C  CG1 . VAL A 1 35  ? -10.308 10.240  4.915   1.00 35.97 ? 26  VAL A CG1 1 
ATOM   221  C  CG2 . VAL A 1 35  ? -8.578  11.715  5.974   1.00 36.14 ? 26  VAL A CG2 1 
ATOM   222  N  N   . ARG A 1 36  ? -11.232 11.651  2.140   1.00 31.75 ? 27  ARG A N   1 
ATOM   223  C  CA  . ARG A 1 36  ? -12.439 11.562  1.329   1.00 31.05 ? 27  ARG A CA  1 
ATOM   224  C  C   . ARG A 1 36  ? -12.895 10.112  1.160   1.00 30.69 ? 27  ARG A C   1 
ATOM   225  O  O   . ARG A 1 36  ? -12.067 9.219   1.053   1.00 28.08 ? 27  ARG A O   1 
ATOM   226  C  CB  . ARG A 1 36  ? -12.149 12.144  -0.056  1.00 32.16 ? 27  ARG A CB  1 
ATOM   227  C  CG  . ARG A 1 36  ? -13.261 11.921  -1.064  1.00 33.87 ? 27  ARG A CG  1 
ATOM   228  C  CD  . ARG A 1 36  ? -12.914 12.493  -2.424  1.00 36.63 ? 27  ARG A CD  1 
ATOM   229  N  NE  . ARG A 1 36  ? -12.862 13.952  -2.410  1.00 37.67 ? 27  ARG A NE  1 
ATOM   230  C  CZ  . ARG A 1 36  ? -13.921 14.767  -2.419  1.00 38.98 ? 27  ARG A CZ  1 
ATOM   231  N  NH1 . ARG A 1 36  ? -15.174 14.309  -2.422  1.00 39.96 ? 27  ARG A NH1 1 
ATOM   232  N  NH2 . ARG A 1 36  ? -13.714 16.072  -2.413  1.00 40.01 ? 27  ARG A NH2 1 
ATOM   233  N  N   . LEU A 1 37  ? -14.207 9.888   1.084   1.00 30.49 ? 28  LEU A N   1 
ATOM   234  C  CA  . LEU A 1 37  ? -14.728 8.578   0.713   1.00 30.16 ? 28  LEU A CA  1 
ATOM   235  C  C   . LEU A 1 37  ? -14.667 8.428   -0.786  1.00 30.03 ? 28  LEU A C   1 
ATOM   236  O  O   . LEU A 1 37  ? -15.345 9.138   -1.488  1.00 30.94 ? 28  LEU A O   1 
ATOM   237  C  CB  . LEU A 1 37  ? -16.180 8.388   1.167   1.00 30.07 ? 28  LEU A CB  1 
ATOM   238  C  CG  . LEU A 1 37  ? -16.822 7.042   0.802   1.00 29.76 ? 28  LEU A CG  1 
ATOM   239  C  CD1 . LEU A 1 37  ? -16.149 5.881   1.519   1.00 29.84 ? 28  LEU A CD1 1 
ATOM   240  C  CD2 . LEU A 1 37  ? -18.309 7.053   1.119   1.00 30.16 ? 28  LEU A CD2 1 
ATOM   241  N  N   . ASP A 1 38  ? -13.858 7.498   -1.279  1.00 30.99 ? 29  ASP A N   1 
ATOM   242  C  CA  . ASP A 1 38  ? -13.811 7.220   -2.702  1.00 30.56 ? 29  ASP A CA  1 
ATOM   243  C  C   . ASP A 1 38  ? -15.072 6.452   -3.061  1.00 31.16 ? 29  ASP A C   1 
ATOM   244  O  O   . ASP A 1 38  ? -15.864 6.900   -3.873  1.00 31.54 ? 29  ASP A O   1 
ATOM   245  C  CB  . ASP A 1 38  ? -12.551 6.439   -3.028  1.00 31.87 ? 29  ASP A CB  1 
ATOM   246  C  CG  . ASP A 1 38  ? -12.436 6.058   -4.495  1.00 33.08 ? 29  ASP A CG  1 
ATOM   247  O  OD1 . ASP A 1 38  ? -13.401 6.200   -5.279  1.00 34.61 ? 29  ASP A OD1 1 
ATOM   248  O  OD2 . ASP A 1 38  ? -11.349 5.559   -4.850  1.00 34.67 ? 29  ASP A OD2 1 
ATOM   249  N  N   . ARG A 1 39  ? -15.278 5.312   -2.418  1.00 32.05 ? 30  ARG A N   1 
ATOM   250  C  CA  . ARG A 1 39  ? -16.499 4.537   -2.605  1.00 31.20 ? 30  ARG A CA  1 
ATOM   251  C  C   . ARG A 1 39  ? -16.563 3.394   -1.627  1.00 29.19 ? 30  ARG A C   1 
ATOM   252  O  O   . ARG A 1 39  ? -15.554 2.968   -1.077  1.00 29.31 ? 30  ARG A O   1 
ATOM   253  C  CB  . ARG A 1 39  ? -16.572 3.946   -4.019  1.00 33.69 ? 30  ARG A CB  1 
ATOM   254  C  CG  . ARG A 1 39  ? -15.487 2.928   -4.313  1.00 36.18 ? 30  ARG A CG  1 
ATOM   255  C  CD  . ARG A 1 39  ? -15.207 2.821   -5.805  1.00 40.29 ? 30  ARG A CD  1 
ATOM   256  N  NE  . ARG A 1 39  ? -14.171 1.825   -6.104  1.00 42.42 ? 30  ARG A NE  1 
ATOM   257  C  CZ  . ARG A 1 39  ? -12.908 2.086   -6.456  1.00 45.29 ? 30  ARG A CZ  1 
ATOM   258  N  NH1 . ARG A 1 39  ? -12.460 3.333   -6.558  1.00 46.20 ? 30  ARG A NH1 1 
ATOM   259  N  NH2 . ARG A 1 39  ? -12.070 1.074   -6.716  1.00 47.49 ? 30  ARG A NH2 1 
ATOM   260  N  N   . TYR A 1 40  ? -17.770 2.886   -1.432  1.00 27.57 ? 31  TYR A N   1 
ATOM   261  C  CA  . TYR A 1 40  ? -17.965 1.646   -0.726  1.00 26.54 ? 31  TYR A CA  1 
ATOM   262  C  C   . TYR A 1 40  ? -17.711 0.580   -1.764  1.00 26.23 ? 31  TYR A C   1 
ATOM   263  O  O   . TYR A 1 40  ? -18.240 0.669   -2.865  1.00 26.02 ? 31  TYR A O   1 
ATOM   264  C  CB  . TYR A 1 40  ? -19.388 1.605   -0.234  1.00 26.06 ? 31  TYR A CB  1 
ATOM   265  C  CG  . TYR A 1 40  ? -19.824 0.396   0.558   1.00 23.92 ? 31  TYR A CG  1 
ATOM   266  C  CD1 . TYR A 1 40  ? -19.271 0.105   1.791   1.00 23.45 ? 31  TYR A CD1 1 
ATOM   267  C  CD2 . TYR A 1 40  ? -20.867 -0.398  0.103   1.00 24.81 ? 31  TYR A CD2 1 
ATOM   268  C  CE1 . TYR A 1 40  ? -19.710 -0.967  2.535   1.00 22.83 ? 31  TYR A CE1 1 
ATOM   269  C  CE2 . TYR A 1 40  ? -21.318 -1.482  0.841   1.00 24.40 ? 31  TYR A CE2 1 
ATOM   270  C  CZ  . TYR A 1 40  ? -20.740 -1.749  2.053   1.00 23.53 ? 31  TYR A CZ  1 
ATOM   271  O  OH  . TYR A 1 40  ? -21.196 -2.815  2.754   1.00 23.04 ? 31  TYR A OH  1 
ATOM   272  N  N   . LEU A 1 41  ? -16.884 -0.409  -1.441  1.00 26.56 ? 32  LEU A N   1 
ATOM   273  C  CA  . LEU A 1 41  ? -16.525 -1.418  -2.439  1.00 27.81 ? 32  LEU A CA  1 
ATOM   274  C  C   . LEU A 1 41  ? -17.766 -2.152  -2.917  1.00 28.50 ? 32  LEU A C   1 
ATOM   275  O  O   . LEU A 1 41  ? -18.749 -2.298  -2.171  1.00 28.38 ? 32  LEU A O   1 
ATOM   276  C  CB  . LEU A 1 41  ? -15.501 -2.425  -1.907  1.00 27.09 ? 32  LEU A CB  1 
ATOM   277  C  CG  . LEU A 1 41  ? -14.116 -1.915  -1.491  1.00 27.09 ? 32  LEU A CG  1 
ATOM   278  C  CD1 . LEU A 1 41  ? -13.239 -3.095  -1.110  1.00 26.68 ? 32  LEU A CD1 1 
ATOM   279  C  CD2 . LEU A 1 41  ? -13.455 -1.099  -2.592  1.00 27.67 ? 32  LEU A CD2 1 
ATOM   280  N  N   . TYR A 1 42  ? -17.700 -2.595  -4.168  1.00 28.38 ? 33  TYR A N   1 
ATOM   281  C  CA  . TYR A 1 42  ? -18.781 -3.304  -4.829  1.00 28.90 ? 33  TYR A CA  1 
ATOM   282  C  C   . TYR A 1 42  ? -18.715 -4.799  -4.587  1.00 29.92 ? 33  TYR A C   1 
ATOM   283  O  O   . TYR A 1 42  ? -19.688 -5.529  -4.825  1.00 31.32 ? 33  TYR A O   1 
ATOM   284  C  CB  . TYR A 1 42  ? -18.728 -3.033  -6.335  1.00 30.72 ? 33  TYR A CB  1 
ATOM   285  C  CG  . TYR A 1 42  ? -19.156 -1.636  -6.701  1.00 31.83 ? 33  TYR A CG  1 
ATOM   286  C  CD1 . TYR A 1 42  ? -18.252 -0.582  -6.651  1.00 33.03 ? 33  TYR A CD1 1 
ATOM   287  C  CD2 . TYR A 1 42  ? -20.459 -1.363  -7.069  1.00 32.19 ? 33  TYR A CD2 1 
ATOM   288  C  CE1 . TYR A 1 42  ? -18.632 0.706   -6.966  1.00 33.06 ? 33  TYR A CE1 1 
ATOM   289  C  CE2 . TYR A 1 42  ? -20.845 -0.076  -7.395  1.00 34.25 ? 33  TYR A CE2 1 
ATOM   290  C  CZ  . TYR A 1 42  ? -19.924 0.951   -7.343  1.00 34.06 ? 33  TYR A CZ  1 
ATOM   291  O  OH  . TYR A 1 42  ? -20.304 2.234   -7.652  1.00 36.48 ? 33  TYR A OH  1 
ATOM   292  N  N   . THR A 1 43  ? -17.555 -5.257  -4.136  1.00 30.00 ? 34  THR A N   1 
ATOM   293  C  CA  . THR A 1 43  ? -17.356 -6.650  -3.785  1.00 29.32 ? 34  THR A CA  1 
ATOM   294  C  C   . THR A 1 43  ? -17.379 -6.758  -2.269  1.00 28.39 ? 34  THR A C   1 
ATOM   295  O  O   . THR A 1 43  ? -17.070 -5.789  -1.578  1.00 27.15 ? 34  THR A O   1 
ATOM   296  C  CB  . THR A 1 43  ? -16.011 -7.164  -4.306  1.00 30.01 ? 34  THR A CB  1 
ATOM   297  O  OG1 . THR A 1 43  ? -14.963 -6.330  -3.804  1.00 31.12 ? 34  THR A OG1 1 
ATOM   298  C  CG2 . THR A 1 43  ? -15.975 -7.152  -5.824  1.00 30.43 ? 34  THR A CG2 1 
ATOM   299  N  N   . PRO A 1 44  ? -17.748 -7.935  -1.745  1.00 28.04 ? 35  PRO A N   1 
ATOM   300  C  CA  . PRO A 1 44  ? -17.813 -8.189  -0.317  1.00 27.12 ? 35  PRO A CA  1 
ATOM   301  C  C   . PRO A 1 44  ? -16.435 -8.492  0.243   1.00 27.20 ? 35  PRO A C   1 
ATOM   302  O  O   . PRO A 1 44  ? -16.192 -9.566  0.790   1.00 26.06 ? 35  PRO A O   1 
ATOM   303  C  CB  . PRO A 1 44  ? -18.722 -9.421  -0.241  1.00 27.56 ? 35  PRO A CB  1 
ATOM   304  C  CG  . PRO A 1 44  ? -18.405 -10.169 -1.482  1.00 27.61 ? 35  PRO A CG  1 
ATOM   305  C  CD  . PRO A 1 44  ? -18.213 -9.101  -2.523  1.00 27.81 ? 35  PRO A CD  1 
ATOM   306  N  N   . MET A 1 45  ? -15.536 -7.529  0.104   1.00 29.05 ? 36  MET A N   1 
ATOM   307  C  CA  . MET A 1 45  ? -14.145 -7.709  0.500   1.00 29.32 ? 36  MET A CA  1 
ATOM   308  C  C   . MET A 1 45  ? -13.764 -6.592  1.439   1.00 29.01 ? 36  MET A C   1 
ATOM   309  O  O   . MET A 1 45  ? -14.438 -5.568  1.494   1.00 29.84 ? 36  MET A O   1 
ATOM   310  C  CB  . MET A 1 45  ? -13.230 -7.741  -0.720  1.00 29.97 ? 36  MET A CB  1 
ATOM   311  C  CG  . MET A 1 45  ? -13.691 -8.756  -1.756  1.00 32.14 ? 36  MET A CG  1 
ATOM   312  S  SD  . MET A 1 45  ? -12.554 -9.127  -3.101  1.00 32.00 ? 36  MET A SD  1 
ATOM   313  C  CE  . MET A 1 45  ? -11.339 -10.099 -2.224  1.00 33.20 ? 36  MET A CE  1 
ATOM   314  N  N   . ALA A 1 46  ? -12.705 -6.824  2.206   1.00 27.58 ? 37  ALA A N   1 
ATOM   315  C  CA  . ALA A 1 46  ? -12.233 -5.859  3.160   1.00 27.19 ? 37  ALA A CA  1 
ATOM   316  C  C   . ALA A 1 46  ? -10.718 -5.731  3.036   1.00 26.22 ? 37  ALA A C   1 
ATOM   317  O  O   . ALA A 1 46  ? -10.030 -6.707  2.800   1.00 25.19 ? 37  ALA A O   1 
ATOM   318  C  CB  . ALA A 1 46  ? -12.648 -6.267  4.567   1.00 27.64 ? 37  ALA A CB  1 
ATOM   319  N  N   . TYR A 1 47  ? -10.206 -4.512  3.174   1.00 26.79 ? 38  TYR A N   1 
ATOM   320  C  CA  . TYR A 1 47  ? -8.777  -4.301  3.054   1.00 27.53 ? 38  TYR A CA  1 
ATOM   321  C  C   . TYR A 1 47  ? -8.076  -5.258  4.007   1.00 27.65 ? 38  TYR A C   1 
ATOM   322  O  O   . TYR A 1 47  ? -8.442  -5.360  5.168   1.00 28.12 ? 38  TYR A O   1 
ATOM   323  C  CB  . TYR A 1 47  ? -8.399  -2.832  3.271   1.00 27.62 ? 38  TYR A CB  1 
ATOM   324  C  CG  . TYR A 1 47  ? -8.547  -2.043  1.987   1.00 27.91 ? 38  TYR A CG  1 
ATOM   325  C  CD1 . TYR A 1 47  ? -9.793  -1.575  1.567   1.00 28.26 ? 38  TYR A CD1 1 
ATOM   326  C  CD2 . TYR A 1 47  ? -7.455  -1.834  1.150   1.00 27.74 ? 38  TYR A CD2 1 
ATOM   327  C  CE1 . TYR A 1 47  ? -9.939  -0.899  0.373   1.00 28.03 ? 38  TYR A CE1 1 
ATOM   328  C  CE2 . TYR A 1 47  ? -7.588  -1.154  -0.051  1.00 27.85 ? 38  TYR A CE2 1 
ATOM   329  C  CZ  . TYR A 1 47  ? -8.826  -0.686  -0.434  1.00 28.47 ? 38  TYR A CZ  1 
ATOM   330  O  OH  . TYR A 1 47  ? -8.952  -0.019  -1.627  1.00 29.15 ? 38  TYR A OH  1 
ATOM   331  N  N   . PRO A 1 48  ? -7.097  -6.013  3.496   1.00 29.59 ? 39  PRO A N   1 
ATOM   332  C  CA  . PRO A 1 48  ? -6.405  -7.038  4.283   1.00 29.28 ? 39  PRO A CA  1 
ATOM   333  C  C   . PRO A 1 48  ? -5.328  -6.494  5.211   1.00 28.50 ? 39  PRO A C   1 
ATOM   334  O  O   . PRO A 1 48  ? -4.883  -7.195  6.114   1.00 28.85 ? 39  PRO A O   1 
ATOM   335  C  CB  . PRO A 1 48  ? -5.782  -7.930  3.212   1.00 30.01 ? 39  PRO A CB  1 
ATOM   336  C  CG  . PRO A 1 48  ? -5.561  -7.034  2.049   1.00 30.07 ? 39  PRO A CG  1 
ATOM   337  C  CD  . PRO A 1 48  ? -6.579  -5.934  2.117   1.00 30.47 ? 39  PRO A CD  1 
ATOM   338  N  N   . THR A 1 49  ? -4.911  -5.259  4.982   1.00 28.31 ? 40  THR A N   1 
ATOM   339  C  CA  . THR A 1 49  ? -3.964  -4.583  5.859   1.00 29.48 ? 40  THR A CA  1 
ATOM   340  C  C   . THR A 1 49  ? -4.336  -3.117  5.912   1.00 28.90 ? 40  THR A C   1 
ATOM   341  O  O   . THR A 1 49  ? -5.080  -2.637  5.064   1.00 31.48 ? 40  THR A O   1 
ATOM   342  C  CB  . THR A 1 49  ? -2.524  -4.636  5.314   1.00 29.25 ? 40  THR A CB  1 
ATOM   343  O  OG1 . THR A 1 49  ? -2.410  -3.731  4.213   1.00 29.03 ? 40  THR A OG1 1 
ATOM   344  C  CG2 . THR A 1 49  ? -2.147  -6.021  4.846   1.00 29.14 ? 40  THR A CG2 1 
ATOM   345  N  N   . ASP A 1 50  ? -3.799  -2.400  6.888   1.00 29.94 ? 41  ASP A N   1 
ATOM   346  C  CA  . ASP A 1 50  ? -3.852  -0.949  6.839   1.00 31.77 ? 41  ASP A CA  1 
ATOM   347  C  C   . ASP A 1 50  ? -3.214  -0.482  5.529   1.00 30.01 ? 41  ASP A C   1 
ATOM   348  O  O   . ASP A 1 50  ? -2.215  -1.018  5.080   1.00 31.44 ? 41  ASP A O   1 
ATOM   349  C  CB  . ASP A 1 50  ? -3.213  -0.327  8.074   1.00 33.89 ? 41  ASP A CB  1 
ATOM   350  C  CG  . ASP A 1 50  ? -4.172  -0.329  9.280   1.00 37.20 ? 41  ASP A CG  1 
ATOM   351  O  OD1 . ASP A 1 50  ? -4.812  -1.382  9.557   1.00 39.00 ? 41  ASP A OD1 1 
ATOM   352  O  OD2 . ASP A 1 50  ? -4.315  0.727   9.933   1.00 38.92 ? 41  ASP A OD2 1 
ATOM   353  N  N   . TYR A 1 51  ? -3.845  0.474   4.889   1.00 28.47 ? 42  TYR A N   1 
ATOM   354  C  CA  . TYR A 1 51  ? -3.481  0.849   3.551   1.00 29.47 ? 42  TYR A CA  1 
ATOM   355  C  C   . TYR A 1 51  ? -3.417  2.352   3.460   1.00 28.48 ? 42  TYR A C   1 
ATOM   356  O  O   . TYR A 1 51  ? -4.300  3.040   3.958   1.00 26.53 ? 42  TYR A O   1 
ATOM   357  C  CB  . TYR A 1 51  ? -4.527  0.321   2.568   1.00 29.65 ? 42  TYR A CB  1 
ATOM   358  C  CG  . TYR A 1 51  ? -4.339  0.783   1.141   1.00 30.49 ? 42  TYR A CG  1 
ATOM   359  C  CD1 . TYR A 1 51  ? -3.744  -0.034  0.206   1.00 30.87 ? 42  TYR A CD1 1 
ATOM   360  C  CD2 . TYR A 1 51  ? -4.785  2.039   0.726   1.00 32.99 ? 42  TYR A CD2 1 
ATOM   361  C  CE1 . TYR A 1 51  ? -3.582  0.375   -1.102  1.00 32.61 ? 42  TYR A CE1 1 
ATOM   362  C  CE2 . TYR A 1 51  ? -4.629  2.459   -0.583  1.00 33.58 ? 42  TYR A CE2 1 
ATOM   363  C  CZ  . TYR A 1 51  ? -4.023  1.618   -1.490  1.00 34.03 ? 42  TYR A CZ  1 
ATOM   364  O  OH  . TYR A 1 51  ? -3.864  2.018   -2.792  1.00 37.12 ? 42  TYR A OH  1 
ATOM   365  N  N   . GLY A 1 52  ? -2.380  2.851   2.802   1.00 29.11 ? 43  GLY A N   1 
ATOM   366  C  CA  . GLY A 1 52  ? -2.287  4.274   2.513   1.00 30.00 ? 43  GLY A CA  1 
ATOM   367  C  C   . GLY A 1 52  ? -1.254  4.591   1.453   1.00 29.82 ? 43  GLY A C   1 
ATOM   368  O  O   . GLY A 1 52  ? -1.068  3.833   0.496   1.00 28.05 ? 43  GLY A O   1 
ATOM   369  N  N   . PHE A 1 53  ? -0.584  5.720   1.639   1.00 30.36 ? 44  PHE A N   1 
ATOM   370  C  CA  . PHE A 1 53  ? 0.434   6.178   0.717   1.00 32.66 ? 44  PHE A CA  1 
ATOM   371  C  C   . PHE A 1 53  ? 1.612   6.789   1.471   1.00 34.05 ? 44  PHE A C   1 
ATOM   372  O  O   . PHE A 1 53  ? 1.469   7.296   2.571   1.00 33.24 ? 44  PHE A O   1 
ATOM   373  C  CB  . PHE A 1 53  ? -0.153  7.202   -0.251  1.00 32.58 ? 44  PHE A CB  1 
ATOM   374  C  CG  . PHE A 1 53  ? -0.623  8.452   0.415   1.00 33.05 ? 44  PHE A CG  1 
ATOM   375  C  CD1 . PHE A 1 53  ? -1.908  8.537   0.913   1.00 34.61 ? 44  PHE A CD1 1 
ATOM   376  C  CD2 . PHE A 1 53  ? 0.221   9.535   0.559   1.00 34.11 ? 44  PHE A CD2 1 
ATOM   377  C  CE1 . PHE A 1 53  ? -2.348  9.681   1.554   1.00 35.18 ? 44  PHE A CE1 1 
ATOM   378  C  CE2 . PHE A 1 53  ? -0.211  10.693  1.188   1.00 34.70 ? 44  PHE A CE2 1 
ATOM   379  C  CZ  . PHE A 1 53  ? -1.498  10.764  1.689   1.00 35.64 ? 44  PHE A CZ  1 
ATOM   380  N  N   . ILE A 1 54  ? 2.778   6.733   0.848   1.00 36.75 ? 45  ILE A N   1 
ATOM   381  C  CA  . ILE A 1 54  ? 3.997   7.287   1.417   1.00 37.65 ? 45  ILE A CA  1 
ATOM   382  C  C   . ILE A 1 54  ? 3.983   8.794   1.148   1.00 39.72 ? 45  ILE A C   1 
ATOM   383  O  O   . ILE A 1 54  ? 3.776   9.219   0.017   1.00 42.32 ? 45  ILE A O   1 
ATOM   384  C  CB  . ILE A 1 54  ? 5.247   6.640   0.788   1.00 35.52 ? 45  ILE A CB  1 
ATOM   385  C  CG1 . ILE A 1 54  ? 5.153   5.121   0.904   1.00 34.38 ? 45  ILE A CG1 1 
ATOM   386  C  CG2 . ILE A 1 54  ? 6.522   7.161   1.446   1.00 35.51 ? 45  ILE A CG2 1 
ATOM   387  C  CD1 . ILE A 1 54  ? 6.328   4.381   0.315   1.00 34.84 ? 45  ILE A CD1 1 
ATOM   388  N  N   . GLU A 1 55  ? 4.174   9.591   2.194   1.00 41.66 ? 46  GLU A N   1 
ATOM   389  C  CA  . GLU A 1 55  ? 4.240   11.050  2.054   1.00 43.70 ? 46  GLU A CA  1 
ATOM   390  C  C   . GLU A 1 55  ? 5.416   11.482  1.154   1.00 42.24 ? 46  GLU A C   1 
ATOM   391  O  O   . GLU A 1 55  ? 6.466   10.837  1.127   1.00 41.96 ? 46  GLU A O   1 
ATOM   392  C  CB  . GLU A 1 55  ? 4.347   11.712  3.439   1.00 43.30 ? 46  GLU A CB  1 
ATOM   393  C  CG  . GLU A 1 55  ? 3.069   11.632  4.272   1.00 44.46 ? 46  GLU A CG  1 
ATOM   394  C  CD  . GLU A 1 55  ? 2.001   12.649  3.871   1.00 47.21 ? 46  GLU A CD  1 
ATOM   395  O  OE1 . GLU A 1 55  ? 2.331   13.692  3.266   1.00 48.48 ? 46  GLU A OE1 1 
ATOM   396  O  OE2 . GLU A 1 55  ? 0.808   12.425  4.175   1.00 49.54 ? 46  GLU A OE2 1 
ATOM   397  N  N   . ASP A 1 56  ? 5.214   12.563  0.405   1.00 43.78 ? 47  ASP A N   1 
ATOM   398  C  CA  . ASP A 1 56  ? 6.251   13.125  -0.473  1.00 45.44 ? 47  ASP A CA  1 
ATOM   399  C  C   . ASP A 1 56  ? 6.792   12.100  -1.479  1.00 46.61 ? 47  ASP A C   1 
ATOM   400  O  O   . ASP A 1 56  ? 7.999   11.865  -1.555  1.00 47.72 ? 47  ASP A O   1 
ATOM   401  C  CB  . ASP A 1 56  ? 7.406   13.686  0.362   1.00 46.12 ? 47  ASP A CB  1 
ATOM   402  C  CG  . ASP A 1 56  ? 6.931   14.592  1.483   1.00 47.33 ? 47  ASP A CG  1 
ATOM   403  O  OD1 . ASP A 1 56  ? 5.914   15.305  1.314   1.00 47.21 ? 47  ASP A OD1 1 
ATOM   404  O  OD2 . ASP A 1 56  ? 7.590   14.586  2.541   1.00 51.92 ? 47  ASP A OD2 1 
ATOM   405  N  N   . THR A 1 57  ? 5.881   11.478  -2.223  1.00 46.37 ? 48  THR A N   1 
ATOM   406  C  CA  . THR A 1 57  ? 6.244   10.592  -3.322  1.00 45.32 ? 48  THR A CA  1 
ATOM   407  C  C   . THR A 1 57  ? 5.389   10.882  -4.544  1.00 46.34 ? 48  THR A C   1 
ATOM   408  O  O   . THR A 1 57  ? 4.278   11.390  -4.449  1.00 45.02 ? 48  THR A O   1 
ATOM   409  C  CB  . THR A 1 57  ? 6.128   9.087   -2.965  1.00 45.71 ? 48  THR A CB  1 
ATOM   410  O  OG1 . THR A 1 57  ? 4.800   8.773   -2.509  1.00 43.28 ? 48  THR A OG1 1 
ATOM   411  C  CG2 . THR A 1 57  ? 7.151   8.707   -1.902  1.00 45.34 ? 48  THR A CG2 1 
ATOM   412  N  N   . LEU A 1 58  ? 5.952   10.583  -5.703  1.00 50.52 ? 49  LEU A N   1 
ATOM   413  C  CA  . LEU A 1 58  ? 5.215   10.601  -6.949  1.00 52.62 ? 49  LEU A CA  1 
ATOM   414  C  C   . LEU A 1 58  ? 5.596   9.296   -7.617  1.00 50.94 ? 49  LEU A C   1 
ATOM   415  O  O   . LEU A 1 58  ? 6.739   9.107   -8.024  1.00 47.67 ? 49  LEU A O   1 
ATOM   416  C  CB  . LEU A 1 58  ? 5.593   11.823  -7.790  1.00 58.54 ? 49  LEU A CB  1 
ATOM   417  C  CG  . LEU A 1 58  ? 4.556   12.336  -8.798  1.00 63.64 ? 49  LEU A CG  1 
ATOM   418  C  CD1 . LEU A 1 58  ? 3.250   12.746  -8.120  1.00 66.73 ? 49  LEU A CD1 1 
ATOM   419  C  CD2 . LEU A 1 58  ? 5.142   13.508  -9.568  1.00 63.81 ? 49  LEU A CD2 1 
ATOM   420  N  N   . GLY A 1 59  ? 4.650   8.367   -7.650  1.00 50.43 ? 50  GLY A N   1 
ATOM   421  C  CA  . GLY A 1 59  ? 4.905   7.035   -8.175  1.00 53.32 ? 50  GLY A CA  1 
ATOM   422  C  C   . GLY A 1 59  ? 4.881   6.965   -9.693  1.00 55.20 ? 50  GLY A C   1 
ATOM   423  O  O   . GLY A 1 59  ? 4.620   7.961   -10.390 1.00 54.34 ? 50  GLY A O   1 
ATOM   424  N  N   . ASP A 1 60  ? 5.122   5.756   -10.189 1.00 54.04 ? 51  ASP A N   1 
ATOM   425  C  CA  . ASP A 1 60  ? 5.265   5.485   -11.615 1.00 56.97 ? 51  ASP A CA  1 
ATOM   426  C  C   . ASP A 1 60  ? 4.024   5.822   -12.446 1.00 59.09 ? 51  ASP A C   1 
ATOM   427  O  O   . ASP A 1 60  ? 4.069   5.766   -13.674 1.00 66.56 ? 51  ASP A O   1 
ATOM   428  C  CB  . ASP A 1 60  ? 5.631   4.011   -11.823 1.00 54.60 ? 51  ASP A CB  1 
ATOM   429  C  CG  . ASP A 1 60  ? 7.041   3.660   -11.323 1.00 54.64 ? 51  ASP A CG  1 
ATOM   430  O  OD1 . ASP A 1 60  ? 7.878   4.564   -11.098 1.00 51.49 ? 51  ASP A OD1 1 
ATOM   431  O  OD2 . ASP A 1 60  ? 7.324   2.452   -11.159 1.00 55.82 ? 51  ASP A OD2 1 
ATOM   432  N  N   . ASP A 1 61  ? 2.925   6.160   -11.779 1.00 59.77 ? 52  ASP A N   1 
ATOM   433  C  CA  . ASP A 1 61  ? 1.695   6.574   -12.454 1.00 60.38 ? 52  ASP A CA  1 
ATOM   434  C  C   . ASP A 1 61  ? 1.323   8.024   -12.185 1.00 57.82 ? 52  ASP A C   1 
ATOM   435  O  O   . ASP A 1 61  ? 0.169   8.418   -12.366 1.00 54.47 ? 52  ASP A O   1 
ATOM   436  C  CB  . ASP A 1 61  ? 0.541   5.661   -12.033 1.00 65.67 ? 52  ASP A CB  1 
ATOM   437  C  CG  . ASP A 1 61  ? 0.120   5.863   -10.568 1.00 71.11 ? 52  ASP A CG  1 
ATOM   438  O  OD1 . ASP A 1 61  ? 0.950   6.298   -9.729  1.00 72.35 ? 52  ASP A OD1 1 
ATOM   439  O  OD2 . ASP A 1 61  ? -1.053  5.576   -10.259 1.00 73.79 ? 52  ASP A OD2 1 
ATOM   440  N  N   . GLY A 1 62  ? 2.296   8.814   -11.742 1.00 57.71 ? 53  GLY A N   1 
ATOM   441  C  CA  . GLY A 1 62  ? 2.048   10.215  -11.397 1.00 58.47 ? 53  GLY A CA  1 
ATOM   442  C  C   . GLY A 1 62  ? 1.169   10.455  -10.174 1.00 55.47 ? 53  GLY A C   1 
ATOM   443  O  O   . GLY A 1 62  ? 0.770   11.591  -9.923  1.00 56.33 ? 53  GLY A O   1 
ATOM   444  N  N   . ASP A 1 63  ? 0.873   9.399   -9.414  1.00 53.97 ? 54  ASP A N   1 
ATOM   445  C  CA  . ASP A 1 63  ? 0.145   9.527   -8.146  1.00 52.84 ? 54  ASP A CA  1 
ATOM   446  C  C   . ASP A 1 63  ? 1.065   9.109   -7.001  1.00 46.82 ? 54  ASP A C   1 
ATOM   447  O  O   . ASP A 1 63  ? 2.062   8.417   -7.226  1.00 43.64 ? 54  ASP A O   1 
ATOM   448  C  CB  . ASP A 1 63  ? -1.115  8.659   -8.160  1.00 57.53 ? 54  ASP A CB  1 
ATOM   449  C  CG  . ASP A 1 63  ? -2.185  9.185   -9.111  1.00 62.29 ? 54  ASP A CG  1 
ATOM   450  O  OD1 . ASP A 1 63  ? -1.962  10.225  -9.767  1.00 66.16 ? 54  ASP A OD1 1 
ATOM   451  O  OD2 . ASP A 1 63  ? -3.264  8.558   -9.201  1.00 66.19 ? 54  ASP A OD2 1 
ATOM   452  N  N   . PRO A 1 64  ? 0.738   9.515   -5.759  1.00 44.34 ? 55  PRO A N   1 
ATOM   453  C  CA  . PRO A 1 64  ? 1.602   9.082   -4.636  1.00 42.20 ? 55  PRO A CA  1 
ATOM   454  C  C   . PRO A 1 64  ? 1.713   7.557   -4.534  1.00 39.66 ? 55  PRO A C   1 
ATOM   455  O  O   . PRO A 1 64  ? 0.771   6.835   -4.882  1.00 37.98 ? 55  PRO A O   1 
ATOM   456  C  CB  . PRO A 1 64  ? 0.911   9.667   -3.397  1.00 42.52 ? 55  PRO A CB  1 
ATOM   457  C  CG  . PRO A 1 64  ? 0.044   10.768  -3.926  1.00 43.10 ? 55  PRO A CG  1 
ATOM   458  C  CD  . PRO A 1 64  ? -0.399  10.328  -5.297  1.00 42.92 ? 55  PRO A CD  1 
ATOM   459  N  N   . LEU A 1 65  ? 2.871   7.088   -4.082  1.00 36.88 ? 56  LEU A N   1 
ATOM   460  C  CA  . LEU A 1 65  ? 3.146   5.666   -4.002  1.00 35.73 ? 56  LEU A CA  1 
ATOM   461  C  C   . LEU A 1 65  ? 2.397   5.051   -2.820  1.00 36.06 ? 56  LEU A C   1 
ATOM   462  O  O   . LEU A 1 65  ? 2.473   5.544   -1.694  1.00 36.10 ? 56  LEU A O   1 
ATOM   463  C  CB  . LEU A 1 65  ? 4.652   5.424   -3.876  1.00 35.55 ? 56  LEU A CB  1 
ATOM   464  C  CG  . LEU A 1 65  ? 5.130   3.964   -3.901  1.00 35.38 ? 56  LEU A CG  1 
ATOM   465  C  CD1 . LEU A 1 65  ? 4.686   3.229   -5.164  1.00 34.42 ? 56  LEU A CD1 1 
ATOM   466  C  CD2 . LEU A 1 65  ? 6.646   3.905   -3.766  1.00 35.99 ? 56  LEU A CD2 1 
ATOM   467  N  N   . ASP A 1 66  ? 1.681   3.968   -3.102  1.00 35.91 ? 57  ASP A N   1 
ATOM   468  C  CA  . ASP A 1 66  ? 0.802   3.319   -2.139  1.00 36.15 ? 57  ASP A CA  1 
ATOM   469  C  C   . ASP A 1 66  ? 1.553   2.326   -1.244  1.00 35.15 ? 57  ASP A C   1 
ATOM   470  O  O   . ASP A 1 66  ? 2.539   1.716   -1.649  1.00 33.73 ? 57  ASP A O   1 
ATOM   471  C  CB  . ASP A 1 66  ? -0.329  2.600   -2.882  1.00 36.25 ? 57  ASP A CB  1 
ATOM   472  C  CG  . ASP A 1 66  ? -1.313  3.562   -3.517  1.00 37.38 ? 57  ASP A CG  1 
ATOM   473  O  OD1 . ASP A 1 66  ? -1.563  4.649   -2.940  1.00 39.67 ? 57  ASP A OD1 1 
ATOM   474  O  OD2 . ASP A 1 66  ? -1.852  3.224   -4.591  1.00 37.44 ? 57  ASP A OD2 1 
ATOM   475  N  N   . ALA A 1 67  ? 1.051   2.157   -0.024  1.00 34.67 ? 58  ALA A N   1 
ATOM   476  C  CA  . ALA A 1 67  ? 1.718   1.354   0.986   1.00 32.15 ? 58  ALA A CA  1 
ATOM   477  C  C   . ALA A 1 67  ? 0.719   0.508   1.743   1.00 32.13 ? 58  ALA A C   1 
ATOM   478  O  O   . ALA A 1 67  ? -0.399  0.949   2.021   1.00 32.77 ? 58  ALA A O   1 
ATOM   479  C  CB  . ALA A 1 67  ? 2.455   2.257   1.955   1.00 31.99 ? 58  ALA A CB  1 
ATOM   480  N  N   . LEU A 1 68  ? 1.156   -0.698  2.089   1.00 31.41 ? 59  LEU A N   1 
ATOM   481  C  CA  . LEU A 1 68  ? 0.446   -1.599  2.978   1.00 30.48 ? 59  LEU A CA  1 
ATOM   482  C  C   . LEU A 1 68  ? 1.289   -1.704  4.219   1.00 30.79 ? 59  LEU A C   1 
ATOM   483  O  O   . LEU A 1 68  ? 2.483   -1.978  4.122   1.00 31.80 ? 59  LEU A O   1 
ATOM   484  C  CB  . LEU A 1 68  ? 0.341   -2.982  2.354   1.00 31.46 ? 59  LEU A CB  1 
ATOM   485  C  CG  . LEU A 1 68  ? -0.169  -3.022  0.922   1.00 32.90 ? 59  LEU A CG  1 
ATOM   486  C  CD1 . LEU A 1 68  ? -0.104  -4.425  0.351   1.00 34.09 ? 59  LEU A CD1 1 
ATOM   487  C  CD2 . LEU A 1 68  ? -1.582  -2.490  0.883   1.00 34.04 ? 59  LEU A CD2 1 
ATOM   488  N  N   . VAL A 1 69  ? 0.689   -1.485  5.383   1.00 29.28 ? 60  VAL A N   1 
ATOM   489  C  CA  . VAL A 1 69  ? 1.432   -1.556  6.627   1.00 28.28 ? 60  VAL A CA  1 
ATOM   490  C  C   . VAL A 1 69  ? 0.877   -2.658  7.531   1.00 28.49 ? 60  VAL A C   1 
ATOM   491  O  O   . VAL A 1 69  ? -0.279  -2.628  7.900   1.00 28.70 ? 60  VAL A O   1 
ATOM   492  C  CB  . VAL A 1 69  ? 1.401   -0.221  7.374   1.00 29.00 ? 60  VAL A CB  1 
ATOM   493  C  CG1 . VAL A 1 69  ? 2.377   -0.248  8.552   1.00 30.11 ? 60  VAL A CG1 1 
ATOM   494  C  CG2 . VAL A 1 69  ? 1.756   0.923   6.443   1.00 29.70 ? 60  VAL A CG2 1 
ATOM   495  N  N   . LEU A 1 70  ? 1.715   -3.629  7.868   1.00 29.86 ? 61  LEU A N   1 
ATOM   496  C  CA  . LEU A 1 70  ? 1.350   -4.680  8.803   1.00 30.45 ? 61  LEU A CA  1 
ATOM   497  C  C   . LEU A 1 70  ? 1.368   -4.100  10.208  1.00 30.68 ? 61  LEU A C   1 
ATOM   498  O  O   . LEU A 1 70  ? 2.329   -3.447  10.589  1.00 30.60 ? 61  LEU A O   1 
ATOM   499  C  CB  . LEU A 1 70  ? 2.324   -5.844  8.719   1.00 30.99 ? 61  LEU A CB  1 
ATOM   500  C  CG  . LEU A 1 70  ? 2.429   -6.546  7.367   1.00 31.94 ? 61  LEU A CG  1 
ATOM   501  C  CD1 . LEU A 1 70  ? 3.515   -7.603  7.409   1.00 32.31 ? 61  LEU A CD1 1 
ATOM   502  C  CD2 . LEU A 1 70  ? 1.105   -7.188  6.981   1.00 32.46 ? 61  LEU A CD2 1 
ATOM   503  N  N   . LEU A 1 71  ? 0.286   -4.335  10.950  1.00 29.15 ? 62  LEU A N   1 
ATOM   504  C  CA  . LEU A 1 71  ? 0.091   -3.796  12.280  1.00 28.73 ? 62  LEU A CA  1 
ATOM   505  C  C   . LEU A 1 71  ? -0.567  -4.831  13.189  1.00 28.34 ? 62  LEU A C   1 
ATOM   506  O  O   . LEU A 1 71  ? -1.364  -5.645  12.726  1.00 26.35 ? 62  LEU A O   1 
ATOM   507  C  CB  . LEU A 1 71  ? -0.814  -2.561  12.215  1.00 29.08 ? 62  LEU A CB  1 
ATOM   508  C  CG  . LEU A 1 71  ? -0.267  -1.341  11.459  1.00 28.65 ? 62  LEU A CG  1 
ATOM   509  C  CD1 . LEU A 1 71  ? -1.296  -0.233  11.427  1.00 28.60 ? 62  LEU A CD1 1 
ATOM   510  C  CD2 . LEU A 1 71  ? 0.999   -0.832  12.110  1.00 28.65 ? 62  LEU A CD2 1 
ATOM   511  N  N   . PRO A 1 72  ? -0.248  -4.791  14.496  1.00 27.04 ? 63  PRO A N   1 
ATOM   512  C  CA  . PRO A 1 72  ? -0.959  -5.653  15.438  1.00 26.80 ? 63  PRO A CA  1 
ATOM   513  C  C   . PRO A 1 72  ? -2.376  -5.154  15.659  1.00 26.73 ? 63  PRO A C   1 
ATOM   514  O  O   . PRO A 1 72  ? -3.221  -5.907  16.093  1.00 27.20 ? 63  PRO A O   1 
ATOM   515  C  CB  . PRO A 1 72  ? -0.136  -5.514  16.730  1.00 26.52 ? 63  PRO A CB  1 
ATOM   516  C  CG  . PRO A 1 72  ? 0.428   -4.127  16.637  1.00 27.28 ? 63  PRO A CG  1 
ATOM   517  C  CD  . PRO A 1 72  ? 0.743   -3.935  15.173  1.00 26.85 ? 63  PRO A CD  1 
ATOM   518  N  N   . GLN A 1 73  ? -2.615  -3.876  15.395  1.00 26.95 ? 64  GLN A N   1 
ATOM   519  C  CA  . GLN A 1 73  ? -3.932  -3.297  15.556  1.00 27.03 ? 64  GLN A CA  1 
ATOM   520  C  C   . GLN A 1 73  ? -4.057  -2.139  14.583  1.00 26.45 ? 64  GLN A C   1 
ATOM   521  O  O   . GLN A 1 73  ? -3.128  -1.344  14.449  1.00 27.81 ? 64  GLN A O   1 
ATOM   522  C  CB  . GLN A 1 73  ? -4.135  -2.818  16.990  1.00 27.49 ? 64  GLN A CB  1 
ATOM   523  C  CG  . GLN A 1 73  ? -5.567  -2.421  17.320  1.00 28.32 ? 64  GLN A CG  1 
ATOM   524  C  CD  . GLN A 1 73  ? -5.688  -1.797  18.701  1.00 29.50 ? 64  GLN A CD  1 
ATOM   525  O  OE1 . GLN A 1 73  ? -5.322  -2.400  19.704  1.00 29.20 ? 64  GLN A OE1 1 
ATOM   526  N  NE2 . GLN A 1 73  ? -6.193  -0.574  18.757  1.00 31.23 ? 64  GLN A NE2 1 
ATOM   527  N  N   . PRO A 1 74  ? -5.192  -2.050  13.877  1.00 27.58 ? 65  PRO A N   1 
ATOM   528  C  CA  . PRO A 1 74  ? -5.366  -0.967  12.902  1.00 28.14 ? 65  PRO A CA  1 
ATOM   529  C  C   . PRO A 1 74  ? -5.354  0.415   13.535  1.00 30.04 ? 65  PRO A C   1 
ATOM   530  O  O   . PRO A 1 74  ? -5.626  0.554   14.727  1.00 29.86 ? 65  PRO A O   1 
ATOM   531  C  CB  . PRO A 1 74  ? -6.761  -1.227  12.320  1.00 28.21 ? 65  PRO A CB  1 
ATOM   532  C  CG  . PRO A 1 74  ? -7.049  -2.660  12.615  1.00 28.02 ? 65  PRO A CG  1 
ATOM   533  C  CD  . PRO A 1 74  ? -6.364  -2.945  13.919  1.00 27.57 ? 65  PRO A CD  1 
ATOM   534  N  N   . VAL A 1 75  ? -5.033  1.416   12.726  1.00 31.35 ? 66  VAL A N   1 
ATOM   535  C  CA  . VAL A 1 75  ? -5.144  2.802   13.129  1.00 33.33 ? 66  VAL A CA  1 
ATOM   536  C  C   . VAL A 1 75  ? -6.430  3.390   12.520  1.00 34.66 ? 66  VAL A C   1 
ATOM   537  O  O   . VAL A 1 75  ? -7.282  2.647   12.067  1.00 36.96 ? 66  VAL A O   1 
ATOM   538  C  CB  . VAL A 1 75  ? -3.861  3.602   12.771  1.00 33.06 ? 66  VAL A CB  1 
ATOM   539  C  CG1 . VAL A 1 75  ? -2.670  3.012   13.489  1.00 32.36 ? 66  VAL A CG1 1 
ATOM   540  C  CG2 . VAL A 1 75  ? -3.589  3.621   11.280  1.00 33.57 ? 66  VAL A CG2 1 
ATOM   541  N  N   . PHE A 1 76  ? -6.583  4.711   12.564  1.00 38.27 ? 67  PHE A N   1 
ATOM   542  C  CA  . PHE A 1 76  ? -7.719  5.415   11.970  1.00 38.91 ? 67  PHE A CA  1 
ATOM   543  C  C   . PHE A 1 76  ? -7.235  6.065   10.677  1.00 37.18 ? 67  PHE A C   1 
ATOM   544  O  O   . PHE A 1 76  ? -6.037  6.275   10.507  1.00 37.29 ? 67  PHE A O   1 
ATOM   545  C  CB  . PHE A 1 76  ? -8.225  6.519   12.911  1.00 42.67 ? 67  PHE A CB  1 
ATOM   546  C  CG  . PHE A 1 76  ? -8.769  6.018   14.227  1.00 49.01 ? 67  PHE A CG  1 
ATOM   547  C  CD1 . PHE A 1 76  ? -10.157 5.948   14.455  1.00 51.96 ? 67  PHE A CD1 1 
ATOM   548  C  CD2 . PHE A 1 76  ? -7.908  5.639   15.259  1.00 51.72 ? 67  PHE A CD2 1 
ATOM   549  C  CE1 . PHE A 1 76  ? -10.662 5.492   15.674  1.00 51.45 ? 67  PHE A CE1 1 
ATOM   550  C  CE2 . PHE A 1 76  ? -8.411  5.185   16.483  1.00 52.36 ? 67  PHE A CE2 1 
ATOM   551  C  CZ  . PHE A 1 76  ? -9.787  5.113   16.690  1.00 53.49 ? 67  PHE A CZ  1 
ATOM   552  N  N   . PRO A 1 77  ? -8.157  6.420   9.774   1.00 35.05 ? 68  PRO A N   1 
ATOM   553  C  CA  . PRO A 1 77  ? -7.745  7.139   8.582   1.00 36.05 ? 68  PRO A CA  1 
ATOM   554  C  C   . PRO A 1 77  ? -7.096  8.476   8.925   1.00 36.35 ? 68  PRO A C   1 
ATOM   555  O  O   . PRO A 1 77  ? -7.472  9.108   9.913   1.00 36.53 ? 68  PRO A O   1 
ATOM   556  C  CB  . PRO A 1 77  ? -9.064  7.364   7.830   1.00 36.59 ? 68  PRO A CB  1 
ATOM   557  C  CG  . PRO A 1 77  ? -9.975  6.309   8.334   1.00 36.56 ? 68  PRO A CG  1 
ATOM   558  C  CD  . PRO A 1 77  ? -9.608  6.169   9.781   1.00 36.71 ? 68  PRO A CD  1 
ATOM   559  N  N   . GLY A 1 78  ? -6.119  8.883   8.123   1.00 35.70 ? 69  GLY A N   1 
ATOM   560  C  CA  . GLY A 1 78  ? -5.397  10.136  8.352   1.00 35.33 ? 69  GLY A CA  1 
ATOM   561  C  C   . GLY A 1 78  ? -4.153  10.010  9.207   1.00 34.78 ? 69  GLY A C   1 
ATOM   562  O  O   . GLY A 1 78  ? -3.342  10.927  9.263   1.00 36.62 ? 69  GLY A O   1 
ATOM   563  N  N   . VAL A 1 79  ? -3.977  8.866   9.855   1.00 33.56 ? 70  VAL A N   1 
ATOM   564  C  CA  . VAL A 1 79  ? -2.889  8.689   10.812  1.00 32.49 ? 70  VAL A CA  1 
ATOM   565  C  C   . VAL A 1 79  ? -1.572  8.411   10.108  1.00 31.64 ? 70  VAL A C   1 
ATOM   566  O  O   . VAL A 1 79  ? -1.525  7.672   9.122   1.00 32.89 ? 70  VAL A O   1 
ATOM   567  C  CB  . VAL A 1 79  ? -3.213  7.550   11.801  1.00 32.54 ? 70  VAL A CB  1 
ATOM   568  C  CG1 . VAL A 1 79  ? -2.018  7.210   12.681  1.00 32.74 ? 70  VAL A CG1 1 
ATOM   569  C  CG2 . VAL A 1 79  ? -4.402  7.958   12.670  1.00 33.25 ? 70  VAL A CG2 1 
ATOM   570  N  N   . LEU A 1 80  ? -0.510  9.008   10.634  1.00 30.41 ? 71  LEU A N   1 
ATOM   571  C  CA  . LEU A 1 80  ? 0.843   8.805   10.139  1.00 31.14 ? 71  LEU A CA  1 
ATOM   572  C  C   . LEU A 1 80  ? 1.500   7.664   10.878  1.00 30.79 ? 71  LEU A C   1 
ATOM   573  O  O   . LEU A 1 80  ? 1.367   7.540   12.096  1.00 29.07 ? 71  LEU A O   1 
ATOM   574  C  CB  . LEU A 1 80  ? 1.695   10.055  10.384  1.00 32.90 ? 71  LEU A CB  1 
ATOM   575  C  CG  . LEU A 1 80  ? 1.575   11.271  9.464   1.00 34.94 ? 71  LEU A CG  1 
ATOM   576  C  CD1 . LEU A 1 80  ? 2.312   12.463  10.084  1.00 34.98 ? 71  LEU A CD1 1 
ATOM   577  C  CD2 . LEU A 1 80  ? 2.164   10.940  8.104   1.00 35.75 ? 71  LEU A CD2 1 
ATOM   578  N  N   . VAL A 1 81  ? 2.253   6.860   10.141  1.00 31.17 ? 72  VAL A N   1 
ATOM   579  C  CA  . VAL A 1 81  ? 2.989   5.752   10.720  1.00 31.47 ? 72  VAL A CA  1 
ATOM   580  C  C   . VAL A 1 81  ? 4.363   5.721   10.078  1.00 32.52 ? 72  VAL A C   1 
ATOM   581  O  O   . VAL A 1 81  ? 4.476   5.576   8.861   1.00 33.56 ? 72  VAL A O   1 
ATOM   582  C  CB  . VAL A 1 81  ? 2.286   4.399   10.462  1.00 31.91 ? 72  VAL A CB  1 
ATOM   583  C  CG1 . VAL A 1 81  ? 3.077   3.234   11.040  1.00 30.99 ? 72  VAL A CG1 1 
ATOM   584  C  CG2 . VAL A 1 81  ? 0.878   4.411   11.037  1.00 33.54 ? 72  VAL A CG2 1 
ATOM   585  N  N   . ALA A 1 82  ? 5.401   5.850   10.901  1.00 33.26 ? 73  ALA A N   1 
ATOM   586  C  CA  . ALA A 1 82  ? 6.769   5.627   10.464  1.00 32.25 ? 73  ALA A CA  1 
ATOM   587  C  C   . ALA A 1 82  ? 6.917   4.176   10.130  1.00 32.28 ? 73  ALA A C   1 
ATOM   588  O  O   . ALA A 1 82  ? 6.690   3.330   10.982  1.00 33.12 ? 73  ALA A O   1 
ATOM   589  C  CB  . ALA A 1 82  ? 7.751   6.004   11.556  1.00 32.40 ? 73  ALA A CB  1 
ATOM   590  N  N   . ALA A 1 83  ? 7.313   3.890   8.894   1.00 33.50 ? 74  ALA A N   1 
ATOM   591  C  CA  . ALA A 1 83  ? 7.371   2.517   8.391   1.00 34.20 ? 74  ALA A CA  1 
ATOM   592  C  C   . ALA A 1 83  ? 8.648   2.252   7.611   1.00 33.58 ? 74  ALA A C   1 
ATOM   593  O  O   . ALA A 1 83  ? 9.263   3.175   7.104   1.00 36.31 ? 74  ALA A O   1 
ATOM   594  C  CB  . ALA A 1 83  ? 6.166   2.247   7.508   1.00 33.40 ? 74  ALA A CB  1 
ATOM   595  N  N   . ARG A 1 84  ? 9.042   0.987   7.534   1.00 33.52 ? 75  ARG A N   1 
ATOM   596  C  CA  . ARG A 1 84  ? 10.122  0.572   6.658   1.00 34.10 ? 75  ARG A CA  1 
ATOM   597  C  C   . ARG A 1 84  ? 9.636   -0.557  5.767   1.00 35.41 ? 75  ARG A C   1 
ATOM   598  O  O   . ARG A 1 84  ? 8.879   -1.410  6.211   1.00 35.52 ? 75  ARG A O   1 
ATOM   599  C  CB  . ARG A 1 84  ? 11.358  0.147   7.444   1.00 34.10 ? 75  ARG A CB  1 
ATOM   600  C  CG  . ARG A 1 84  ? 11.177  -1.066  8.321   1.00 34.27 ? 75  ARG A CG  1 
ATOM   601  C  CD  . ARG A 1 84  ? 12.465  -1.425  9.048   1.00 33.44 ? 75  ARG A CD  1 
ATOM   602  N  NE  . ARG A 1 84  ? 12.200  -2.438  10.063  1.00 33.39 ? 75  ARG A NE  1 
ATOM   603  C  CZ  . ARG A 1 84  ? 11.987  -3.729  9.817   1.00 34.73 ? 75  ARG A CZ  1 
ATOM   604  N  NH1 . ARG A 1 84  ? 12.034  -4.210  8.579   1.00 35.12 ? 75  ARG A NH1 1 
ATOM   605  N  NH2 . ARG A 1 84  ? 11.737  -4.558  10.825  1.00 35.64 ? 75  ARG A NH2 1 
ATOM   606  N  N   . PRO A 1 85  ? 10.072  -0.563  4.499   1.00 36.26 ? 76  PRO A N   1 
ATOM   607  C  CA  . PRO A 1 85  ? 9.578   -1.512  3.521   1.00 35.92 ? 76  PRO A CA  1 
ATOM   608  C  C   . PRO A 1 85  ? 10.252  -2.861  3.631   1.00 36.05 ? 76  PRO A C   1 
ATOM   609  O  O   . PRO A 1 85  ? 11.406  -2.947  4.041   1.00 38.10 ? 76  PRO A O   1 
ATOM   610  C  CB  . PRO A 1 85  ? 9.952   -0.861  2.201   1.00 37.09 ? 76  PRO A CB  1 
ATOM   611  C  CG  . PRO A 1 85  ? 11.228  -0.148  2.517   1.00 38.26 ? 76  PRO A CG  1 
ATOM   612  C  CD  . PRO A 1 85  ? 11.062  0.362   3.914   1.00 37.72 ? 76  PRO A CD  1 
ATOM   613  N  N   . VAL A 1 86  ? 9.514   -3.905  3.283   1.00 34.03 ? 77  VAL A N   1 
ATOM   614  C  CA  . VAL A 1 86  ? 10.027  -5.265  3.304   1.00 33.04 ? 77  VAL A CA  1 
ATOM   615  C  C   . VAL A 1 86  ? 9.756   -6.038  2.004   1.00 32.62 ? 77  VAL A C   1 
ATOM   616  O  O   . VAL A 1 86  ? 10.132  -7.201  1.876   1.00 33.37 ? 77  VAL A O   1 
ATOM   617  C  CB  . VAL A 1 86  ? 9.447   -6.038  4.503   1.00 33.47 ? 77  VAL A CB  1 
ATOM   618  C  CG1 . VAL A 1 86  ? 9.881   -5.376  5.804   1.00 33.24 ? 77  VAL A CG1 1 
ATOM   619  C  CG2 . VAL A 1 86  ? 7.929   -6.126  4.418   1.00 32.69 ? 77  VAL A CG2 1 
ATOM   620  N  N   . GLY A 1 87  ? 9.130   -5.376  1.038   1.00 32.15 ? 78  GLY A N   1 
ATOM   621  C  CA  . GLY A 1 87  ? 8.752   -6.001  -0.223  1.00 31.70 ? 78  GLY A CA  1 
ATOM   622  C  C   . GLY A 1 87  ? 7.709   -5.136  -0.897  1.00 31.79 ? 78  GLY A C   1 
ATOM   623  O  O   . GLY A 1 87  ? 7.332   -4.085  -0.373  1.00 31.32 ? 78  GLY A O   1 
ATOM   624  N  N   . MET A 1 88  ? 7.236   -5.569  -2.054  1.00 31.42 ? 79  MET A N   1 
ATOM   625  C  CA  . MET A 1 88  ? 6.269   -4.788  -2.791  1.00 32.62 ? 79  MET A CA  1 
ATOM   626  C  C   . MET A 1 88  ? 5.354   -5.690  -3.595  1.00 33.08 ? 79  MET A C   1 
ATOM   627  O  O   . MET A 1 88  ? 5.762   -6.739  -4.087  1.00 34.60 ? 79  MET A O   1 
ATOM   628  C  CB  . MET A 1 88  ? 6.994   -3.794  -3.696  1.00 34.19 ? 79  MET A CB  1 
ATOM   629  C  CG  . MET A 1 88  ? 6.095   -2.903  -4.541  1.00 34.93 ? 79  MET A CG  1 
ATOM   630  S  SD  . MET A 1 88  ? 7.025   -1.534  -5.271  1.00 38.76 ? 79  MET A SD  1 
ATOM   631  C  CE  . MET A 1 88  ? 8.348   -2.446  -6.064  1.00 39.19 ? 79  MET A CE  1 
ATOM   632  N  N   . PHE A 1 89  ? 4.099   -5.280  -3.684  1.00 33.63 ? 80  PHE A N   1 
ATOM   633  C  CA  . PHE A 1 89  ? 3.127   -5.942  -4.535  1.00 34.63 ? 80  PHE A CA  1 
ATOM   634  C  C   . PHE A 1 89  ? 3.026   -5.117  -5.811  1.00 35.57 ? 80  PHE A C   1 
ATOM   635  O  O   . PHE A 1 89  ? 2.377   -4.061  -5.844  1.00 33.71 ? 80  PHE A O   1 
ATOM   636  C  CB  . PHE A 1 89  ? 1.757   -6.062  -3.841  1.00 33.85 ? 80  PHE A CB  1 
ATOM   637  C  CG  . PHE A 1 89  ? 0.746   -6.823  -4.645  1.00 33.05 ? 80  PHE A CG  1 
ATOM   638  C  CD1 . PHE A 1 89  ? 0.874   -8.187  -4.826  1.00 34.11 ? 80  PHE A CD1 1 
ATOM   639  C  CD2 . PHE A 1 89  ? -0.317  -6.172  -5.245  1.00 33.68 ? 80  PHE A CD2 1 
ATOM   640  C  CE1 . PHE A 1 89  ? -0.051  -8.894  -5.583  1.00 34.73 ? 80  PHE A CE1 1 
ATOM   641  C  CE2 . PHE A 1 89  ? -1.249  -6.870  -6.002  1.00 34.39 ? 80  PHE A CE2 1 
ATOM   642  C  CZ  . PHE A 1 89  ? -1.114  -8.235  -6.174  1.00 34.55 ? 80  PHE A CZ  1 
ATOM   643  N  N   . ARG A 1 90  ? 3.714   -5.593  -6.844  1.00 39.91 ? 81  ARG A N   1 
ATOM   644  C  CA  . ARG A 1 90  ? 3.656   -4.972  -8.166  1.00 42.46 ? 81  ARG A CA  1 
ATOM   645  C  C   . ARG A 1 90  ? 2.370   -5.388  -8.833  1.00 38.97 ? 81  ARG A C   1 
ATOM   646  O  O   . ARG A 1 90  ? 1.923   -6.525  -8.703  1.00 34.75 ? 81  ARG A O   1 
ATOM   647  C  CB  . ARG A 1 90  ? 4.845   -5.351  -9.053  1.00 47.22 ? 81  ARG A CB  1 
ATOM   648  C  CG  . ARG A 1 90  ? 5.946   -4.302  -9.105  1.00 52.14 ? 81  ARG A CG  1 
ATOM   649  C  CD  . ARG A 1 90  ? 6.847   -4.492  -10.317 1.00 57.85 ? 81  ARG A CD  1 
ATOM   650  N  NE  . ARG A 1 90  ? 8.255   -4.565  -9.917  1.00 64.10 ? 81  ARG A NE  1 
ATOM   651  C  CZ  . ARG A 1 90  ? 8.986   -3.533  -9.489  1.00 65.09 ? 81  ARG A CZ  1 
ATOM   652  N  NH1 . ARG A 1 90  ? 8.462   -2.314  -9.403  1.00 65.58 ? 81  ARG A NH1 1 
ATOM   653  N  NH2 . ARG A 1 90  ? 10.253  -3.725  -9.138  1.00 65.79 ? 81  ARG A NH2 1 
ATOM   654  N  N   . MET A 1 91  ? 1.790   -4.447  -9.558  1.00 39.04 ? 82  MET A N   1 
ATOM   655  C  CA  . MET A 1 91  ? 0.467   -4.619  -10.085 1.00 41.38 ? 82  MET A CA  1 
ATOM   656  C  C   . MET A 1 91  ? 0.132   -3.488  -11.064 1.00 41.33 ? 82  MET A C   1 
ATOM   657  O  O   . MET A 1 91  ? 0.583   -2.350  -10.914 1.00 41.24 ? 82  MET A O   1 
ATOM   658  C  CB  . MET A 1 91  ? -0.485  -4.671  -8.886  1.00 43.74 ? 82  MET A CB  1 
ATOM   659  C  CG  . MET A 1 91  ? -1.830  -4.011  -9.045  1.00 46.55 ? 82  MET A CG  1 
ATOM   660  S  SD  . MET A 1 91  ? -2.551  -3.629  -7.438  1.00 45.72 ? 82  MET A SD  1 
ATOM   661  C  CE  . MET A 1 91  ? -3.829  -2.513  -8.032  1.00 47.45 ? 82  MET A CE  1 
ATOM   662  N  N   . VAL A 1 92  ? -0.680  -3.821  -12.059 1.00 42.39 ? 83  VAL A N   1 
ATOM   663  C  CA  . VAL A 1 92  ? -1.156  -2.858  -13.043 1.00 42.67 ? 83  VAL A CA  1 
ATOM   664  C  C   . VAL A 1 92  ? -2.682  -2.894  -13.109 1.00 43.13 ? 83  VAL A C   1 
ATOM   665  O  O   . VAL A 1 92  ? -3.296  -3.970  -13.142 1.00 40.18 ? 83  VAL A O   1 
ATOM   666  C  CB  . VAL A 1 92  ? -0.562  -3.166  -14.440 1.00 44.93 ? 83  VAL A CB  1 
ATOM   667  C  CG1 . VAL A 1 92  ? -1.256  -2.356  -15.538 1.00 43.06 ? 83  VAL A CG1 1 
ATOM   668  C  CG2 . VAL A 1 92  ? 0.951   -2.916  -14.438 1.00 45.56 ? 83  VAL A CG2 1 
ATOM   669  N  N   . ASP A 1 93  ? -3.288  -1.714  -13.147 1.00 44.74 ? 84  ASP A N   1 
ATOM   670  C  CA  . ASP A 1 93  ? -4.728  -1.618  -13.279 1.00 48.96 ? 84  ASP A CA  1 
ATOM   671  C  C   . ASP A 1 93  ? -5.096  -0.786  -14.499 1.00 51.72 ? 84  ASP A C   1 
ATOM   672  O  O   . ASP A 1 93  ? -4.221  -0.400  -15.276 1.00 54.96 ? 84  ASP A O   1 
ATOM   673  C  CB  . ASP A 1 93  ? -5.358  -1.072  -11.984 1.00 48.85 ? 84  ASP A CB  1 
ATOM   674  C  CG  . ASP A 1 93  ? -4.990  0.367   -11.698 1.00 50.61 ? 84  ASP A CG  1 
ATOM   675  O  OD1 . ASP A 1 93  ? -4.301  1.025   -12.517 1.00 51.91 ? 84  ASP A OD1 1 
ATOM   676  O  OD2 . ASP A 1 93  ? -5.423  0.847   -10.629 1.00 53.53 ? 84  ASP A OD2 1 
ATOM   677  N  N   . GLU A 1 94  ? -6.393  -0.527  -14.664 1.00 51.48 ? 85  GLU A N   1 
ATOM   678  C  CA  . GLU A 1 94  ? -6.902  0.275   -15.776 1.00 54.27 ? 85  GLU A CA  1 
ATOM   679  C  C   . GLU A 1 94  ? -6.174  1.606   -15.999 1.00 55.57 ? 85  GLU A C   1 
ATOM   680  O  O   . GLU A 1 94  ? -6.141  2.095   -17.118 1.00 54.53 ? 85  GLU A O   1 
ATOM   681  C  CB  . GLU A 1 94  ? -8.424  0.502   -15.644 1.00 53.64 ? 85  GLU A CB  1 
ATOM   682  C  CG  . GLU A 1 94  ? -8.883  1.520   -14.595 1.00 51.16 ? 85  GLU A CG  1 
ATOM   683  C  CD  . GLU A 1 94  ? -8.948  0.974   -13.176 1.00 50.47 ? 85  GLU A CD  1 
ATOM   684  O  OE1 . GLU A 1 94  ? -8.701  -0.231  -12.943 1.00 49.96 ? 85  GLU A OE1 1 
ATOM   685  O  OE2 . GLU A 1 94  ? -9.250  1.772   -12.278 1.00 50.88 ? 85  GLU A OE2 1 
ATOM   686  N  N   . HIS A 1 95  ? -5.604  2.184   -14.942 1.00 57.62 ? 86  HIS A N   1 
ATOM   687  C  CA  . HIS A 1 95  ? -4.845  3.438   -15.059 1.00 60.98 ? 86  HIS A CA  1 
ATOM   688  C  C   . HIS A 1 95  ? -3.322  3.271   -15.030 1.00 58.09 ? 86  HIS A C   1 
ATOM   689  O  O   . HIS A 1 95  ? -2.590  4.234   -14.785 1.00 56.56 ? 86  HIS A O   1 
ATOM   690  C  CB  . HIS A 1 95  ? -5.250  4.387   -13.936 1.00 66.52 ? 86  HIS A CB  1 
ATOM   691  C  CG  . HIS A 1 95  ? -6.710  4.722   -13.923 1.00 74.95 ? 86  HIS A CG  1 
ATOM   692  N  ND1 . HIS A 1 95  ? -7.471  4.813   -15.071 1.00 75.31 ? 86  HIS A ND1 1 
ATOM   693  C  CD2 . HIS A 1 95  ? -7.542  5.008   -12.895 1.00 77.50 ? 86  HIS A CD2 1 
ATOM   694  C  CE1 . HIS A 1 95  ? -8.713  5.128   -14.748 1.00 75.13 ? 86  HIS A CE1 1 
ATOM   695  N  NE2 . HIS A 1 95  ? -8.781  5.253   -13.434 1.00 78.60 ? 86  HIS A NE2 1 
ATOM   696  N  N   . GLY A 1 96  ? -2.834  2.054   -15.250 1.00 53.01 ? 87  GLY A N   1 
ATOM   697  C  CA  . GLY A 1 96  ? -1.401  1.823   -15.328 1.00 49.08 ? 87  GLY A CA  1 
ATOM   698  C  C   . GLY A 1 96  ? -0.831  1.152   -14.103 1.00 47.72 ? 87  GLY A C   1 
ATOM   699  O  O   . GLY A 1 96  ? -1.509  0.357   -13.441 1.00 45.76 ? 87  GLY A O   1 
ATOM   700  N  N   . GLY A 1 97  ? 0.433   1.460   -13.824 1.00 46.83 ? 88  GLY A N   1 
ATOM   701  C  CA  . GLY A 1 97  ? 1.156   0.872   -12.700 1.00 47.07 ? 88  GLY A CA  1 
ATOM   702  C  C   . GLY A 1 97  ? 0.631   1.420   -11.388 1.00 45.91 ? 88  GLY A C   1 
ATOM   703  O  O   . GLY A 1 97  ? 0.355   2.613   -11.266 1.00 44.03 ? 88  GLY A O   1 
ATOM   704  N  N   . ASP A 1 98  ? 0.497   0.537   -10.406 1.00 45.69 ? 89  ASP A N   1 
ATOM   705  C  CA  . ASP A 1 98  ? -0.202  0.865   -9.174  1.00 45.37 ? 89  ASP A CA  1 
ATOM   706  C  C   . ASP A 1 98  ? 0.308   -0.072  -8.096  1.00 44.42 ? 89  ASP A C   1 
ATOM   707  O  O   . ASP A 1 98  ? -0.447  -0.846  -7.504  1.00 42.97 ? 89  ASP A O   1 
ATOM   708  C  CB  . ASP A 1 98  ? -1.715  0.715   -9.377  1.00 47.78 ? 89  ASP A CB  1 
ATOM   709  C  CG  . ASP A 1 98  ? -2.530  1.260   -8.210  1.00 50.45 ? 89  ASP A CG  1 
ATOM   710  O  OD1 . ASP A 1 98  ? -2.025  2.131   -7.463  1.00 50.02 ? 89  ASP A OD1 1 
ATOM   711  O  OD2 . ASP A 1 98  ? -3.689  0.810   -8.045  1.00 54.12 ? 89  ASP A OD2 1 
ATOM   712  N  N   . ASP A 1 99  ? 1.614   0.016   -7.870  1.00 40.80 ? 90  ASP A N   1 
ATOM   713  C  CA  . ASP A 1 99  ? 2.319   -0.853  -6.944  1.00 39.58 ? 90  ASP A CA  1 
ATOM   714  C  C   . ASP A 1 99  ? 2.044   -0.500  -5.494  1.00 38.40 ? 90  ASP A C   1 
ATOM   715  O  O   . ASP A 1 99  ? 1.731   0.649   -5.153  1.00 35.29 ? 90  ASP A O   1 
ATOM   716  C  CB  . ASP A 1 99  ? 3.823   -0.769  -7.178  1.00 40.53 ? 90  ASP A CB  1 
ATOM   717  C  CG  . ASP A 1 99  ? 4.217   -1.178  -8.577  1.00 41.82 ? 90  ASP A CG  1 
ATOM   718  O  OD1 . ASP A 1 99  ? 3.439   -1.879  -9.252  1.00 40.37 ? 90  ASP A OD1 1 
ATOM   719  O  OD2 . ASP A 1 99  ? 5.318   -0.801  -9.001  1.00 42.38 ? 90  ASP A OD2 1 
ATOM   720  N  N   . LYS A 1 100 ? 2.211   -1.505  -4.644  1.00 35.30 ? 91  LYS A N   1 
ATOM   721  C  CA  . LYS A 1 100 ? 1.925   -1.375  -3.233  1.00 34.57 ? 91  LYS A CA  1 
ATOM   722  C  C   . LYS A 1 100 ? 3.104   -1.872  -2.409  1.00 33.23 ? 91  LYS A C   1 
ATOM   723  O  O   . LYS A 1 100 ? 3.431   -3.056  -2.414  1.00 33.18 ? 91  LYS A O   1 
ATOM   724  C  CB  . LYS A 1 100 ? 0.638   -2.133  -2.892  1.00 34.42 ? 91  LYS A CB  1 
ATOM   725  C  CG  . LYS A 1 100 ? -0.629  -1.324  -3.156  1.00 34.79 ? 91  LYS A CG  1 
ATOM   726  C  CD  . LYS A 1 100 ? -1.224  -1.574  -4.521  1.00 34.69 ? 91  LYS A CD  1 
ATOM   727  C  CE  . LYS A 1 100 ? -2.636  -1.014  -4.674  1.00 35.47 ? 91  LYS A CE  1 
ATOM   728  N  NZ  . LYS A 1 100 ? -2.711  0.422   -5.064  1.00 36.29 ? 91  LYS A NZ  1 
ATOM   729  N  N   . VAL A 1 101 ? 3.736   -0.949  -1.702  1.00 32.33 ? 92  VAL A N   1 
ATOM   730  C  CA  . VAL A 1 101 ? 4.915   -1.250  -0.921  1.00 32.62 ? 92  VAL A CA  1 
ATOM   731  C  C   . VAL A 1 101 ? 4.486   -1.868  0.389   1.00 32.05 ? 92  VAL A C   1 
ATOM   732  O  O   . VAL A 1 101 ? 3.702   -1.278  1.122   1.00 32.26 ? 92  VAL A O   1 
ATOM   733  C  CB  . VAL A 1 101 ? 5.711   0.026   -0.605  1.00 33.35 ? 92  VAL A CB  1 
ATOM   734  C  CG1 . VAL A 1 101 ? 6.966   -0.316  0.175   1.00 33.76 ? 92  VAL A CG1 1 
ATOM   735  C  CG2 . VAL A 1 101 ? 6.059   0.767   -1.884  1.00 34.82 ? 92  VAL A CG2 1 
ATOM   736  N  N   . LEU A 1 102 ? 5.006   -3.047  0.686   1.00 31.10 ? 93  LEU A N   1 
ATOM   737  C  CA  . LEU A 1 102 ? 4.689   -3.713  1.935   1.00 31.51 ? 93  LEU A CA  1 
ATOM   738  C  C   . LEU A 1 102 ? 5.624   -3.229  3.028   1.00 32.11 ? 93  LEU A C   1 
ATOM   739  O  O   . LEU A 1 102 ? 6.840   -3.263  2.860   1.00 32.84 ? 93  LEU A O   1 
ATOM   740  C  CB  . LEU A 1 102 ? 4.828   -5.218  1.778   1.00 32.84 ? 93  LEU A CB  1 
ATOM   741  C  CG  . LEU A 1 102 ? 4.446   -6.057  2.999   1.00 34.22 ? 93  LEU A CG  1 
ATOM   742  C  CD1 . LEU A 1 102 ? 3.016   -5.781  3.468   1.00 34.25 ? 93  LEU A CD1 1 
ATOM   743  C  CD2 . LEU A 1 102 ? 4.636   -7.523  2.654   1.00 34.38 ? 93  LEU A CD2 1 
ATOM   744  N  N   . CYS A 1 103 ? 5.055   -2.785  4.147   1.00 33.09 ? 94  CYS A N   1 
ATOM   745  C  CA  . CYS A 1 103 ? 5.835   -2.212  5.234   1.00 32.44 ? 94  CYS A CA  1 
ATOM   746  C  C   . CYS A 1 103 ? 5.470   -2.783  6.583   1.00 32.75 ? 94  CYS A C   1 
ATOM   747  O  O   . CYS A 1 103 ? 4.423   -3.410  6.763   1.00 31.34 ? 94  CYS A O   1 
ATOM   748  C  CB  . CYS A 1 103 ? 5.622   -0.709  5.303   1.00 33.04 ? 94  CYS A CB  1 
ATOM   749  S  SG  . CYS A 1 103 ? 5.736   0.147   3.724   1.00 37.75 ? 94  CYS A SG  1 
ATOM   750  N  N   . VAL A 1 104 ? 6.356   -2.517  7.531   1.00 33.44 ? 95  VAL A N   1 
ATOM   751  C  CA  . VAL A 1 104 ? 6.141   -2.789  8.937   1.00 32.58 ? 95  VAL A CA  1 
ATOM   752  C  C   . VAL A 1 104 ? 6.571   -1.543  9.680   1.00 33.00 ? 95  VAL A C   1 
ATOM   753  O  O   . VAL A 1 104 ? 7.330   -0.747  9.123   1.00 32.25 ? 95  VAL A O   1 
ATOM   754  C  CB  . VAL A 1 104 ? 6.960   -3.985  9.413   1.00 33.92 ? 95  VAL A CB  1 
ATOM   755  C  CG1 . VAL A 1 104 ? 6.518   -5.236  8.673   1.00 34.26 ? 95  VAL A CG1 1 
ATOM   756  C  CG2 . VAL A 1 104 ? 8.451   -3.741  9.213   1.00 35.17 ? 95  VAL A CG2 1 
ATOM   757  N  N   . PRO A 1 105 ? 6.077   -1.349  10.923  1.00 32.95 ? 96  PRO A N   1 
ATOM   758  C  CA  . PRO A 1 105 ? 6.441   -0.160  11.696  1.00 33.34 ? 96  PRO A CA  1 
ATOM   759  C  C   . PRO A 1 105 ? 7.946   -0.064  11.911  1.00 34.26 ? 96  PRO A C   1 
ATOM   760  O  O   . PRO A 1 105 ? 8.580   -1.037  12.350  1.00 33.25 ? 96  PRO A O   1 
ATOM   761  C  CB  . PRO A 1 105 ? 5.717   -0.369  13.035  1.00 33.70 ? 96  PRO A CB  1 
ATOM   762  C  CG  . PRO A 1 105 ? 4.583   -1.288  12.716  1.00 33.70 ? 96  PRO A CG  1 
ATOM   763  C  CD  . PRO A 1 105 ? 5.116   -2.199  11.650  1.00 33.41 ? 96  PRO A CD  1 
ATOM   764  N  N   . ALA A 1 106 ? 8.509   1.097   11.581  1.00 34.77 ? 97  ALA A N   1 
ATOM   765  C  CA  . ALA A 1 106 ? 9.943   1.333   11.742  1.00 34.74 ? 97  ALA A CA  1 
ATOM   766  C  C   . ALA A 1 106 ? 10.248  1.563   13.210  1.00 35.57 ? 97  ALA A C   1 
ATOM   767  O  O   . ALA A 1 106 ? 9.479   2.218   13.906  1.00 36.92 ? 97  ALA A O   1 
ATOM   768  C  CB  . ALA A 1 106 ? 10.383  2.538   10.931  1.00 34.24 ? 97  ALA A CB  1 
ATOM   769  N  N   . GLY A 1 107 ? 11.365  1.018   13.677  1.00 35.92 ? 98  GLY A N   1 
ATOM   770  C  CA  . GLY A 1 107 ? 11.827  1.255   15.038  1.00 35.95 ? 98  GLY A CA  1 
ATOM   771  C  C   . GLY A 1 107 ? 11.090  0.428   16.066  1.00 37.90 ? 98  GLY A C   1 
ATOM   772  O  O   . GLY A 1 107 ? 11.155  0.707   17.253  1.00 41.62 ? 98  GLY A O   1 
ATOM   773  N  N   . ASP A 1 108 ? 10.387  -0.601  15.627  1.00 37.95 ? 99  ASP A N   1 
ATOM   774  C  CA  . ASP A 1 108 ? 9.649   -1.435  16.551  1.00 36.47 ? 99  ASP A CA  1 
ATOM   775  C  C   . ASP A 1 108 ? 10.282  -2.812  16.508  1.00 35.57 ? 99  ASP A C   1 
ATOM   776  O  O   . ASP A 1 108 ? 10.175  -3.509  15.503  1.00 36.03 ? 99  ASP A O   1 
ATOM   777  C  CB  . ASP A 1 108 ? 8.167   -1.473  16.175  1.00 36.41 ? 99  ASP A CB  1 
ATOM   778  C  CG  . ASP A 1 108 ? 7.319   -2.230  17.187  1.00 36.34 ? 99  ASP A CG  1 
ATOM   779  O  OD1 . ASP A 1 108 ? 7.845   -3.162  17.842  1.00 34.66 ? 99  ASP A OD1 1 
ATOM   780  O  OD2 . ASP A 1 108 ? 6.115   -1.898  17.315  1.00 35.70 ? 99  ASP A OD2 1 
ATOM   781  N  N   . PRO A 1 109 ? 10.945  -3.213  17.602  1.00 35.00 ? 100 PRO A N   1 
ATOM   782  C  CA  . PRO A 1 109 ? 11.663  -4.480  17.622  1.00 35.93 ? 100 PRO A CA  1 
ATOM   783  C  C   . PRO A 1 109 ? 10.772  -5.724  17.501  1.00 35.90 ? 100 PRO A C   1 
ATOM   784  O  O   . PRO A 1 109 ? 11.270  -6.812  17.210  1.00 37.28 ? 100 PRO A O   1 
ATOM   785  C  CB  . PRO A 1 109 ? 12.391  -4.451  18.979  1.00 36.52 ? 100 PRO A CB  1 
ATOM   786  C  CG  . PRO A 1 109 ? 11.584  -3.545  19.830  1.00 35.62 ? 100 PRO A CG  1 
ATOM   787  C  CD  . PRO A 1 109 ? 10.997  -2.524  18.904  1.00 35.69 ? 100 PRO A CD  1 
ATOM   788  N  N   . ARG A 1 110 ? 9.471   -5.570  17.705  1.00 34.70 ? 101 ARG A N   1 
ATOM   789  C  CA  . ARG A 1 110 ? 8.545   -6.676  17.493  1.00 34.10 ? 101 ARG A CA  1 
ATOM   790  C  C   . ARG A 1 110 ? 8.470   -7.096  16.032  1.00 33.56 ? 101 ARG A C   1 
ATOM   791  O  O   . ARG A 1 110 ? 8.035   -8.204  15.731  1.00 35.41 ? 101 ARG A O   1 
ATOM   792  C  CB  . ARG A 1 110 ? 7.154   -6.307  18.010  1.00 33.29 ? 101 ARG A CB  1 
ATOM   793  C  CG  . ARG A 1 110 ? 7.126   -6.214  19.521  1.00 34.30 ? 101 ARG A CG  1 
ATOM   794  C  CD  . ARG A 1 110 ? 5.866   -5.577  20.074  1.00 33.99 ? 101 ARG A CD  1 
ATOM   795  N  NE  . ARG A 1 110 ? 5.813   -4.157  19.746  1.00 33.20 ? 101 ARG A NE  1 
ATOM   796  C  CZ  . ARG A 1 110 ? 4.935   -3.306  20.259  1.00 32.38 ? 101 ARG A CZ  1 
ATOM   797  N  NH1 . ARG A 1 110 ? 4.037   -3.725  21.148  1.00 32.15 ? 101 ARG A NH1 1 
ATOM   798  N  NH2 . ARG A 1 110 ? 4.963   -2.031  19.890  1.00 32.90 ? 101 ARG A NH2 1 
ATOM   799  N  N   . TRP A 1 111 ? 8.883   -6.214  15.129  1.00 33.57 ? 102 TRP A N   1 
ATOM   800  C  CA  . TRP A 1 111 ? 8.899   -6.520  13.698  1.00 35.55 ? 102 TRP A CA  1 
ATOM   801  C  C   . TRP A 1 111 ? 10.290  -6.743  13.115  1.00 37.74 ? 102 TRP A C   1 
ATOM   802  O  O   . TRP A 1 111 ? 10.439  -6.804  11.887  1.00 37.61 ? 102 TRP A O   1 
ATOM   803  C  CB  . TRP A 1 111 ? 8.207   -5.399  12.935  1.00 34.72 ? 102 TRP A CB  1 
ATOM   804  C  CG  . TRP A 1 111 ? 6.781   -5.317  13.305  1.00 34.42 ? 102 TRP A CG  1 
ATOM   805  C  CD1 . TRP A 1 111 ? 6.238   -4.558  14.292  1.00 33.42 ? 102 TRP A CD1 1 
ATOM   806  C  CD2 . TRP A 1 111 ? 5.706   -6.058  12.721  1.00 33.00 ? 102 TRP A CD2 1 
ATOM   807  N  NE1 . TRP A 1 111 ? 4.884   -4.759  14.344  1.00 34.13 ? 102 TRP A NE1 1 
ATOM   808  C  CE2 . TRP A 1 111 ? 4.530   -5.675  13.387  1.00 32.54 ? 102 TRP A CE2 1 
ATOM   809  C  CE3 . TRP A 1 111 ? 5.623   -6.989  11.682  1.00 33.33 ? 102 TRP A CE3 1 
ATOM   810  C  CZ2 . TRP A 1 111 ? 3.281   -6.202  13.064  1.00 31.80 ? 102 TRP A CZ2 1 
ATOM   811  C  CZ3 . TRP A 1 111 ? 4.381   -7.513  11.356  1.00 32.95 ? 102 TRP A CZ3 1 
ATOM   812  C  CH2 . TRP A 1 111 ? 3.224   -7.122  12.053  1.00 32.07 ? 102 TRP A CH2 1 
ATOM   813  N  N   . ASP A 1 112 ? 11.291  -6.902  13.980  1.00 39.35 ? 103 ASP A N   1 
ATOM   814  C  CA  . ASP A 1 112 ? 12.675  -7.030  13.521  1.00 40.87 ? 103 ASP A CA  1 
ATOM   815  C  C   . ASP A 1 112 ? 12.908  -8.337  12.773  1.00 40.72 ? 103 ASP A C   1 
ATOM   816  O  O   . ASP A 1 112 ? 13.754  -8.395  11.893  1.00 39.37 ? 103 ASP A O   1 
ATOM   817  C  CB  . ASP A 1 112 ? 13.670  -6.867  14.674  1.00 41.32 ? 103 ASP A CB  1 
ATOM   818  C  CG  . ASP A 1 112 ? 13.915  -5.402  15.025  1.00 42.30 ? 103 ASP A CG  1 
ATOM   819  O  OD1 . ASP A 1 112 ? 13.386  -4.510  14.328  1.00 44.62 ? 103 ASP A OD1 1 
ATOM   820  O  OD2 . ASP A 1 112 ? 14.632  -5.133  16.008  1.00 43.73 ? 103 ASP A OD2 1 
ATOM   821  N  N   . HIS A 1 113 ? 12.128  -9.362  13.104  1.00 41.51 ? 104 HIS A N   1 
ATOM   822  C  CA  . HIS A 1 113 ? 12.152  -10.636 12.369  1.00 41.18 ? 104 HIS A CA  1 
ATOM   823  C  C   . HIS A 1 113 ? 11.614  -10.521 10.931  1.00 39.62 ? 104 HIS A C   1 
ATOM   824  O  O   . HIS A 1 113 ? 11.749  -11.448 10.153  1.00 41.16 ? 104 HIS A O   1 
ATOM   825  C  CB  . HIS A 1 113 ? 11.374  -11.724 13.138  1.00 43.84 ? 104 HIS A CB  1 
ATOM   826  C  CG  . HIS A 1 113 ? 9.874   -11.544 13.127  1.00 48.52 ? 104 HIS A CG  1 
ATOM   827  N  ND1 . HIS A 1 113 ? 9.223   -10.577 13.873  1.00 49.01 ? 104 HIS A ND1 1 
ATOM   828  C  CD2 . HIS A 1 113 ? 8.901   -12.226 12.473  1.00 47.31 ? 104 HIS A CD2 1 
ATOM   829  C  CE1 . HIS A 1 113 ? 7.920   -10.671 13.674  1.00 49.63 ? 104 HIS A CE1 1 
ATOM   830  N  NE2 . HIS A 1 113 ? 7.700   -11.661 12.828  1.00 49.31 ? 104 HIS A NE2 1 
ATOM   831  N  N   . VAL A 1 114 ? 10.992  -9.399  10.582  1.00 38.45 ? 105 VAL A N   1 
ATOM   832  C  CA  . VAL A 1 114 ? 10.482  -9.209  9.236   1.00 36.81 ? 105 VAL A CA  1 
ATOM   833  C  C   . VAL A 1 114 ? 11.365  -8.197  8.521   1.00 37.43 ? 105 VAL A C   1 
ATOM   834  O  O   . VAL A 1 114 ? 11.286  -6.989  8.763   1.00 34.01 ? 105 VAL A O   1 
ATOM   835  C  CB  . VAL A 1 114 ? 9.010   -8.755  9.216   1.00 36.80 ? 105 VAL A CB  1 
ATOM   836  C  CG1 . VAL A 1 114 ? 8.519   -8.643  7.777   1.00 37.12 ? 105 VAL A CG1 1 
ATOM   837  C  CG2 . VAL A 1 114 ? 8.126   -9.730  9.994   1.00 35.40 ? 105 VAL A CG2 1 
ATOM   838  N  N   . GLN A 1 115 ? 12.203  -8.721  7.632   1.00 38.98 ? 106 GLN A N   1 
ATOM   839  C  CA  . GLN A 1 115 ? 13.199  -7.924  6.915   1.00 40.03 ? 106 GLN A CA  1 
ATOM   840  C  C   . GLN A 1 115 ? 12.984  -7.909  5.397   1.00 38.74 ? 106 GLN A C   1 
ATOM   841  O  O   . GLN A 1 115 ? 13.168  -6.876  4.752   1.00 38.35 ? 106 GLN A O   1 
ATOM   842  C  CB  . GLN A 1 115 ? 14.608  -8.442  7.251   1.00 40.29 ? 106 GLN A CB  1 
ATOM   843  C  CG  . GLN A 1 115 ? 15.042  -8.187  8.696   1.00 39.39 ? 106 GLN A CG  1 
ATOM   844  C  CD  . GLN A 1 115 ? 15.092  -6.709  9.034   1.00 38.78 ? 106 GLN A CD  1 
ATOM   845  O  OE1 . GLN A 1 115 ? 15.376  -5.872  8.176   1.00 41.52 ? 106 GLN A OE1 1 
ATOM   846  N  NE2 . GLN A 1 115 ? 14.781  -6.373  10.276  1.00 38.40 ? 106 GLN A NE2 1 
ATOM   847  N  N   . ASP A 1 116 ? 12.619  -9.053  4.833   1.00 37.66 ? 107 ASP A N   1 
ATOM   848  C  CA  . ASP A 1 116 ? 12.377  -9.142  3.403   1.00 38.79 ? 107 ASP A CA  1 
ATOM   849  C  C   . ASP A 1 116 ? 11.116  -9.952  3.120   1.00 37.83 ? 107 ASP A C   1 
ATOM   850  O  O   . ASP A 1 116 ? 10.540  -10.569 4.019   1.00 38.22 ? 107 ASP A O   1 
ATOM   851  C  CB  . ASP A 1 116 ? 13.597  -9.759  2.690   1.00 39.15 ? 107 ASP A CB  1 
ATOM   852  C  CG  . ASP A 1 116 ? 13.871  -9.114  1.342   1.00 41.15 ? 107 ASP A CG  1 
ATOM   853  O  OD1 . ASP A 1 116 ? 12.916  -8.778  0.605   1.00 41.80 ? 107 ASP A OD1 1 
ATOM   854  O  OD2 . ASP A 1 116 ? 15.050  -8.926  1.014   1.00 45.79 ? 107 ASP A OD2 1 
ATOM   855  N  N   . ILE A 1 117 ? 10.714  -9.961  1.853   1.00 38.03 ? 108 ILE A N   1 
ATOM   856  C  CA  . ILE A 1 117 ? 9.467   -10.588 1.424   1.00 38.71 ? 108 ILE A CA  1 
ATOM   857  C  C   . ILE A 1 117 ? 9.298   -12.042 1.869   1.00 37.80 ? 108 ILE A C   1 
ATOM   858  O  O   . ILE A 1 117 ? 8.167   -12.499 2.091   1.00 39.52 ? 108 ILE A O   1 
ATOM   859  C  CB  . ILE A 1 117 ? 9.293   -10.487 -0.111  1.00 40.66 ? 108 ILE A CB  1 
ATOM   860  C  CG1 . ILE A 1 117 ? 7.828   -10.721 -0.507  1.00 41.40 ? 108 ILE A CG1 1 
ATOM   861  C  CG2 . ILE A 1 117 ? 10.221  -11.452 -0.844  1.00 40.82 ? 108 ILE A CG2 1 
ATOM   862  C  CD1 . ILE A 1 117 ? 6.852   -9.754  0.142   1.00 42.11 ? 108 ILE A CD1 1 
ATOM   863  N  N   . GLY A 1 118 ? 10.414  -12.756 1.990   1.00 36.99 ? 109 GLY A N   1 
ATOM   864  C  CA  . GLY A 1 118 ? 10.430  -14.149 2.463   1.00 36.65 ? 109 GLY A CA  1 
ATOM   865  C  C   . GLY A 1 118 ? 10.080  -14.319 3.935   1.00 38.82 ? 109 GLY A C   1 
ATOM   866  O  O   . GLY A 1 118 ? 9.769   -15.430 4.377   1.00 37.77 ? 109 GLY A O   1 
ATOM   867  N  N   . ASP A 1 119 ? 10.124  -13.223 4.695   1.00 40.31 ? 110 ASP A N   1 
ATOM   868  C  CA  . ASP A 1 119 ? 9.776   -13.230 6.117   1.00 41.23 ? 110 ASP A CA  1 
ATOM   869  C  C   . ASP A 1 119 ? 8.276   -13.083 6.399   1.00 41.08 ? 110 ASP A C   1 
ATOM   870  O  O   . ASP A 1 119 ? 7.855   -13.150 7.539   1.00 39.52 ? 110 ASP A O   1 
ATOM   871  C  CB  . ASP A 1 119 ? 10.530  -12.106 6.828   1.00 42.88 ? 110 ASP A CB  1 
ATOM   872  C  CG  . ASP A 1 119 ? 12.030  -12.231 6.682   1.00 42.78 ? 110 ASP A CG  1 
ATOM   873  O  OD1 . ASP A 1 119 ? 12.512  -13.374 6.760   1.00 45.71 ? 110 ASP A OD1 1 
ATOM   874  O  OD2 . ASP A 1 119 ? 12.719  -11.198 6.495   1.00 41.87 ? 110 ASP A OD2 1 
ATOM   875  N  N   . VAL A 1 120 ? 7.477   -12.863 5.363   1.00 40.28 ? 111 VAL A N   1 
ATOM   876  C  CA  . VAL A 1 120 ? 6.035   -12.750 5.531   1.00 39.63 ? 111 VAL A CA  1 
ATOM   877  C  C   . VAL A 1 120 ? 5.400   -14.044 5.040   1.00 38.47 ? 111 VAL A C   1 
ATOM   878  O  O   . VAL A 1 120 ? 5.657   -14.439 3.915   1.00 40.73 ? 111 VAL A O   1 
ATOM   879  C  CB  . VAL A 1 120 ? 5.467   -11.579 4.711   1.00 37.69 ? 111 VAL A CB  1 
ATOM   880  C  CG1 . VAL A 1 120 ? 3.986   -11.401 4.994   1.00 37.98 ? 111 VAL A CG1 1 
ATOM   881  C  CG2 . VAL A 1 120 ? 6.214   -10.296 5.030   1.00 38.11 ? 111 VAL A CG2 1 
ATOM   882  N  N   . PRO A 1 121 ? 4.549   -14.688 5.859   1.00 36.77 ? 112 PRO A N   1 
ATOM   883  C  CA  . PRO A 1 121 ? 3.968   -15.990 5.482   1.00 36.27 ? 112 PRO A CA  1 
ATOM   884  C  C   . PRO A 1 121 ? 3.232   -15.955 4.150   1.00 37.31 ? 112 PRO A C   1 
ATOM   885  O  O   . PRO A 1 121 ? 2.617   -14.944 3.804   1.00 39.88 ? 112 PRO A O   1 
ATOM   886  C  CB  . PRO A 1 121 ? 2.968   -16.281 6.607   1.00 36.56 ? 112 PRO A CB  1 
ATOM   887  C  CG  . PRO A 1 121 ? 3.330   -15.372 7.731   1.00 36.66 ? 112 PRO A CG  1 
ATOM   888  C  CD  . PRO A 1 121 ? 3.990   -14.171 7.120   1.00 37.78 ? 112 PRO A CD  1 
ATOM   889  N  N   . ALA A 1 122 ? 3.289   -17.055 3.410   1.00 37.38 ? 113 ALA A N   1 
ATOM   890  C  CA  . ALA A 1 122 ? 2.637   -17.127 2.107   1.00 39.24 ? 113 ALA A CA  1 
ATOM   891  C  C   . ALA A 1 122 ? 1.126   -16.913 2.216   1.00 39.86 ? 113 ALA A C   1 
ATOM   892  O  O   . ALA A 1 122 ? 0.511   -16.359 1.297   1.00 40.65 ? 113 ALA A O   1 
ATOM   893  C  CB  . ALA A 1 122 ? 2.936   -18.456 1.431   1.00 38.98 ? 113 ALA A CB  1 
ATOM   894  N  N   . PHE A 1 123 ? 0.537   -17.350 3.327   1.00 39.13 ? 114 PHE A N   1 
ATOM   895  C  CA  . PHE A 1 123 ? -0.890  -17.097 3.608   1.00 41.56 ? 114 PHE A CA  1 
ATOM   896  C  C   . PHE A 1 123 ? -1.287  -15.610 3.574   1.00 39.75 ? 114 PHE A C   1 
ATOM   897  O  O   . PHE A 1 123 ? -2.276  -15.251 2.948   1.00 36.85 ? 114 PHE A O   1 
ATOM   898  C  CB  . PHE A 1 123 ? -1.283  -17.704 4.948   1.00 43.51 ? 114 PHE A CB  1 
ATOM   899  C  CG  . PHE A 1 123 ? -1.271  -19.205 4.952   1.00 47.61 ? 114 PHE A CG  1 
ATOM   900  C  CD1 . PHE A 1 123 ? -2.222  -19.928 4.218   1.00 50.88 ? 114 PHE A CD1 1 
ATOM   901  C  CD2 . PHE A 1 123 ? -0.313  -19.913 5.688   1.00 49.69 ? 114 PHE A CD2 1 
ATOM   902  C  CE1 . PHE A 1 123 ? -2.217  -21.324 4.222   1.00 50.72 ? 114 PHE A CE1 1 
ATOM   903  C  CE2 . PHE A 1 123 ? -0.303  -21.308 5.691   1.00 49.72 ? 114 PHE A CE2 1 
ATOM   904  C  CZ  . PHE A 1 123 ? -1.256  -22.014 4.960   1.00 49.83 ? 114 PHE A CZ  1 
ATOM   905  N  N   . GLU A 1 124 ? -0.515  -14.751 4.230   1.00 39.07 ? 115 GLU A N   1 
ATOM   906  C  CA  . GLU A 1 124 ? -0.821  -13.321 4.240   1.00 38.53 ? 115 GLU A CA  1 
ATOM   907  C  C   . GLU A 1 124 ? -0.605  -12.728 2.869   1.00 36.99 ? 115 GLU A C   1 
ATOM   908  O  O   . GLU A 1 124 ? -1.408  -11.916 2.391   1.00 37.19 ? 115 GLU A O   1 
ATOM   909  C  CB  . GLU A 1 124 ? 0.047   -12.576 5.251   1.00 42.37 ? 115 GLU A CB  1 
ATOM   910  C  CG  . GLU A 1 124 ? -0.258  -12.944 6.695   1.00 48.68 ? 115 GLU A CG  1 
ATOM   911  C  CD  . GLU A 1 124 ? 0.586   -12.173 7.713   1.00 52.26 ? 115 GLU A CD  1 
ATOM   912  O  OE1 . GLU A 1 124 ? 0.972   -11.014 7.440   1.00 49.66 ? 115 GLU A OE1 1 
ATOM   913  O  OE2 . GLU A 1 124 ? 0.858   -12.737 8.799   1.00 55.53 ? 115 GLU A OE2 1 
ATOM   914  N  N   . LEU A 1 125 ? 0.486   -13.134 2.232   1.00 34.82 ? 116 LEU A N   1 
ATOM   915  C  CA  . LEU A 1 125 ? 0.818   -12.624 0.913   1.00 33.31 ? 116 LEU A CA  1 
ATOM   916  C  C   . LEU A 1 125 ? -0.227  -13.010 -0.116  1.00 30.60 ? 116 LEU A C   1 
ATOM   917  O  O   . LEU A 1 125 ? -0.595  -12.188 -0.934  1.00 32.16 ? 116 LEU A O   1 
ATOM   918  C  CB  . LEU A 1 125 ? 2.199   -13.100 0.477   1.00 33.97 ? 116 LEU A CB  1 
ATOM   919  C  CG  . LEU A 1 125 ? 3.368   -12.573 1.314   1.00 34.98 ? 116 LEU A CG  1 
ATOM   920  C  CD1 . LEU A 1 125 ? 4.673   -13.085 0.722   1.00 35.19 ? 116 LEU A CD1 1 
ATOM   921  C  CD2 . LEU A 1 125 ? 3.391   -11.052 1.405   1.00 33.61 ? 116 LEU A CD2 1 
ATOM   922  N  N   . ASP A 1 126 ? -0.706  -14.245 -0.061  1.00 29.44 ? 117 ASP A N   1 
ATOM   923  C  CA  . ASP A 1 126 ? -1.760  -14.705 -0.962  1.00 30.14 ? 117 ASP A CA  1 
ATOM   924  C  C   . ASP A 1 126 ? -3.066  -13.969 -0.714  1.00 29.75 ? 117 ASP A C   1 
ATOM   925  O  O   . ASP A 1 126 ? -3.784  -13.624 -1.648  1.00 31.15 ? 117 ASP A O   1 
ATOM   926  C  CB  . ASP A 1 126 ? -2.014  -16.204 -0.769  1.00 32.15 ? 117 ASP A CB  1 
ATOM   927  C  CG  . ASP A 1 126 ? -0.888  -17.070 -1.294  1.00 33.34 ? 117 ASP A CG  1 
ATOM   928  O  OD1 . ASP A 1 126 ? -0.096  -16.596 -2.119  1.00 36.35 ? 117 ASP A OD1 1 
ATOM   929  O  OD2 . ASP A 1 126 ? -0.786  -18.240 -0.877  1.00 37.05 ? 117 ASP A OD2 1 
ATOM   930  N  N   . ALA A 1 127 ? -3.385  -13.749 0.557   1.00 28.74 ? 118 ALA A N   1 
ATOM   931  C  CA  . ALA A 1 127 ? -4.588  -13.018 0.928   1.00 26.55 ? 118 ALA A CA  1 
ATOM   932  C  C   . ALA A 1 127 ? -4.518  -11.594 0.394   1.00 25.49 ? 118 ALA A C   1 
ATOM   933  O  O   . ALA A 1 127 ? -5.462  -11.092 -0.197  1.00 25.39 ? 118 ALA A O   1 
ATOM   934  C  CB  . ALA A 1 127 ? -4.779  -13.043 2.438   1.00 25.42 ? 118 ALA A CB  1 
ATOM   935  N  N   . ILE A 1 128 ? -3.381  -10.945 0.560   1.00 25.51 ? 119 ILE A N   1 
ATOM   936  C  CA  . ILE A 1 128 ? -3.252  -9.565  0.104   1.00 26.16 ? 119 ILE A CA  1 
ATOM   937  C  C   . ILE A 1 128 ? -3.443  -9.502  -1.409  1.00 28.23 ? 119 ILE A C   1 
ATOM   938  O  O   . ILE A 1 128 ? -4.167  -8.653  -1.926  1.00 28.31 ? 119 ILE A O   1 
ATOM   939  C  CB  . ILE A 1 128 ? -1.889  -8.977  0.516   1.00 26.79 ? 119 ILE A CB  1 
ATOM   940  C  CG1 . ILE A 1 128 ? -1.856  -8.751  2.029   1.00 27.03 ? 119 ILE A CG1 1 
ATOM   941  C  CG2 . ILE A 1 128 ? -1.608  -7.661  -0.200  1.00 26.66 ? 119 ILE A CG2 1 
ATOM   942  C  CD1 . ILE A 1 128 ? -0.470  -8.720  2.641   1.00 26.74 ? 119 ILE A CD1 1 
ATOM   943  N  N   . LYS A 1 129 ? -2.779  -10.410 -2.113  1.00 30.61 ? 120 LYS A N   1 
ATOM   944  C  CA  . LYS A 1 129 ? -2.878  -10.516 -3.565  1.00 31.29 ? 120 LYS A CA  1 
ATOM   945  C  C   . LYS A 1 129 ? -4.313  -10.761 -4.012  1.00 30.72 ? 120 LYS A C   1 
ATOM   946  O  O   . LYS A 1 129 ? -4.850  -10.078 -4.890  1.00 31.47 ? 120 LYS A O   1 
ATOM   947  C  CB  . LYS A 1 129 ? -2.005  -11.669 -4.035  1.00 34.14 ? 120 LYS A CB  1 
ATOM   948  C  CG  . LYS A 1 129 ? -2.103  -11.954 -5.518  1.00 36.93 ? 120 LYS A CG  1 
ATOM   949  C  CD  A LYS A 1 129 ? -1.145  -13.062 -5.906  1.00 38.49 ? 120 LYS A CD  1 
ATOM   950  C  CE  A LYS A 1 129 ? -1.463  -13.495 -7.317  1.00 41.19 ? 120 LYS A CE  1 
ATOM   951  N  NZ  A LYS A 1 129 ? -0.331  -14.251 -7.886  1.00 45.10 ? 120 LYS A NZ  1 
ATOM   952  N  N   . HIS A 1 130 ? -4.939  -11.746 -3.392  1.00 29.51 ? 121 HIS A N   1 
ATOM   953  C  CA  . HIS A 1 130 ? -6.339  -12.040 -3.675  1.00 29.12 ? 121 HIS A CA  1 
ATOM   954  C  C   . HIS A 1 130 ? -7.233  -10.798 -3.574  1.00 27.52 ? 121 HIS A C   1 
ATOM   955  O  O   . HIS A 1 130 ? -8.109  -10.586 -4.413  1.00 27.23 ? 121 HIS A O   1 
ATOM   956  C  CB  . HIS A 1 130 ? -6.844  -13.124 -2.736  1.00 28.82 ? 121 HIS A CB  1 
ATOM   957  C  CG  . HIS A 1 130 ? -8.214  -13.601 -3.071  1.00 29.50 ? 121 HIS A CG  1 
ATOM   958  N  ND1 . HIS A 1 130 ? -9.349  -12.928 -2.676  1.00 29.71 ? 121 HIS A ND1 1 
ATOM   959  C  CD2 . HIS A 1 130 ? -8.635  -14.667 -3.790  1.00 29.81 ? 121 HIS A CD2 1 
ATOM   960  C  CE1 . HIS A 1 130 ? -10.413 -13.577 -3.113  1.00 29.73 ? 121 HIS A CE1 1 
ATOM   961  N  NE2 . HIS A 1 130 ? -10.008 -14.637 -3.790  1.00 29.93 ? 121 HIS A NE2 1 
ATOM   962  N  N   . PHE A 1 131 ? -6.995  -9.971  -2.561  1.00 26.79 ? 122 PHE A N   1 
ATOM   963  C  CA  . PHE A 1 131 ? -7.779  -8.764  -2.415  1.00 26.15 ? 122 PHE A CA  1 
ATOM   964  C  C   . PHE A 1 131 ? -7.626  -7.907  -3.646  1.00 27.33 ? 122 PHE A C   1 
ATOM   965  O  O   . PHE A 1 131 ? -8.613  -7.450  -4.218  1.00 28.80 ? 122 PHE A O   1 
ATOM   966  C  CB  . PHE A 1 131 ? -7.386  -7.945  -1.187  1.00 25.42 ? 122 PHE A CB  1 
ATOM   967  C  CG  . PHE A 1 131 ? -8.118  -6.635  -1.099  1.00 25.74 ? 122 PHE A CG  1 
ATOM   968  C  CD1 . PHE A 1 131 ? -9.384  -6.578  -0.558  1.00 25.76 ? 122 PHE A CD1 1 
ATOM   969  C  CD2 . PHE A 1 131 ? -7.555  -5.467  -1.608  1.00 26.07 ? 122 PHE A CD2 1 
ATOM   970  C  CE1 . PHE A 1 131 ? -10.074 -5.379  -0.493  1.00 26.36 ? 122 PHE A CE1 1 
ATOM   971  C  CE2 . PHE A 1 131 ? -8.234  -4.268  -1.555  1.00 25.93 ? 122 PHE A CE2 1 
ATOM   972  C  CZ  . PHE A 1 131 ? -9.503  -4.224  -0.994  1.00 26.79 ? 122 PHE A CZ  1 
ATOM   973  N  N   . PHE A 1 132 ? -6.391  -7.650  -4.048  1.00 27.47 ? 123 PHE A N   1 
ATOM   974  C  CA  . PHE A 1 132 ? -6.189  -6.704  -5.134  1.00 28.46 ? 123 PHE A CA  1 
ATOM   975  C  C   . PHE A 1 132 ? -6.560  -7.294  -6.487  1.00 30.04 ? 123 PHE A C   1 
ATOM   976  O  O   . PHE A 1 132 ? -6.994  -6.573  -7.380  1.00 30.39 ? 123 PHE A O   1 
ATOM   977  C  CB  . PHE A 1 132 ? -4.783  -6.136  -5.107  1.00 27.96 ? 123 PHE A CB  1 
ATOM   978  C  CG  . PHE A 1 132 ? -4.579  -5.159  -4.001  1.00 28.48 ? 123 PHE A CG  1 
ATOM   979  C  CD1 . PHE A 1 132 ? -5.173  -3.897  -4.061  1.00 28.67 ? 123 PHE A CD1 1 
ATOM   980  C  CD2 . PHE A 1 132 ? -3.855  -5.503  -2.872  1.00 28.59 ? 123 PHE A CD2 1 
ATOM   981  C  CE1 . PHE A 1 132 ? -5.013  -2.984  -3.034  1.00 27.32 ? 123 PHE A CE1 1 
ATOM   982  C  CE2 . PHE A 1 132 ? -3.692  -4.592  -1.841  1.00 28.77 ? 123 PHE A CE2 1 
ATOM   983  C  CZ  . PHE A 1 132 ? -4.275  -3.336  -1.923  1.00 28.15 ? 123 PHE A CZ  1 
ATOM   984  N  N   . VAL A 1 133 ? -6.453  -8.612  -6.613  1.00 32.44 ? 124 VAL A N   1 
ATOM   985  C  CA  . VAL A 1 133 ? -6.912  -9.295  -7.817  1.00 33.10 ? 124 VAL A CA  1 
ATOM   986  C  C   . VAL A 1 133 ? -8.425  -9.184  -7.971  1.00 34.21 ? 124 VAL A C   1 
ATOM   987  O  O   . VAL A 1 133 ? -8.920  -9.121  -9.081  1.00 35.51 ? 124 VAL A O   1 
ATOM   988  C  CB  . VAL A 1 133 ? -6.476  -10.777 -7.815  1.00 34.77 ? 124 VAL A CB  1 
ATOM   989  C  CG1 . VAL A 1 133 ? -7.148  -11.577 -8.937  1.00 34.72 ? 124 VAL A CG1 1 
ATOM   990  C  CG2 . VAL A 1 133 ? -4.967  -10.872 -7.947  1.00 34.82 ? 124 VAL A CG2 1 
ATOM   991  N  N   . HIS A 1 134 ? -9.165  -9.131  -6.871  1.00 35.71 ? 125 HIS A N   1 
ATOM   992  C  CA  . HIS A 1 134 ? -10.632 -9.249  -6.957  1.00 36.54 ? 125 HIS A CA  1 
ATOM   993  C  C   . HIS A 1 134 ? -11.461 -8.053  -6.528  1.00 35.84 ? 125 HIS A C   1 
ATOM   994  O  O   . HIS A 1 134 ? -12.637 -7.987  -6.884  1.00 37.50 ? 125 HIS A O   1 
ATOM   995  C  CB  . HIS A 1 134 ? -11.097 -10.474 -6.178  1.00 34.85 ? 125 HIS A CB  1 
ATOM   996  C  CG  . HIS A 1 134 ? -10.620 -11.760 -6.766  1.00 36.34 ? 125 HIS A CG  1 
ATOM   997  N  ND1 . HIS A 1 134 ? -11.206 -12.329 -7.878  1.00 36.73 ? 125 HIS A ND1 1 
ATOM   998  C  CD2 . HIS A 1 134 ? -9.614  -12.590 -6.402  1.00 36.53 ? 125 HIS A CD2 1 
ATOM   999  C  CE1 . HIS A 1 134 ? -10.578 -13.454 -8.174  1.00 36.34 ? 125 HIS A CE1 1 
ATOM   1000 N  NE2 . HIS A 1 134 ? -9.610  -13.636 -7.293  1.00 36.67 ? 125 HIS A NE2 1 
ATOM   1001 N  N   . TYR A 1 135 ? -10.890 -7.118  -5.776  1.00 35.22 ? 126 TYR A N   1 
ATOM   1002 C  CA  . TYR A 1 135 ? -11.716 -6.049  -5.182  1.00 35.33 ? 126 TYR A CA  1 
ATOM   1003 C  C   . TYR A 1 135 ? -12.520 -5.257  -6.213  1.00 35.88 ? 126 TYR A C   1 
ATOM   1004 O  O   . TYR A 1 135 ? -13.635 -4.823  -5.912  1.00 37.05 ? 126 TYR A O   1 
ATOM   1005 C  CB  . TYR A 1 135 ? -10.932 -5.130  -4.228  1.00 35.34 ? 126 TYR A CB  1 
ATOM   1006 C  CG  . TYR A 1 135 ? -9.978  -4.111  -4.829  1.00 37.58 ? 126 TYR A CG  1 
ATOM   1007 C  CD1 . TYR A 1 135 ? -8.969  -4.493  -5.702  1.00 39.87 ? 126 TYR A CD1 1 
ATOM   1008 C  CD2 . TYR A 1 135 ? -10.048 -2.761  -4.473  1.00 39.15 ? 126 TYR A CD2 1 
ATOM   1009 C  CE1 . TYR A 1 135 ? -8.079  -3.572  -6.232  1.00 40.62 ? 126 TYR A CE1 1 
ATOM   1010 C  CE2 . TYR A 1 135 ? -9.156  -1.828  -4.996  1.00 41.39 ? 126 TYR A CE2 1 
ATOM   1011 C  CZ  . TYR A 1 135 ? -8.170  -2.239  -5.877  1.00 42.07 ? 126 TYR A CZ  1 
ATOM   1012 O  OH  . TYR A 1 135 ? -7.262  -1.340  -6.421  1.00 45.21 ? 126 TYR A OH  1 
ATOM   1013 N  N   . LYS A 1 136 ? -11.979 -5.112  -7.426  1.00 36.04 ? 127 LYS A N   1 
ATOM   1014 C  CA  . LYS A 1 136 ? -12.662 -4.391  -8.511  1.00 36.74 ? 127 LYS A CA  1 
ATOM   1015 C  C   . LYS A 1 136 ? -13.441 -5.267  -9.495  1.00 34.77 ? 127 LYS A C   1 
ATOM   1016 O  O   . LYS A 1 136 ? -13.923 -4.762  -10.505 1.00 33.38 ? 127 LYS A O   1 
ATOM   1017 C  CB  . LYS A 1 136 ? -11.662 -3.511  -9.261  1.00 39.51 ? 127 LYS A CB  1 
ATOM   1018 C  CG  . LYS A 1 136 ? -11.079 -2.436  -8.359  1.00 41.93 ? 127 LYS A CG  1 
ATOM   1019 C  CD  . LYS A 1 136 ? -10.295 -1.369  -9.107  1.00 45.05 ? 127 LYS A CD  1 
ATOM   1020 C  CE  . LYS A 1 136 ? -8.867  -1.785  -9.460  1.00 46.43 ? 127 LYS A CE  1 
ATOM   1021 N  NZ  . LYS A 1 136 ? -7.935  -0.611  -9.397  1.00 48.42 ? 127 LYS A NZ  1 
ATOM   1022 N  N   . ASP A 1 137 ? -13.612 -6.549  -9.171  1.00 35.30 ? 128 ASP A N   1 
ATOM   1023 C  CA  . ASP A 1 137 ? -14.316 -7.503  -10.038 1.00 34.78 ? 128 ASP A CA  1 
ATOM   1024 C  C   . ASP A 1 137 ? -15.639 -6.989  -10.579 1.00 36.82 ? 128 ASP A C   1 
ATOM   1025 O  O   . ASP A 1 137 ? -15.962 -7.250  -11.739 1.00 40.62 ? 128 ASP A O   1 
ATOM   1026 C  CB  . ASP A 1 137 ? -14.581 -8.825  -9.311  1.00 33.82 ? 128 ASP A CB  1 
ATOM   1027 C  CG  . ASP A 1 137 ? -13.404 -9.766  -9.343  1.00 33.19 ? 128 ASP A CG  1 
ATOM   1028 O  OD1 . ASP A 1 137 ? -12.418 -9.444  -10.005 1.00 35.48 ? 128 ASP A OD1 1 
ATOM   1029 O  OD2 . ASP A 1 137 ? -13.457 -10.845 -8.710  1.00 32.20 ? 128 ASP A OD2 1 
ATOM   1030 N  N   . LEU A 1 138 ? -16.413 -6.280  -9.759  1.00 36.76 ? 129 LEU A N   1 
ATOM   1031 C  CA  . LEU A 1 138 ? -17.772 -5.875  -10.172 1.00 36.11 ? 129 LEU A CA  1 
ATOM   1032 C  C   . LEU A 1 138 ? -17.859 -4.426  -10.625 1.00 37.60 ? 129 LEU A C   1 
ATOM   1033 O  O   . LEU A 1 138 ? -18.950 -3.898  -10.810 1.00 37.56 ? 129 LEU A O   1 
ATOM   1034 C  CB  . LEU A 1 138 ? -18.771 -6.133  -9.058  1.00 35.82 ? 129 LEU A CB  1 
ATOM   1035 C  CG  . LEU A 1 138 ? -18.790 -7.581  -8.552  1.00 36.92 ? 129 LEU A CG  1 
ATOM   1036 C  CD1 . LEU A 1 138 ? -19.665 -7.705  -7.318  1.00 37.04 ? 129 LEU A CD1 1 
ATOM   1037 C  CD2 . LEU A 1 138 ? -19.265 -8.534  -9.637  1.00 37.11 ? 129 LEU A CD2 1 
ATOM   1038 N  N   . GLU A 1 139 ? -16.705 -3.787  -10.795 1.00 38.80 ? 130 GLU A N   1 
ATOM   1039 C  CA  . GLU A 1 139 ? -16.640 -2.459  -11.368 1.00 40.27 ? 130 GLU A CA  1 
ATOM   1040 C  C   . GLU A 1 139 ? -16.265 -2.620  -12.843 1.00 42.35 ? 130 GLU A C   1 
ATOM   1041 O  O   . GLU A 1 139 ? -15.182 -3.141  -13.173 1.00 42.87 ? 130 GLU A O   1 
ATOM   1042 C  CB  . GLU A 1 139 ? -15.632 -1.589  -10.626 1.00 40.35 ? 130 GLU A CB  1 
ATOM   1043 C  CG  . GLU A 1 139 ? -15.795 -1.635  -9.116  1.00 39.51 ? 130 GLU A CG  1 
ATOM   1044 C  CD  . GLU A 1 139 ? -15.127 -0.470  -8.425  1.00 39.61 ? 130 GLU A CD  1 
ATOM   1045 O  OE1 . GLU A 1 139 ? -14.305 -0.683  -7.508  1.00 37.39 ? 130 GLU A OE1 1 
ATOM   1046 O  OE2 . GLU A 1 139 ? -15.427 0.675   -8.810  1.00 42.85 ? 130 GLU A OE2 1 
ATOM   1047 N  N   . PRO A 1 140 ? -17.192 -2.246  -13.739 1.00 46.17 ? 131 PRO A N   1 
ATOM   1048 C  CA  . PRO A 1 140 ? -16.910 -2.374  -15.175 1.00 47.63 ? 131 PRO A CA  1 
ATOM   1049 C  C   . PRO A 1 140 ? -15.840 -1.379  -15.624 1.00 47.08 ? 131 PRO A C   1 
ATOM   1050 O  O   . PRO A 1 140 ? -15.838 -0.222  -15.200 1.00 43.95 ? 131 PRO A O   1 
ATOM   1051 C  CB  . PRO A 1 140 ? -18.258 -2.085  -15.840 1.00 48.03 ? 131 PRO A CB  1 
ATOM   1052 C  CG  . PRO A 1 140 ? -19.052 -1.329  -14.819 1.00 50.30 ? 131 PRO A CG  1 
ATOM   1053 C  CD  . PRO A 1 140 ? -18.568 -1.783  -13.471 1.00 46.61 ? 131 PRO A CD  1 
ATOM   1054 N  N   . GLY A 1 141 ? -14.915 -1.851  -16.450 1.00 47.39 ? 132 GLY A N   1 
ATOM   1055 C  CA  . GLY A 1 141 ? -13.829 -1.008  -16.928 1.00 49.82 ? 132 GLY A CA  1 
ATOM   1056 C  C   . GLY A 1 141 ? -12.654 -0.908  -15.967 1.00 49.79 ? 132 GLY A C   1 
ATOM   1057 O  O   . GLY A 1 141 ? -11.710 -0.160  -16.216 1.00 50.69 ? 132 GLY A O   1 
ATOM   1058 N  N   . LYS A 1 142 ? -12.706 -1.655  -14.870 1.00 47.25 ? 133 LYS A N   1 
ATOM   1059 C  CA  . LYS A 1 142 ? -11.589 -1.730  -13.945 1.00 45.73 ? 133 LYS A CA  1 
ATOM   1060 C  C   . LYS A 1 142 ? -11.189 -3.177  -13.807 1.00 46.77 ? 133 LYS A C   1 
ATOM   1061 O  O   . LYS A 1 142 ? -12.042 -4.082  -13.774 1.00 48.51 ? 133 LYS A O   1 
ATOM   1062 C  CB  . LYS A 1 142 ? -11.944 -1.147  -12.581 1.00 45.94 ? 133 LYS A CB  1 
ATOM   1063 C  CG  . LYS A 1 142 ? -12.653 0.197   -12.658 1.00 45.19 ? 133 LYS A CG  1 
ATOM   1064 C  CD  . LYS A 1 142 ? -12.792 0.825   -11.290 1.00 44.11 ? 133 LYS A CD  1 
ATOM   1065 C  CE  . LYS A 1 142 ? -13.623 2.090   -11.341 1.00 42.82 ? 133 LYS A CE  1 
ATOM   1066 N  NZ  . LYS A 1 142 ? -13.545 2.801   -10.034 1.00 44.26 ? 133 LYS A NZ  1 
ATOM   1067 N  N   . PHE A 1 143 ? -9.879  -3.374  -13.733 1.00 47.28 ? 134 PHE A N   1 
ATOM   1068 C  CA  . PHE A 1 143 ? -9.266  -4.692  -13.658 1.00 48.60 ? 134 PHE A CA  1 
ATOM   1069 C  C   . PHE A 1 143 ? -7.920  -4.517  -12.979 1.00 46.34 ? 134 PHE A C   1 
ATOM   1070 O  O   . PHE A 1 143 ? -7.443  -3.395  -12.821 1.00 42.16 ? 134 PHE A O   1 
ATOM   1071 C  CB  . PHE A 1 143 ? -9.055  -5.268  -15.067 1.00 51.67 ? 134 PHE A CB  1 
ATOM   1072 C  CG  . PHE A 1 143 ? -8.207  -4.393  -15.958 1.00 54.23 ? 134 PHE A CG  1 
ATOM   1073 C  CD1 . PHE A 1 143 ? -6.818  -4.504  -15.952 1.00 57.07 ? 134 PHE A CD1 1 
ATOM   1074 C  CD2 . PHE A 1 143 ? -8.793  -3.440  -16.779 1.00 56.24 ? 134 PHE A CD2 1 
ATOM   1075 C  CE1 . PHE A 1 143 ? -6.032  -3.685  -16.755 1.00 59.03 ? 134 PHE A CE1 1 
ATOM   1076 C  CE2 . PHE A 1 143 ? -8.012  -2.620  -17.587 1.00 58.39 ? 134 PHE A CE2 1 
ATOM   1077 C  CZ  . PHE A 1 143 ? -6.630  -2.744  -17.576 1.00 58.93 ? 134 PHE A CZ  1 
ATOM   1078 N  N   . VAL A 1 144 ? -7.314  -5.622  -12.571 1.00 46.78 ? 135 VAL A N   1 
ATOM   1079 C  CA  . VAL A 1 144 ? -5.892  -5.615  -12.252 1.00 48.32 ? 135 VAL A CA  1 
ATOM   1080 C  C   . VAL A 1 144 ? -5.206  -6.845  -12.859 1.00 48.47 ? 135 VAL A C   1 
ATOM   1081 O  O   . VAL A 1 144 ? -5.785  -7.933  -12.933 1.00 45.60 ? 135 VAL A O   1 
ATOM   1082 C  CB  . VAL A 1 144 ? -5.569  -5.447  -10.732 1.00 48.68 ? 135 VAL A CB  1 
ATOM   1083 C  CG1 . VAL A 1 144 ? -6.674  -4.693  -9.993  1.00 47.98 ? 135 VAL A CG1 1 
ATOM   1084 C  CG2 . VAL A 1 144 ? -5.240  -6.775  -10.062 1.00 48.14 ? 135 VAL A CG2 1 
ATOM   1085 N  N   . LYS A 1 145 ? -3.964  -6.648  -13.295 1.00 49.96 ? 136 LYS A N   1 
ATOM   1086 C  CA  . LYS A 1 145 ? -3.155  -7.721  -13.874 1.00 50.93 ? 136 LYS A CA  1 
ATOM   1087 C  C   . LYS A 1 145 ? -1.677  -7.502  -13.526 1.00 49.24 ? 136 LYS A C   1 
ATOM   1088 O  O   . LYS A 1 145 ? -1.326  -6.538  -12.829 1.00 46.99 ? 136 LYS A O   1 
ATOM   1089 C  CB  . LYS A 1 145 ? -3.374  -7.792  -15.391 1.00 53.62 ? 136 LYS A CB  1 
ATOM   1090 C  CG  . LYS A 1 145 ? -2.910  -6.559  -16.148 1.00 57.66 ? 136 LYS A CG  1 
ATOM   1091 C  CD  . LYS A 1 145 ? -3.744  -6.339  -17.404 1.00 61.36 ? 136 LYS A CD  1 
ATOM   1092 C  CE  . LYS A 1 145 ? -3.149  -5.263  -18.306 1.00 62.55 ? 136 LYS A CE  1 
ATOM   1093 N  NZ  . LYS A 1 145 ? -2.121  -5.820  -19.231 1.00 64.29 ? 136 LYS A NZ  1 
ATOM   1094 N  N   . ALA A 1 146 ? -0.823  -8.410  -13.995 1.00 46.96 ? 137 ALA A N   1 
ATOM   1095 C  CA  . ALA A 1 146 ? 0.602   -8.379  -13.674 1.00 45.66 ? 137 ALA A CA  1 
ATOM   1096 C  C   . ALA A 1 146 ? 0.823   -8.309  -12.147 1.00 45.81 ? 137 ALA A C   1 
ATOM   1097 O  O   . ALA A 1 146 ? 1.693   -7.591  -11.658 1.00 46.60 ? 137 ALA A O   1 
ATOM   1098 C  CB  . ALA A 1 146 ? 1.272   -7.210  -14.388 1.00 45.58 ? 137 ALA A CB  1 
ATOM   1099 N  N   . ALA A 1 147 ? 0.010   -9.057  -11.406 1.00 44.48 ? 138 ALA A N   1 
ATOM   1100 C  CA  . ALA A 1 147 ? 0.137   -9.153  -9.963  1.00 43.85 ? 138 ALA A CA  1 
ATOM   1101 C  C   . ALA A 1 147 ? 1.381   -9.951  -9.613  1.00 43.61 ? 138 ALA A C   1 
ATOM   1102 O  O   . ALA A 1 147 ? 1.519   -11.094 -10.023 1.00 45.03 ? 138 ALA A O   1 
ATOM   1103 C  CB  . ALA A 1 147 ? -1.083  -9.827  -9.385  1.00 44.39 ? 138 ALA A CB  1 
ATOM   1104 N  N   . ASP A 1 148 ? 2.277   -9.361  -8.838  1.00 41.99 ? 139 ASP A N   1 
ATOM   1105 C  CA  . ASP A 1 148 ? 3.546   -9.989  -8.581  1.00 41.75 ? 139 ASP A CA  1 
ATOM   1106 C  C   . ASP A 1 148 ? 4.195   -9.427  -7.320  1.00 40.22 ? 139 ASP A C   1 
ATOM   1107 O  O   . ASP A 1 148 ? 4.394   -8.219  -7.202  1.00 42.58 ? 139 ASP A O   1 
ATOM   1108 C  CB  . ASP A 1 148 ? 4.440   -9.768  -9.805  1.00 44.50 ? 139 ASP A CB  1 
ATOM   1109 C  CG  . ASP A 1 148 ? 5.798   -10.429 -9.675  1.00 45.94 ? 139 ASP A CG  1 
ATOM   1110 O  OD1 . ASP A 1 148 ? 5.899   -11.544 -9.130  1.00 50.98 ? 139 ASP A OD1 1 
ATOM   1111 O  OD2 . ASP A 1 148 ? 6.777   -9.822  -10.133 1.00 47.71 ? 139 ASP A OD2 1 
ATOM   1112 N  N   . TRP A 1 149 ? 4.524   -10.317 -6.390  1.00 37.94 ? 140 TRP A N   1 
ATOM   1113 C  CA  . TRP A 1 149 ? 5.319   -9.978  -5.213  1.00 37.79 ? 140 TRP A CA  1 
ATOM   1114 C  C   . TRP A 1 149 ? 6.798   -9.851  -5.554  1.00 40.11 ? 140 TRP A C   1 
ATOM   1115 O  O   . TRP A 1 149 ? 7.380   -10.758 -6.156  1.00 42.52 ? 140 TRP A O   1 
ATOM   1116 C  CB  . TRP A 1 149 ? 5.172   -11.065 -4.144  1.00 37.08 ? 140 TRP A CB  1 
ATOM   1117 C  CG  . TRP A 1 149 ? 3.894   -10.969 -3.448  1.00 37.51 ? 140 TRP A CG  1 
ATOM   1118 C  CD1 . TRP A 1 149 ? 2.845   -11.829 -3.533  1.00 36.95 ? 140 TRP A CD1 1 
ATOM   1119 C  CD2 . TRP A 1 149 ? 3.490   -9.917  -2.563  1.00 36.82 ? 140 TRP A CD2 1 
ATOM   1120 N  NE1 . TRP A 1 149 ? 1.812   -11.384 -2.737  1.00 37.90 ? 140 TRP A NE1 1 
ATOM   1121 C  CE2 . TRP A 1 149 ? 2.184   -10.208 -2.140  1.00 36.01 ? 140 TRP A CE2 1 
ATOM   1122 C  CE3 . TRP A 1 149 ? 4.117   -8.755  -2.082  1.00 35.20 ? 140 TRP A CE3 1 
ATOM   1123 C  CZ2 . TRP A 1 149 ? 1.490   -9.386  -1.266  1.00 35.67 ? 140 TRP A CZ2 1 
ATOM   1124 C  CZ3 . TRP A 1 149 ? 3.436   -7.949  -1.206  1.00 33.85 ? 140 TRP A CZ3 1 
ATOM   1125 C  CH2 . TRP A 1 149 ? 2.131   -8.262  -0.810  1.00 34.39 ? 140 TRP A CH2 1 
ATOM   1126 N  N   . VAL A 1 150 ? 7.409   -8.738  -5.154  1.00 40.40 ? 141 VAL A N   1 
ATOM   1127 C  CA  . VAL A 1 150 ? 8.860   -8.552  -5.314  1.00 39.40 ? 141 VAL A CA  1 
ATOM   1128 C  C   . VAL A 1 150 ? 9.485   -8.194  -3.970  1.00 40.26 ? 141 VAL A C   1 
ATOM   1129 O  O   . VAL A 1 150 ? 8.777   -7.885  -3.020  1.00 41.17 ? 141 VAL A O   1 
ATOM   1130 C  CB  . VAL A 1 150 ? 9.191   -7.492  -6.386  1.00 36.43 ? 141 VAL A CB  1 
ATOM   1131 C  CG1 . VAL A 1 150 ? 8.497   -7.845  -7.698  1.00 35.98 ? 141 VAL A CG1 1 
ATOM   1132 C  CG2 . VAL A 1 150 ? 8.798   -6.103  -5.926  1.00 34.44 ? 141 VAL A CG2 1 
ATOM   1133 N  N   . ASP A 1 151 ? 10.812  -8.232  -3.902  1.00 41.55 ? 142 ASP A N   1 
ATOM   1134 C  CA  . ASP A 1 151 ? 11.526  -8.122  -2.622  1.00 41.11 ? 142 ASP A CA  1 
ATOM   1135 C  C   . ASP A 1 151 ? 11.793  -6.682  -2.184  1.00 40.35 ? 142 ASP A C   1 
ATOM   1136 O  O   . ASP A 1 151 ? 11.454  -5.724  -2.891  1.00 38.70 ? 142 ASP A O   1 
ATOM   1137 C  CB  . ASP A 1 151 ? 12.825  -8.930  -2.672  1.00 43.11 ? 142 ASP A CB  1 
ATOM   1138 C  CG  . ASP A 1 151 ? 13.860  -8.355  -3.641  1.00 44.01 ? 142 ASP A CG  1 
ATOM   1139 O  OD1 . ASP A 1 151 ? 13.696  -7.225  -4.160  1.00 45.74 ? 142 ASP A OD1 1 
ATOM   1140 O  OD2 . ASP A 1 151 ? 14.858  -9.060  -3.876  1.00 44.07 ? 142 ASP A OD2 1 
ATOM   1141 N  N   . ARG A 1 152 ? 12.389  -6.540  -1.000  1.00 41.25 ? 143 ARG A N   1 
ATOM   1142 C  CA  . ARG A 1 152 ? 12.671  -5.221  -0.423  1.00 42.27 ? 143 ARG A CA  1 
ATOM   1143 C  C   . ARG A 1 152 ? 13.550  -4.342  -1.314  1.00 43.55 ? 143 ARG A C   1 
ATOM   1144 O  O   . ARG A 1 152 ? 13.279  -3.140  -1.478  1.00 43.24 ? 143 ARG A O   1 
ATOM   1145 C  CB  . ARG A 1 152 ? 13.314  -5.355  0.959   1.00 42.37 ? 143 ARG A CB  1 
ATOM   1146 C  CG  . ARG A 1 152 ? 13.723  -4.016  1.558   1.00 41.56 ? 143 ARG A CG  1 
ATOM   1147 C  CD  . ARG A 1 152 ? 14.169  -4.160  2.992   1.00 43.23 ? 143 ARG A CD  1 
ATOM   1148 N  NE  . ARG A 1 152 ? 15.283  -5.083  3.145   1.00 44.47 ? 143 ARG A NE  1 
ATOM   1149 C  CZ  . ARG A 1 152 ? 15.819  -5.420  4.316   1.00 46.67 ? 143 ARG A CZ  1 
ATOM   1150 N  NH1 . ARG A 1 152 ? 15.350  -4.918  5.461   1.00 47.54 ? 143 ARG A NH1 1 
ATOM   1151 N  NH2 . ARG A 1 152 ? 16.831  -6.272  4.352   1.00 48.13 ? 143 ARG A NH2 1 
ATOM   1152 N  N   . ALA A 1 153 ? 14.603  -4.937  -1.872  1.00 44.91 ? 144 ALA A N   1 
ATOM   1153 C  CA  . ALA A 1 153 ? 15.506  -4.213  -2.780  1.00 46.15 ? 144 ALA A CA  1 
ATOM   1154 C  C   . ALA A 1 153 ? 14.718  -3.442  -3.836  1.00 45.91 ? 144 ALA A C   1 
ATOM   1155 O  O   . ALA A 1 153 ? 14.944  -2.252  -4.051  1.00 43.36 ? 144 ALA A O   1 
ATOM   1156 C  CB  . ALA A 1 153 ? 16.481  -5.175  -3.440  1.00 45.70 ? 144 ALA A CB  1 
ATOM   1157 N  N   . GLU A 1 154 ? 13.767  -4.118  -4.470  1.00 48.38 ? 145 GLU A N   1 
ATOM   1158 C  CA  . GLU A 1 154 ? 12.950  -3.491  -5.511  1.00 50.30 ? 145 GLU A CA  1 
ATOM   1159 C  C   . GLU A 1 154 ? 11.952  -2.483  -4.946  1.00 47.57 ? 145 GLU A C   1 
ATOM   1160 O  O   . GLU A 1 154 ? 11.637  -1.483  -5.591  1.00 47.99 ? 145 GLU A O   1 
ATOM   1161 C  CB  . GLU A 1 154 ? 12.233  -4.557  -6.332  1.00 55.51 ? 145 GLU A CB  1 
ATOM   1162 C  CG  . GLU A 1 154 ? 13.195  -5.469  -7.084  1.00 61.37 ? 145 GLU A CG  1 
ATOM   1163 C  CD  . GLU A 1 154 ? 12.492  -6.397  -8.060  1.00 66.86 ? 145 GLU A CD  1 
ATOM   1164 O  OE1 . GLU A 1 154 ? 11.742  -5.882  -8.924  1.00 67.81 ? 145 GLU A OE1 1 
ATOM   1165 O  OE2 . GLU A 1 154 ? 12.700  -7.634  -7.970  1.00 65.81 ? 145 GLU A OE2 1 
ATOM   1166 N  N   . ALA A 1 155 ? 11.461  -2.741  -3.740  1.00 45.73 ? 146 ALA A N   1 
ATOM   1167 C  CA  . ALA A 1 155 ? 10.620  -1.773  -3.051  1.00 44.26 ? 146 ALA A CA  1 
ATOM   1168 C  C   . ALA A 1 155 ? 11.402  -0.481  -2.793  1.00 43.81 ? 146 ALA A C   1 
ATOM   1169 O  O   . ALA A 1 155 ? 10.933  0.615   -3.118  1.00 41.18 ? 146 ALA A O   1 
ATOM   1170 C  CB  . ALA A 1 155 ? 10.088  -2.357  -1.743  1.00 43.74 ? 146 ALA A CB  1 
ATOM   1171 N  N   . GLU A 1 156 ? 12.599  -0.609  -2.225  1.00 45.01 ? 147 GLU A N   1 
ATOM   1172 C  CA  . GLU A 1 156 ? 13.409  0.572   -1.880  1.00 47.47 ? 147 GLU A CA  1 
ATOM   1173 C  C   . GLU A 1 156 ? 13.734  1.399   -3.118  1.00 45.89 ? 147 GLU A C   1 
ATOM   1174 O  O   . GLU A 1 156 ? 13.585  2.629   -3.115  1.00 42.06 ? 147 GLU A O   1 
ATOM   1175 C  CB  . GLU A 1 156 ? 14.688  0.180   -1.144  1.00 47.95 ? 147 GLU A CB  1 
ATOM   1176 C  CG  . GLU A 1 156 ? 14.421  -0.596  0.142   1.00 51.90 ? 147 GLU A CG  1 
ATOM   1177 C  CD  . GLU A 1 156 ? 15.511  -0.459  1.192   1.00 53.96 ? 147 GLU A CD  1 
ATOM   1178 O  OE1 . GLU A 1 156 ? 16.477  0.295   0.969   1.00 61.31 ? 147 GLU A OE1 1 
ATOM   1179 O  OE2 . GLU A 1 156 ? 15.399  -1.105  2.253   1.00 50.06 ? 147 GLU A OE2 1 
ATOM   1180 N  N   . ALA A 1 157 ? 14.131  0.710   -4.185  1.00 44.43 ? 148 ALA A N   1 
ATOM   1181 C  CA  . ALA A 1 157 ? 14.439  1.366   -5.457  1.00 46.17 ? 148 ALA A CA  1 
ATOM   1182 C  C   . ALA A 1 157 ? 13.253  2.192   -5.969  1.00 46.62 ? 148 ALA A C   1 
ATOM   1183 O  O   . ALA A 1 157 ? 13.416  3.358   -6.376  1.00 44.89 ? 148 ALA A O   1 
ATOM   1184 C  CB  . ALA A 1 157 ? 14.858  0.335   -6.500  1.00 45.96 ? 148 ALA A CB  1 
ATOM   1185 N  N   . GLU A 1 158 ? 12.062  1.591   -5.934  1.00 45.36 ? 149 GLU A N   1 
ATOM   1186 C  CA  . GLU A 1 158 ? 10.847  2.288   -6.375  1.00 44.79 ? 149 GLU A CA  1 
ATOM   1187 C  C   . GLU A 1 158 ? 10.452  3.434   -5.450  1.00 43.74 ? 149 GLU A C   1 
ATOM   1188 O  O   . GLU A 1 158 ? 9.890   4.436   -5.905  1.00 40.93 ? 149 GLU A O   1 
ATOM   1189 C  CB  . GLU A 1 158 ? 9.666   1.327   -6.548  1.00 45.84 ? 149 GLU A CB  1 
ATOM   1190 C  CG  . GLU A 1 158 ? 8.403   2.026   -7.054  1.00 45.34 ? 149 GLU A CG  1 
ATOM   1191 C  CD  . GLU A 1 158 ? 7.405   1.076   -7.693  1.00 47.00 ? 149 GLU A CD  1 
ATOM   1192 O  OE1 . GLU A 1 158 ? 6.206   1.434   -7.818  1.00 42.72 ? 149 GLU A OE1 1 
ATOM   1193 O  OE2 . GLU A 1 158 ? 7.823   -0.038  -8.071  1.00 47.04 ? 149 GLU A OE2 1 
ATOM   1194 N  N   . VAL A 1 159 ? 10.724  3.287   -4.158  1.00 43.79 ? 150 VAL A N   1 
ATOM   1195 C  CA  . VAL A 1 159 ? 10.494  4.390   -3.228  1.00 45.96 ? 150 VAL A CA  1 
ATOM   1196 C  C   . VAL A 1 159 ? 11.445  5.522   -3.584  1.00 45.95 ? 150 VAL A C   1 
ATOM   1197 O  O   . VAL A 1 159 ? 11.010  6.649   -3.794  1.00 46.28 ? 150 VAL A O   1 
ATOM   1198 C  CB  . VAL A 1 159 ? 10.678  3.978   -1.748  1.00 45.26 ? 150 VAL A CB  1 
ATOM   1199 C  CG1 . VAL A 1 159 ? 10.681  5.197   -0.838  1.00 44.69 ? 150 VAL A CG1 1 
ATOM   1200 C  CG2 . VAL A 1 159 ? 9.576   3.018   -1.323  1.00 44.57 ? 150 VAL A CG2 1 
ATOM   1201 N  N   . GLN A 1 160 ? 12.733  5.202   -3.664  1.00 50.85 ? 151 GLN A N   1 
ATOM   1202 C  CA  . GLN A 1 160 ? 13.776  6.194   -3.982  1.00 57.28 ? 151 GLN A CA  1 
ATOM   1203 C  C   . GLN A 1 160 ? 13.410  7.016   -5.218  1.00 55.12 ? 151 GLN A C   1 
ATOM   1204 O  O   . GLN A 1 160 ? 13.332  8.249   -5.181  1.00 53.06 ? 151 GLN A O   1 
ATOM   1205 C  CB  . GLN A 1 160 ? 15.131  5.504   -4.202  1.00 62.81 ? 151 GLN A CB  1 
ATOM   1206 C  CG  . GLN A 1 160 ? 16.324  6.395   -3.882  1.00 69.89 ? 151 GLN A CG  1 
ATOM   1207 C  CD  . GLN A 1 160 ? 16.385  6.759   -2.400  1.00 74.84 ? 151 GLN A CD  1 
ATOM   1208 O  OE1 . GLN A 1 160 ? 16.786  5.945   -1.562  1.00 73.76 ? 151 GLN A OE1 1 
ATOM   1209 N  NE2 . GLN A 1 160 ? 15.972  7.984   -2.070  1.00 76.36 ? 151 GLN A NE2 1 
ATOM   1210 N  N   . ARG A 1 161 ? 13.163  6.295   -6.302  1.00 52.33 ? 152 ARG A N   1 
ATOM   1211 C  CA  . ARG A 1 161 ? 12.729  6.864   -7.571  1.00 52.18 ? 152 ARG A CA  1 
ATOM   1212 C  C   . ARG A 1 161 ? 11.579  7.865   -7.406  1.00 50.81 ? 152 ARG A C   1 
ATOM   1213 O  O   . ARG A 1 161 ? 11.596  8.968   -7.970  1.00 49.49 ? 152 ARG A O   1 
ATOM   1214 C  CB  . ARG A 1 161 ? 12.303  5.685   -8.444  1.00 55.92 ? 152 ARG A CB  1 
ATOM   1215 C  CG  . ARG A 1 161 ? 11.833  5.974   -9.857  1.00 58.30 ? 152 ARG A CG  1 
ATOM   1216 C  CD  . ARG A 1 161 ? 11.105  4.747   -10.398 1.00 58.07 ? 152 ARG A CD  1 
ATOM   1217 N  NE  . ARG A 1 161 ? 11.773  3.501   -10.002 1.00 56.75 ? 152 ARG A NE  1 
ATOM   1218 C  CZ  . ARG A 1 161 ? 11.188  2.304   -9.929  1.00 52.54 ? 152 ARG A CZ  1 
ATOM   1219 N  NH1 . ARG A 1 161 ? 9.893   2.138   -10.215 1.00 52.64 ? 152 ARG A NH1 1 
ATOM   1220 N  NH2 . ARG A 1 161 ? 11.906  1.264   -9.545  1.00 48.57 ? 152 ARG A NH2 1 
ATOM   1221 N  N   . SER A 1 162 ? 10.596  7.482   -6.598  1.00 49.27 ? 153 SER A N   1 
ATOM   1222 C  CA  . SER A 1 162 ? 9.367   8.257   -6.423  1.00 47.71 ? 153 SER A CA  1 
ATOM   1223 C  C   . SER A 1 162 ? 9.539   9.460   -5.505  1.00 47.68 ? 153 SER A C   1 
ATOM   1224 O  O   . SER A 1 162 ? 8.777   10.427  -5.590  1.00 44.25 ? 153 SER A O   1 
ATOM   1225 C  CB  . SER A 1 162 ? 8.272   7.347   -5.870  1.00 49.72 ? 153 SER A CB  1 
ATOM   1226 O  OG  . SER A 1 162 ? 8.110   6.207   -6.703  1.00 49.70 ? 153 SER A OG  1 
ATOM   1227 N  N   . VAL A 1 163 ? 10.518  9.382   -4.609  1.00 49.27 ? 154 VAL A N   1 
ATOM   1228 C  CA  . VAL A 1 163 ? 10.946  10.536  -3.817  1.00 50.90 ? 154 VAL A CA  1 
ATOM   1229 C  C   . VAL A 1 163 ? 11.593  11.608  -4.715  1.00 51.51 ? 154 VAL A C   1 
ATOM   1230 O  O   . VAL A 1 163 ? 11.354  12.806  -4.537  1.00 49.70 ? 154 VAL A O   1 
ATOM   1231 C  CB  . VAL A 1 163 ? 11.934  10.109  -2.709  1.00 51.82 ? 154 VAL A CB  1 
ATOM   1232 C  CG1 . VAL A 1 163 ? 12.597  11.322  -2.068  1.00 53.34 ? 154 VAL A CG1 1 
ATOM   1233 C  CG2 . VAL A 1 163 ? 11.209  9.286   -1.654  1.00 51.97 ? 154 VAL A CG2 1 
ATOM   1234 N  N   . GLU A 1 164 ? 12.408  11.168  -5.674  1.00 52.22 ? 155 GLU A N   1 
ATOM   1235 C  CA  . GLU A 1 164 ? 13.049  12.078  -6.627  1.00 54.30 ? 155 GLU A CA  1 
ATOM   1236 C  C   . GLU A 1 164 ? 12.019  12.787  -7.506  1.00 53.46 ? 155 GLU A C   1 
ATOM   1237 O  O   . GLU A 1 164 ? 12.025  14.015  -7.591  1.00 51.54 ? 155 GLU A O   1 
ATOM   1238 C  CB  . GLU A 1 164 ? 14.051  11.324  -7.491  1.00 58.89 ? 155 GLU A CB  1 
ATOM   1239 C  CG  . GLU A 1 164 ? 15.237  10.801  -6.698  1.00 65.49 ? 155 GLU A CG  1 
ATOM   1240 C  CD  . GLU A 1 164 ? 15.983  9.697   -7.421  1.00 74.70 ? 155 GLU A CD  1 
ATOM   1241 O  OE1 . GLU A 1 164 ? 15.765  9.547   -8.648  1.00 80.58 ? 155 GLU A OE1 1 
ATOM   1242 O  OE2 . GLU A 1 164 ? 16.782  8.978   -6.766  1.00 77.80 ? 155 GLU A OE2 1 
ATOM   1243 N  N   . ARG A 1 165 ? 11.120  12.024  -8.133  1.00 53.29 ? 156 ARG A N   1 
ATOM   1244 C  CA  . ARG A 1 165 ? 10.054  12.623  -8.955  1.00 54.57 ? 156 ARG A CA  1 
ATOM   1245 C  C   . ARG A 1 165 ? 9.248   13.682  -8.194  1.00 58.39 ? 156 ARG A C   1 
ATOM   1246 O  O   . ARG A 1 165 ? 8.866   14.706  -8.768  1.00 59.67 ? 156 ARG A O   1 
ATOM   1247 C  CB  . ARG A 1 165 ? 9.099   11.567  -9.523  1.00 55.79 ? 156 ARG A CB  1 
ATOM   1248 C  CG  . ARG A 1 165 ? 9.515   10.994  -10.866 1.00 57.96 ? 156 ARG A CG  1 
ATOM   1249 C  CD  . ARG A 1 165 ? 8.383   10.220  -11.519 1.00 59.55 ? 156 ARG A CD  1 
ATOM   1250 N  NE  . ARG A 1 165 ? 8.034   9.044   -10.730 1.00 66.51 ? 156 ARG A NE  1 
ATOM   1251 C  CZ  . ARG A 1 165 ? 8.404   7.786   -10.989 1.00 69.66 ? 156 ARG A CZ  1 
ATOM   1252 N  NH1 . ARG A 1 165 ? 9.147   7.481   -12.052 1.00 73.04 ? 156 ARG A NH1 1 
ATOM   1253 N  NH2 . ARG A 1 165 ? 8.023   6.818   -10.164 1.00 67.17 ? 156 ARG A NH2 1 
ATOM   1254 N  N   . PHE A 1 166 ? 8.992   13.437  -6.911  1.00 58.14 ? 157 PHE A N   1 
ATOM   1255 C  CA  . PHE A 1 166 ? 8.271   14.405  -6.078  1.00 58.84 ? 157 PHE A CA  1 
ATOM   1256 C  C   . PHE A 1 166 ? 9.029   15.722  -5.926  1.00 58.49 ? 157 PHE A C   1 
ATOM   1257 O  O   . PHE A 1 166 ? 8.416   16.784  -5.824  1.00 58.59 ? 157 PHE A O   1 
ATOM   1258 C  CB  . PHE A 1 166 ? 7.972   13.831  -4.684  1.00 57.36 ? 157 PHE A CB  1 
ATOM   1259 C  CG  . PHE A 1 166 ? 7.190   14.768  -3.802  1.00 54.11 ? 157 PHE A CG  1 
ATOM   1260 C  CD1 . PHE A 1 166 ? 5.812   14.905  -3.958  1.00 53.76 ? 157 PHE A CD1 1 
ATOM   1261 C  CD2 . PHE A 1 166 ? 7.831   15.526  -2.828  1.00 52.63 ? 157 PHE A CD2 1 
ATOM   1262 C  CE1 . PHE A 1 166 ? 5.086   15.771  -3.149  1.00 53.10 ? 157 PHE A CE1 1 
ATOM   1263 C  CE2 . PHE A 1 166 ? 7.113   16.389  -2.015  1.00 52.37 ? 157 PHE A CE2 1 
ATOM   1264 C  CZ  . PHE A 1 166 ? 5.737   16.511  -2.174  1.00 53.80 ? 157 PHE A CZ  1 
ATOM   1265 N  N   . LYS A 1 167 ? 10.354  15.642  -5.883  1.00 61.76 ? 158 LYS A N   1 
ATOM   1266 C  CA  . LYS A 1 167 ? 11.198  16.833  -5.764  1.00 66.54 ? 158 LYS A CA  1 
ATOM   1267 C  C   . LYS A 1 167 ? 11.414  17.491  -7.126  1.00 66.89 ? 158 LYS A C   1 
ATOM   1268 O  O   . LYS A 1 167 ? 11.337  18.712  -7.246  1.00 63.93 ? 158 LYS A O   1 
ATOM   1269 C  CB  . LYS A 1 167 ? 12.529  16.473  -5.108  1.00 66.68 ? 158 LYS A CB  1 
ATOM   1270 C  CG  . LYS A 1 167 ? 12.380  16.075  -3.644  1.00 66.36 ? 158 LYS A CG  1 
ATOM   1271 C  CD  . LYS A 1 167 ? 13.641  15.406  -3.125  1.00 65.54 ? 158 LYS A CD  1 
ATOM   1272 C  CE  . LYS A 1 167 ? 13.555  15.158  -1.631  1.00 63.87 ? 158 LYS A CE  1 
ATOM   1273 N  NZ  . LYS A 1 167 ? 14.644  14.251  -1.186  1.00 64.11 ? 158 LYS A NZ  1 
ATOM   1274 N  N   . ALA A 1 168 ? 11.662  16.664  -8.143  1.00 71.27 ? 159 ALA A N   1 
ATOM   1275 C  CA  . ALA A 1 168 ? 11.768  17.109  -9.540  1.00 72.48 ? 159 ALA A CA  1 
ATOM   1276 C  C   . ALA A 1 168 ? 10.408  17.517  -10.110 1.00 69.93 ? 159 ALA A C   1 
ATOM   1277 O  O   . ALA A 1 168 ? 9.693   18.328  -9.520  1.00 72.59 ? 159 ALA A O   1 
ATOM   1278 C  CB  . ALA A 1 168 ? 12.385  16.005  -10.400 1.00 72.65 ? 159 ALA A CB  1 
HETATM 1279 P  P   . PO4 B 2 .   ? -6.391  2.126   -6.167  1.00 51.85 ? 201 PO4 A P   1 
HETATM 1280 O  O1  . PO4 B 2 .   ? -5.308  2.797   -6.980  1.00 53.27 ? 201 PO4 A O1  1 
HETATM 1281 O  O2  . PO4 B 2 .   ? -6.976  3.215   -5.298  1.00 50.05 ? 201 PO4 A O2  1 
HETATM 1282 O  O3  . PO4 B 2 .   ? -5.773  0.988   -5.386  1.00 50.69 ? 201 PO4 A O3  1 
HETATM 1283 O  O4  . PO4 B 2 .   ? -7.494  1.553   -7.031  1.00 52.26 ? 201 PO4 A O4  1 
HETATM 1284 P  P   . PO4 C 2 .   ? -9.641  2.917   -8.992  1.00 61.36 ? 202 PO4 A P   1 
HETATM 1285 O  O1  . PO4 C 2 .   ? -8.508  3.838   -9.400  1.00 63.47 ? 202 PO4 A O1  1 
HETATM 1286 O  O2  . PO4 C 2 .   ? -10.960 3.543   -9.384  1.00 58.68 ? 202 PO4 A O2  1 
HETATM 1287 O  O3  . PO4 C 2 .   ? -9.616  2.701   -7.489  1.00 58.63 ? 202 PO4 A O3  1 
HETATM 1288 O  O4  . PO4 C 2 .   ? -9.443  1.596   -9.690  1.00 55.96 ? 202 PO4 A O4  1 
HETATM 1289 CA CA  . CA  D 3 .   ? -4.803  6.029   -3.005  1.00 62.97 ? 203 CA  A CA  1 
HETATM 1290 CA CA  . CA  E 3 .   ? -10.360 7.548   -7.124  1.00 72.12 ? 204 CA  A CA  1 
HETATM 1291 CA CA  . CA  F 3 .   ? -14.037 -5.190  -13.249 1.00 51.09 ? 205 CA  A CA  1 
HETATM 1292 O  O   . HOH G 4 .   ? -2.121  -3.974  8.824   1.00 28.53 ? 301 HOH A O   1 
HETATM 1293 O  O   . HOH G 4 .   ? 1.245   2.889   -6.062  1.00 32.38 ? 302 HOH A O   1 
HETATM 1294 O  O   . HOH G 4 .   ? -6.893  0.265   -3.050  1.00 33.53 ? 303 HOH A O   1 
HETATM 1295 O  O   . HOH G 4 .   ? 15.529  -7.208  -1.233  1.00 36.94 ? 304 HOH A O   1 
HETATM 1296 O  O   . HOH G 4 .   ? -4.862  4.025   -4.151  1.00 47.57 ? 305 HOH A O   1 
HETATM 1297 O  O   . HOH G 4 .   ? -3.286  4.405   -6.392  1.00 22.38 ? 306 HOH A O   1 
HETATM 1298 O  O   . HOH G 4 .   ? 10.555  -2.710  12.825  1.00 29.92 ? 307 HOH A O   1 
HETATM 1299 O  O   . HOH G 4 .   ? -6.702  -1.228  21.631  1.00 26.75 ? 308 HOH A O   1 
HETATM 1300 O  O   . HOH G 4 .   ? 12.912  -3.053  6.227   1.00 32.91 ? 309 HOH A O   1 
HETATM 1301 O  O   . HOH G 4 .   ? -15.217 -2.336  -5.608  1.00 27.96 ? 310 HOH A O   1 
HETATM 1302 O  O   . HOH G 4 .   ? 3.771   -5.980  22.625  1.00 31.72 ? 311 HOH A O   1 
HETATM 1303 O  O   . HOH G 4 .   ? 4.463   0.255   17.214  1.00 25.99 ? 312 HOH A O   1 
HETATM 1304 O  O   . HOH G 4 .   ? 12.139  -9.578  -6.152  1.00 37.08 ? 313 HOH A O   1 
HETATM 1305 O  O   . HOH G 4 .   ? -4.541  8.225   -2.274  1.00 44.11 ? 314 HOH A O   1 
HETATM 1306 O  O   . HOH G 4 .   ? -6.862  5.407   -6.987  1.00 39.02 ? 315 HOH A O   1 
HETATM 1307 O  O   . HOH G 4 .   ? -9.934  -6.325  -8.851  1.00 34.49 ? 316 HOH A O   1 
HETATM 1308 O  O   . HOH G 4 .   ? -7.723  4.741   -1.821  1.00 34.95 ? 317 HOH A O   1 
HETATM 1309 O  O   . HOH G 4 .   ? -20.309 4.032   2.622   1.00 28.46 ? 318 HOH A O   1 
HETATM 1310 O  O   . HOH G 4 .   ? 3.749   -3.214  16.586  1.00 27.60 ? 319 HOH A O   1 
HETATM 1311 O  O   . HOH G 4 .   ? -15.050 -6.434  7.748   0.50 19.69 ? 320 HOH A O   1 
HETATM 1312 O  O   . HOH G 4 .   ? -9.358  5.460   -6.959  1.00 57.18 ? 321 HOH A O   1 
HETATM 1313 O  O   . HOH G 4 .   ? -5.613  -6.070  17.689  1.00 27.60 ? 322 HOH A O   1 
HETATM 1314 O  O   . HOH G 4 .   ? -16.359 -6.425  3.467   1.00 28.56 ? 323 HOH A O   1 
HETATM 1315 O  O   . HOH G 4 .   ? -11.695 6.262   -8.526  1.00 62.49 ? 324 HOH A O   1 
HETATM 1316 O  O   . HOH G 4 .   ? 1.434   4.972   -14.958 0.50 46.01 ? 325 HOH A O   1 
HETATM 1317 O  O   . HOH G 4 .   ? -12.950 -7.246  -13.362 1.00 47.41 ? 326 HOH A O   1 
HETATM 1318 O  O   . HOH G 4 .   ? -6.645  6.697   -4.250  1.00 62.83 ? 327 HOH A O   1 
HETATM 1319 O  O   . HOH G 4 .   ? -0.876  -16.098 7.850   1.00 32.67 ? 328 HOH A O   1 
HETATM 1320 O  O   . HOH G 4 .   ? -10.405 -7.763  9.293   0.50 6.17  ? 329 HOH A O   1 
HETATM 1321 O  O   . HOH G 4 .   ? -21.170 4.622   -0.123  1.00 25.38 ? 330 HOH A O   1 
# 
loop_
_pdbx_poly_seq_scheme.asym_id 
_pdbx_poly_seq_scheme.entity_id 
_pdbx_poly_seq_scheme.seq_id 
_pdbx_poly_seq_scheme.mon_id 
_pdbx_poly_seq_scheme.ndb_seq_num 
_pdbx_poly_seq_scheme.pdb_seq_num 
_pdbx_poly_seq_scheme.auth_seq_num 
_pdbx_poly_seq_scheme.pdb_mon_id 
_pdbx_poly_seq_scheme.auth_mon_id 
_pdbx_poly_seq_scheme.pdb_strand_id 
_pdbx_poly_seq_scheme.pdb_ins_code 
_pdbx_poly_seq_scheme.hetero 
A 1 1   MET 1   -8  ?   ?   ?   A . n 
A 1 2   ALA 2   -7  ?   ?   ?   A . n 
A 1 3   HIS 3   -6  ?   ?   ?   A . n 
A 1 4   HIS 4   -5  ?   ?   ?   A . n 
A 1 5   HIS 5   -4  ?   ?   ?   A . n 
A 1 6   HIS 6   -3  ?   ?   ?   A . n 
A 1 7   HIS 7   -2  ?   ?   ?   A . n 
A 1 8   HIS 8   -1  ?   ?   ?   A . n 
A 1 9   ALA 9   0   0   ALA ALA A . n 
A 1 10  MET 10  1   1   MET MET A . n 
A 1 11  GLN 11  2   2   GLN GLN A . n 
A 1 12  PHE 12  3   3   PHE PHE A . n 
A 1 13  ASP 13  4   4   ASP ASP A . n 
A 1 14  VAL 14  5   5   VAL VAL A . n 
A 1 15  THR 15  6   6   THR THR A . n 
A 1 16  ILE 16  7   7   ILE ILE A . n 
A 1 17  GLU 17  8   8   GLU GLU A . n 
A 1 18  ILE 18  9   9   ILE ILE A . n 
A 1 19  PRO 19  10  10  PRO PRO A . n 
A 1 20  LYS 20  11  11  LYS LYS A . n 
A 1 21  GLY 21  12  12  GLY GLY A . n 
A 1 22  GLN 22  13  13  GLN GLN A . n 
A 1 23  ARG 23  14  14  ARG ARG A . n 
A 1 24  ASN 24  15  15  ASN ASN A . n 
A 1 25  LYS 25  16  16  LYS LYS A . n 
A 1 26  TYR 26  17  17  TYR TYR A . n 
A 1 27  GLU 27  18  18  GLU GLU A . n 
A 1 28  VAL 28  19  19  VAL VAL A . n 
A 1 29  ASP 29  20  20  ASP ASP A . n 
A 1 30  HIS 30  21  21  HIS HIS A . n 
A 1 31  GLU 31  22  22  GLU GLU A . n 
A 1 32  THR 32  23  23  THR THR A . n 
A 1 33  GLY 33  24  24  GLY GLY A . n 
A 1 34  ARG 34  25  25  ARG ARG A . n 
A 1 35  VAL 35  26  26  VAL VAL A . n 
A 1 36  ARG 36  27  27  ARG ARG A . n 
A 1 37  LEU 37  28  28  LEU LEU A . n 
A 1 38  ASP 38  29  29  ASP ASP A . n 
A 1 39  ARG 39  30  30  ARG ARG A . n 
A 1 40  TYR 40  31  31  TYR TYR A . n 
A 1 41  LEU 41  32  32  LEU LEU A . n 
A 1 42  TYR 42  33  33  TYR TYR A . n 
A 1 43  THR 43  34  34  THR THR A . n 
A 1 44  PRO 44  35  35  PRO PRO A . n 
A 1 45  MET 45  36  36  MET MET A . n 
A 1 46  ALA 46  37  37  ALA ALA A . n 
A 1 47  TYR 47  38  38  TYR TYR A . n 
A 1 48  PRO 48  39  39  PRO PRO A . n 
A 1 49  THR 49  40  40  THR THR A . n 
A 1 50  ASP 50  41  41  ASP ASP A . n 
A 1 51  TYR 51  42  42  TYR TYR A . n 
A 1 52  GLY 52  43  43  GLY GLY A . n 
A 1 53  PHE 53  44  44  PHE PHE A . n 
A 1 54  ILE 54  45  45  ILE ILE A . n 
A 1 55  GLU 55  46  46  GLU GLU A . n 
A 1 56  ASP 56  47  47  ASP ASP A . n 
A 1 57  THR 57  48  48  THR THR A . n 
A 1 58  LEU 58  49  49  LEU LEU A . n 
A 1 59  GLY 59  50  50  GLY GLY A . n 
A 1 60  ASP 60  51  51  ASP ASP A . n 
A 1 61  ASP 61  52  52  ASP ASP A . n 
A 1 62  GLY 62  53  53  GLY GLY A . n 
A 1 63  ASP 63  54  54  ASP ASP A . n 
A 1 64  PRO 64  55  55  PRO PRO A . n 
A 1 65  LEU 65  56  56  LEU LEU A . n 
A 1 66  ASP 66  57  57  ASP ASP A . n 
A 1 67  ALA 67  58  58  ALA ALA A . n 
A 1 68  LEU 68  59  59  LEU LEU A . n 
A 1 69  VAL 69  60  60  VAL VAL A . n 
A 1 70  LEU 70  61  61  LEU LEU A . n 
A 1 71  LEU 71  62  62  LEU LEU A . n 
A 1 72  PRO 72  63  63  PRO PRO A . n 
A 1 73  GLN 73  64  64  GLN GLN A . n 
A 1 74  PRO 74  65  65  PRO PRO A . n 
A 1 75  VAL 75  66  66  VAL VAL A . n 
A 1 76  PHE 76  67  67  PHE PHE A . n 
A 1 77  PRO 77  68  68  PRO PRO A . n 
A 1 78  GLY 78  69  69  GLY GLY A . n 
A 1 79  VAL 79  70  70  VAL VAL A . n 
A 1 80  LEU 80  71  71  LEU LEU A . n 
A 1 81  VAL 81  72  72  VAL VAL A . n 
A 1 82  ALA 82  73  73  ALA ALA A . n 
A 1 83  ALA 83  74  74  ALA ALA A . n 
A 1 84  ARG 84  75  75  ARG ARG A . n 
A 1 85  PRO 85  76  76  PRO PRO A . n 
A 1 86  VAL 86  77  77  VAL VAL A . n 
A 1 87  GLY 87  78  78  GLY GLY A . n 
A 1 88  MET 88  79  79  MET MET A . n 
A 1 89  PHE 89  80  80  PHE PHE A . n 
A 1 90  ARG 90  81  81  ARG ARG A . n 
A 1 91  MET 91  82  82  MET MET A . n 
A 1 92  VAL 92  83  83  VAL VAL A . n 
A 1 93  ASP 93  84  84  ASP ASP A . n 
A 1 94  GLU 94  85  85  GLU GLU A . n 
A 1 95  HIS 95  86  86  HIS HIS A . n 
A 1 96  GLY 96  87  87  GLY GLY A . n 
A 1 97  GLY 97  88  88  GLY GLY A . n 
A 1 98  ASP 98  89  89  ASP ASP A . n 
A 1 99  ASP 99  90  90  ASP ASP A . n 
A 1 100 LYS 100 91  91  LYS LYS A . n 
A 1 101 VAL 101 92  92  VAL VAL A . n 
A 1 102 LEU 102 93  93  LEU LEU A . n 
A 1 103 CYS 103 94  94  CYS CYS A . n 
A 1 104 VAL 104 95  95  VAL VAL A . n 
A 1 105 PRO 105 96  96  PRO PRO A . n 
A 1 106 ALA 106 97  97  ALA ALA A . n 
A 1 107 GLY 107 98  98  GLY GLY A . n 
A 1 108 ASP 108 99  99  ASP ASP A . n 
A 1 109 PRO 109 100 100 PRO PRO A . n 
A 1 110 ARG 110 101 101 ARG ARG A . n 
A 1 111 TRP 111 102 102 TRP TRP A . n 
A 1 112 ASP 112 103 103 ASP ASP A . n 
A 1 113 HIS 113 104 104 HIS HIS A . n 
A 1 114 VAL 114 105 105 VAL VAL A . n 
A 1 115 GLN 115 106 106 GLN GLN A . n 
A 1 116 ASP 116 107 107 ASP ASP A . n 
A 1 117 ILE 117 108 108 ILE ILE A . n 
A 1 118 GLY 118 109 109 GLY GLY A . n 
A 1 119 ASP 119 110 110 ASP ASP A . n 
A 1 120 VAL 120 111 111 VAL VAL A . n 
A 1 121 PRO 121 112 112 PRO PRO A . n 
A 1 122 ALA 122 113 113 ALA ALA A . n 
A 1 123 PHE 123 114 114 PHE PHE A . n 
A 1 124 GLU 124 115 115 GLU GLU A . n 
A 1 125 LEU 125 116 116 LEU LEU A . n 
A 1 126 ASP 126 117 117 ASP ASP A . n 
A 1 127 ALA 127 118 118 ALA ALA A . n 
A 1 128 ILE 128 119 119 ILE ILE A . n 
A 1 129 LYS 129 120 120 LYS LYS A . n 
A 1 130 HIS 130 121 121 HIS HIS A . n 
A 1 131 PHE 131 122 122 PHE PHE A . n 
A 1 132 PHE 132 123 123 PHE PHE A . n 
A 1 133 VAL 133 124 124 VAL VAL A . n 
A 1 134 HIS 134 125 125 HIS HIS A . n 
A 1 135 TYR 135 126 126 TYR TYR A . n 
A 1 136 LYS 136 127 127 LYS LYS A . n 
A 1 137 ASP 137 128 128 ASP ASP A . n 
A 1 138 LEU 138 129 129 LEU LEU A . n 
A 1 139 GLU 139 130 130 GLU GLU A . n 
A 1 140 PRO 140 131 131 PRO PRO A . n 
A 1 141 GLY 141 132 132 GLY GLY A . n 
A 1 142 LYS 142 133 133 LYS LYS A . n 
A 1 143 PHE 143 134 134 PHE PHE A . n 
A 1 144 VAL 144 135 135 VAL VAL A . n 
A 1 145 LYS 145 136 136 LYS LYS A . n 
A 1 146 ALA 146 137 137 ALA ALA A . n 
A 1 147 ALA 147 138 138 ALA ALA A . n 
A 1 148 ASP 148 139 139 ASP ASP A . n 
A 1 149 TRP 149 140 140 TRP TRP A . n 
A 1 150 VAL 150 141 141 VAL VAL A . n 
A 1 151 ASP 151 142 142 ASP ASP A . n 
A 1 152 ARG 152 143 143 ARG ARG A . n 
A 1 153 ALA 153 144 144 ALA ALA A . n 
A 1 154 GLU 154 145 145 GLU GLU A . n 
A 1 155 ALA 155 146 146 ALA ALA A . n 
A 1 156 GLU 156 147 147 GLU GLU A . n 
A 1 157 ALA 157 148 148 ALA ALA A . n 
A 1 158 GLU 158 149 149 GLU GLU A . n 
A 1 159 VAL 159 150 150 VAL VAL A . n 
A 1 160 GLN 160 151 151 GLN GLN A . n 
A 1 161 ARG 161 152 152 ARG ARG A . n 
A 1 162 SER 162 153 153 SER SER A . n 
A 1 163 VAL 163 154 154 VAL VAL A . n 
A 1 164 GLU 164 155 155 GLU GLU A . n 
A 1 165 ARG 165 156 156 ARG ARG A . n 
A 1 166 PHE 166 157 157 PHE PHE A . n 
A 1 167 LYS 167 158 158 LYS LYS A . n 
A 1 168 ALA 168 159 159 ALA ALA A . n 
A 1 169 GLY 169 160 ?   ?   ?   A . n 
A 1 170 THR 170 161 ?   ?   ?   A . n 
A 1 171 HIS 171 162 ?   ?   ?   A . n 
# 
loop_
_pdbx_nonpoly_scheme.asym_id 
_pdbx_nonpoly_scheme.entity_id 
_pdbx_nonpoly_scheme.mon_id 
_pdbx_nonpoly_scheme.ndb_seq_num 
_pdbx_nonpoly_scheme.pdb_seq_num 
_pdbx_nonpoly_scheme.auth_seq_num 
_pdbx_nonpoly_scheme.pdb_mon_id 
_pdbx_nonpoly_scheme.auth_mon_id 
_pdbx_nonpoly_scheme.pdb_strand_id 
_pdbx_nonpoly_scheme.pdb_ins_code 
B 2 PO4 1  201 180 PO4 PO4 A . 
C 2 PO4 1  202 181 PO4 PO4 A . 
D 3 CA  1  203 1   CA  CA  A . 
E 3 CA  1  204 1   CA  CA  A . 
F 3 CA  1  205 1   CA  CA  A . 
G 4 HOH 1  301 33  HOH HOH A . 
G 4 HOH 2  302 25  HOH HOH A . 
G 4 HOH 3  303 21  HOH HOH A . 
G 4 HOH 4  304 27  HOH HOH A . 
G 4 HOH 5  305 1   HOH HOH A . 
G 4 HOH 6  306 3   HOH HOH A . 
G 4 HOH 7  307 11  HOH HOH A . 
G 4 HOH 8  308 10  HOH HOH A . 
G 4 HOH 9  309 24  HOH HOH A . 
G 4 HOH 10 310 31  HOH HOH A . 
G 4 HOH 11 311 19  HOH HOH A . 
G 4 HOH 12 312 20  HOH HOH A . 
G 4 HOH 13 313 14  HOH HOH A . 
G 4 HOH 14 314 2   HOH HOH A . 
G 4 HOH 15 315 30  HOH HOH A . 
G 4 HOH 16 316 29  HOH HOH A . 
G 4 HOH 17 317 16  HOH HOH A . 
G 4 HOH 18 318 13  HOH HOH A . 
G 4 HOH 19 319 12  HOH HOH A . 
G 4 HOH 20 320 23  HOH HOH A . 
G 4 HOH 21 321 5   HOH HOH A . 
G 4 HOH 22 322 15  HOH HOH A . 
G 4 HOH 23 323 22  HOH HOH A . 
G 4 HOH 24 324 6   HOH HOH A . 
G 4 HOH 25 325 17  HOH HOH A . 
G 4 HOH 26 326 18  HOH HOH A . 
G 4 HOH 27 327 4   HOH HOH A . 
G 4 HOH 28 328 9   HOH HOH A . 
G 4 HOH 29 329 8   HOH HOH A . 
G 4 HOH 30 330 28  HOH HOH A . 
# 
_pdbx_struct_assembly.id                   1 
_pdbx_struct_assembly.details              author_and_software_defined_assembly 
_pdbx_struct_assembly.method_details       PISA 
_pdbx_struct_assembly.oligomeric_details   hexameric 
_pdbx_struct_assembly.oligomeric_count     6 
# 
_pdbx_struct_assembly_gen.assembly_id       1 
_pdbx_struct_assembly_gen.oper_expression   1,2,3,4,5,6 
_pdbx_struct_assembly_gen.asym_id_list      A,B,C,D,E,F,G 
# 
loop_
_pdbx_struct_assembly_prop.biol_id 
_pdbx_struct_assembly_prop.type 
_pdbx_struct_assembly_prop.value 
_pdbx_struct_assembly_prop.details 
1 'ABSA (A^2)' 17160 ? 
1 MORE         -323  ? 
1 'SSA (A^2)'  35840 ? 
# 
loop_
_pdbx_struct_oper_list.id 
_pdbx_struct_oper_list.type 
_pdbx_struct_oper_list.name 
_pdbx_struct_oper_list.symmetry_operation 
_pdbx_struct_oper_list.matrix[1][1] 
_pdbx_struct_oper_list.matrix[1][2] 
_pdbx_struct_oper_list.matrix[1][3] 
_pdbx_struct_oper_list.vector[1] 
_pdbx_struct_oper_list.matrix[2][1] 
_pdbx_struct_oper_list.matrix[2][2] 
_pdbx_struct_oper_list.matrix[2][3] 
_pdbx_struct_oper_list.vector[2] 
_pdbx_struct_oper_list.matrix[3][1] 
_pdbx_struct_oper_list.matrix[3][2] 
_pdbx_struct_oper_list.matrix[3][3] 
_pdbx_struct_oper_list.vector[3] 
1 'identity operation'         1_555  x,y,z           1.0000000000  0.0000000000  0.0000000000  0.0000000000   0.0000000000  1.0000000000  0.0000000000  0.0000000000   0.0000000000  0.0000000000  1.0000000000  0.0000000000  
2 'crystal symmetry operation' 2_535  -y,x-y-2,z      -0.2180489274 0.2608276518  -0.9404379838 -3.7491279223  0.8304021324  0.5558413829  -0.0383751956 13.8359983640  0.5127250373  -0.7893093774 -0.3377924555 30.3570708688 
3 'crystal symmetry operation' 3_755  -x+y+2,-x,z     -0.2180489274 0.8304021324  0.5127250373  -27.8717661571 0.2608276518  0.5558413829  -0.7893093774 17.2483764735  -0.9404379838 -0.0383751956 -0.3377924555 7.2595263523  
4 'crystal symmetry operation' 10_557 -y,-x,-z+5/2    -0.9465125047 -0.1413333777 -0.2900671557 -27.9650329135 -0.1413333777 -0.6265459145 0.7664627149  -18.5323971643 -0.2900671557 0.7664627149  0.5730584192  3.8731262714  
5 'crystal symmetry operation' 11_757 -x+y+2,y,-z+5/2 -0.0597021951 -0.0964828480 0.9935425044  -35.1775140409 -0.0964828480 -0.9901000088 -0.1019462237 -3.4038455446  0.9935425044  -0.1019462237 0.0498022039  32.9617770552 
6 'crystal symmetry operation' 12_537 x,x-y-2,-z+5/2  0.4423125545  -0.8534135585 -0.2757624021 -6.1275791854  -0.8534135585 -0.4950368424 0.1631680818  -19.8359298467 -0.2757624021 0.1631680818  -0.9472757121 29.3381803589 
# 
loop_
_pdbx_struct_special_symmetry.id 
_pdbx_struct_special_symmetry.PDB_model_num 
_pdbx_struct_special_symmetry.auth_asym_id 
_pdbx_struct_special_symmetry.auth_comp_id 
_pdbx_struct_special_symmetry.auth_seq_id 
_pdbx_struct_special_symmetry.PDB_ins_code 
_pdbx_struct_special_symmetry.label_asym_id 
_pdbx_struct_special_symmetry.label_comp_id 
_pdbx_struct_special_symmetry.label_seq_id 
1 1 A HOH 320 ? G HOH . 
2 1 A HOH 325 ? G HOH . 
# 
loop_
_pdbx_struct_conn_angle.id 
_pdbx_struct_conn_angle.ptnr1_label_atom_id 
_pdbx_struct_conn_angle.ptnr1_label_alt_id 
_pdbx_struct_conn_angle.ptnr1_label_asym_id 
_pdbx_struct_conn_angle.ptnr1_label_comp_id 
_pdbx_struct_conn_angle.ptnr1_label_seq_id 
_pdbx_struct_conn_angle.ptnr1_auth_atom_id 
_pdbx_struct_conn_angle.ptnr1_auth_asym_id 
_pdbx_struct_conn_angle.ptnr1_auth_comp_id 
_pdbx_struct_conn_angle.ptnr1_auth_seq_id 
_pdbx_struct_conn_angle.ptnr1_PDB_ins_code 
_pdbx_struct_conn_angle.ptnr1_symmetry 
_pdbx_struct_conn_angle.ptnr2_label_atom_id 
_pdbx_struct_conn_angle.ptnr2_label_alt_id 
_pdbx_struct_conn_angle.ptnr2_label_asym_id 
_pdbx_struct_conn_angle.ptnr2_label_comp_id 
_pdbx_struct_conn_angle.ptnr2_label_seq_id 
_pdbx_struct_conn_angle.ptnr2_auth_atom_id 
_pdbx_struct_conn_angle.ptnr2_auth_asym_id 
_pdbx_struct_conn_angle.ptnr2_auth_comp_id 
_pdbx_struct_conn_angle.ptnr2_auth_seq_id 
_pdbx_struct_conn_angle.ptnr2_PDB_ins_code 
_pdbx_struct_conn_angle.ptnr2_symmetry 
_pdbx_struct_conn_angle.ptnr3_label_atom_id 
_pdbx_struct_conn_angle.ptnr3_label_alt_id 
_pdbx_struct_conn_angle.ptnr3_label_asym_id 
_pdbx_struct_conn_angle.ptnr3_label_comp_id 
_pdbx_struct_conn_angle.ptnr3_label_seq_id 
_pdbx_struct_conn_angle.ptnr3_auth_atom_id 
_pdbx_struct_conn_angle.ptnr3_auth_asym_id 
_pdbx_struct_conn_angle.ptnr3_auth_comp_id 
_pdbx_struct_conn_angle.ptnr3_auth_seq_id 
_pdbx_struct_conn_angle.ptnr3_PDB_ins_code 
_pdbx_struct_conn_angle.ptnr3_symmetry 
_pdbx_struct_conn_angle.value 
_pdbx_struct_conn_angle.value_esd 
1  OE2 ? A GLU 27  ? A GLU 18  ? 1_555 CA ? E CA . ? A CA 204 ? 1_555 OD2 ? A ASP 38  ? A ASP 29  ? 1_555 78.6  ? 
2  OE2 ? A GLU 27  ? A GLU 18  ? 1_555 CA ? E CA . ? A CA 204 ? 1_555 O   ? G HOH .   ? A HOH 321 ? 1_555 104.3 ? 
3  OD2 ? A ASP 38  ? A ASP 29  ? 1_555 CA ? E CA . ? A CA 204 ? 1_555 O   ? G HOH .   ? A HOH 321 ? 1_555 61.4  ? 
4  OE2 ? A GLU 27  ? A GLU 18  ? 1_555 CA ? E CA . ? A CA 204 ? 1_555 O   ? G HOH .   ? A HOH 324 ? 1_555 159.0 ? 
5  OD2 ? A ASP 38  ? A ASP 29  ? 1_555 CA ? E CA . ? A CA 204 ? 1_555 O   ? G HOH .   ? A HOH 324 ? 1_555 84.6  ? 
6  O   ? G HOH .   ? A HOH 321 ? 1_555 CA ? E CA . ? A CA 204 ? 1_555 O   ? G HOH .   ? A HOH 324 ? 1_555 78.1  ? 
7  O   ? A LYS 136 ? A LYS 127 ? 1_555 CA ? F CA . ? A CA 205 ? 1_555 O   ? A ASP 137 ? A ASP 128 ? 1_555 70.0  ? 
8  O   ? A LYS 136 ? A LYS 127 ? 1_555 CA ? F CA . ? A CA 205 ? 1_555 O   ? A GLU 139 ? A GLU 130 ? 1_555 81.6  ? 
9  O   ? A ASP 137 ? A ASP 128 ? 1_555 CA ? F CA . ? A CA 205 ? 1_555 O   ? A GLU 139 ? A GLU 130 ? 1_555 104.7 ? 
10 O   ? A LYS 136 ? A LYS 127 ? 1_555 CA ? F CA . ? A CA 205 ? 1_555 O   ? A LYS 142 ? A LYS 133 ? 1_555 96.5  ? 
11 O   ? A ASP 137 ? A ASP 128 ? 1_555 CA ? F CA . ? A CA 205 ? 1_555 O   ? A LYS 142 ? A LYS 133 ? 1_555 157.4 ? 
12 O   ? A GLU 139 ? A GLU 130 ? 1_555 CA ? F CA . ? A CA 205 ? 1_555 O   ? A LYS 142 ? A LYS 133 ? 1_555 90.6  ? 
13 O   ? A LYS 136 ? A LYS 127 ? 1_555 CA ? F CA . ? A CA 205 ? 1_555 O   ? G HOH .   ? A HOH 326 ? 1_555 99.5  ? 
14 O   ? A ASP 137 ? A ASP 128 ? 1_555 CA ? F CA . ? A CA 205 ? 1_555 O   ? G HOH .   ? A HOH 326 ? 1_555 74.7  ? 
15 O   ? A GLU 139 ? A GLU 130 ? 1_555 CA ? F CA . ? A CA 205 ? 1_555 O   ? G HOH .   ? A HOH 326 ? 1_555 178.4 ? 
16 O   ? A LYS 142 ? A LYS 133 ? 1_555 CA ? F CA . ? A CA 205 ? 1_555 O   ? G HOH .   ? A HOH 326 ? 1_555 90.5  ? 
17 O   ? G HOH .   ? A HOH 305 ? 1_555 CA ? D CA . ? A CA 203 ? 1_555 O   ? G HOH .   ? A HOH 314 ? 1_555 167.6 ? 
18 O   ? G HOH .   ? A HOH 305 ? 1_555 CA ? D CA . ? A CA 203 ? 1_555 O   ? G HOH .   ? A HOH 327 ? 1_555 87.9  ? 
19 O   ? G HOH .   ? A HOH 314 ? 1_555 CA ? D CA . ? A CA 203 ? 1_555 O   ? G HOH .   ? A HOH 327 ? 1_555 89.2  ? 
# 
loop_
_pdbx_audit_revision_history.ordinal 
_pdbx_audit_revision_history.data_content_type 
_pdbx_audit_revision_history.major_revision 
_pdbx_audit_revision_history.minor_revision 
_pdbx_audit_revision_history.revision_date 
1 'Structure model' 1 0 2015-08-26 
2 'Structure model' 1 1 2015-09-09 
3 'Structure model' 1 2 2015-10-14 
4 'Structure model' 1 3 2023-09-27 
# 
_pdbx_audit_revision_details.ordinal             1 
_pdbx_audit_revision_details.revision_ordinal    1 
_pdbx_audit_revision_details.data_content_type   'Structure model' 
_pdbx_audit_revision_details.provider            repository 
_pdbx_audit_revision_details.type                'Initial release' 
_pdbx_audit_revision_details.description         ? 
_pdbx_audit_revision_details.details             ? 
# 
loop_
_pdbx_audit_revision_group.ordinal 
_pdbx_audit_revision_group.revision_ordinal 
_pdbx_audit_revision_group.data_content_type 
_pdbx_audit_revision_group.group 
1 2 'Structure model' 'Database references'    
2 3 'Structure model' 'Database references'    
3 4 'Structure model' 'Data collection'        
4 4 'Structure model' 'Database references'    
5 4 'Structure model' 'Derived calculations'   
6 4 'Structure model' 'Refinement description' 
# 
loop_
_pdbx_audit_revision_category.ordinal 
_pdbx_audit_revision_category.revision_ordinal 
_pdbx_audit_revision_category.data_content_type 
_pdbx_audit_revision_category.category 
1 4 'Structure model' chem_comp_atom                
2 4 'Structure model' chem_comp_bond                
3 4 'Structure model' citation                      
4 4 'Structure model' database_2                    
5 4 'Structure model' pdbx_initial_refinement_model 
6 4 'Structure model' pdbx_struct_conn_angle        
7 4 'Structure model' pdbx_struct_oper_list         
8 4 'Structure model' struct_conn                   
# 
loop_
_pdbx_audit_revision_item.ordinal 
_pdbx_audit_revision_item.revision_ordinal 
_pdbx_audit_revision_item.data_content_type 
_pdbx_audit_revision_item.item 
1 4 'Structure model' '_citation.journal_id_CSD'                  
2 4 'Structure model' '_database_2.pdbx_DOI'                      
3 4 'Structure model' '_database_2.pdbx_database_accession'       
4 4 'Structure model' '_pdbx_struct_conn_angle.ptnr1_auth_seq_id' 
5 4 'Structure model' '_pdbx_struct_conn_angle.ptnr3_auth_seq_id' 
6 4 'Structure model' '_pdbx_struct_conn_angle.value'             
7 4 'Structure model' '_pdbx_struct_oper_list.symmetry_operation' 
8 4 'Structure model' '_struct_conn.pdbx_dist_value'              
9 4 'Structure model' '_struct_conn.ptnr2_auth_seq_id'            
# 
loop_
_software.citation_id 
_software.classification 
_software.compiler_name 
_software.compiler_version 
_software.contact_author 
_software.contact_author_email 
_software.date 
_software.description 
_software.dependencies 
_software.hardware 
_software.language 
_software.location 
_software.mods 
_software.name 
_software.os 
_software.os_version 
_software.type 
_software.version 
_software.pdbx_ordinal 
? refinement       ? ? ? ? ? ? ? ? ? ? ? REFMAC   ? ? ? 5.8.0049 1 
? 'data reduction' ? ? ? ? ? ? ? ? ? ? ? HKL-2000 ? ? ? .        2 
? 'data scaling'   ? ? ? ? ? ? ? ? ? ? ? HKL-2000 ? ? ? .        3 
? phasing          ? ? ? ? ? ? ? ? ? ? ? PHASER   ? ? ? .        4 
# 
loop_
_pdbx_validate_torsion.id 
_pdbx_validate_torsion.PDB_model_num 
_pdbx_validate_torsion.auth_comp_id 
_pdbx_validate_torsion.auth_asym_id 
_pdbx_validate_torsion.auth_seq_id 
_pdbx_validate_torsion.PDB_ins_code 
_pdbx_validate_torsion.label_alt_id 
_pdbx_validate_torsion.phi 
_pdbx_validate_torsion.psi 
1 1 VAL A 66 ? ? -101.28 -167.62 
2 1 MET A 82 ? ? -170.89 148.30  
3 1 ASP A 89 ? ? -156.55 59.83   
# 
loop_
_pdbx_unobs_or_zero_occ_residues.id 
_pdbx_unobs_or_zero_occ_residues.PDB_model_num 
_pdbx_unobs_or_zero_occ_residues.polymer_flag 
_pdbx_unobs_or_zero_occ_residues.occupancy_flag 
_pdbx_unobs_or_zero_occ_residues.auth_asym_id 
_pdbx_unobs_or_zero_occ_residues.auth_comp_id 
_pdbx_unobs_or_zero_occ_residues.auth_seq_id 
_pdbx_unobs_or_zero_occ_residues.PDB_ins_code 
_pdbx_unobs_or_zero_occ_residues.label_asym_id 
_pdbx_unobs_or_zero_occ_residues.label_comp_id 
_pdbx_unobs_or_zero_occ_residues.label_seq_id 
1  1 Y 1 A MET -8  ? A MET 1   
2  1 Y 1 A ALA -7  ? A ALA 2   
3  1 Y 1 A HIS -6  ? A HIS 3   
4  1 Y 1 A HIS -5  ? A HIS 4   
5  1 Y 1 A HIS -4  ? A HIS 5   
6  1 Y 1 A HIS -3  ? A HIS 6   
7  1 Y 1 A HIS -2  ? A HIS 7   
8  1 Y 1 A HIS -1  ? A HIS 8   
9  1 Y 1 A GLY 160 ? A GLY 169 
10 1 Y 1 A THR 161 ? A THR 170 
11 1 Y 1 A HIS 162 ? A HIS 171 
# 
loop_
_chem_comp_atom.comp_id 
_chem_comp_atom.atom_id 
_chem_comp_atom.type_symbol 
_chem_comp_atom.pdbx_aromatic_flag 
_chem_comp_atom.pdbx_stereo_config 
_chem_comp_atom.pdbx_ordinal 
ALA N    N  N N 1   
ALA CA   C  N S 2   
ALA C    C  N N 3   
ALA O    O  N N 4   
ALA CB   C  N N 5   
ALA OXT  O  N N 6   
ALA H    H  N N 7   
ALA H2   H  N N 8   
ALA HA   H  N N 9   
ALA HB1  H  N N 10  
ALA HB2  H  N N 11  
ALA HB3  H  N N 12  
ALA HXT  H  N N 13  
ARG N    N  N N 14  
ARG CA   C  N S 15  
ARG C    C  N N 16  
ARG O    O  N N 17  
ARG CB   C  N N 18  
ARG CG   C  N N 19  
ARG CD   C  N N 20  
ARG NE   N  N N 21  
ARG CZ   C  N N 22  
ARG NH1  N  N N 23  
ARG NH2  N  N N 24  
ARG OXT  O  N N 25  
ARG H    H  N N 26  
ARG H2   H  N N 27  
ARG HA   H  N N 28  
ARG HB2  H  N N 29  
ARG HB3  H  N N 30  
ARG HG2  H  N N 31  
ARG HG3  H  N N 32  
ARG HD2  H  N N 33  
ARG HD3  H  N N 34  
ARG HE   H  N N 35  
ARG HH11 H  N N 36  
ARG HH12 H  N N 37  
ARG HH21 H  N N 38  
ARG HH22 H  N N 39  
ARG HXT  H  N N 40  
ASN N    N  N N 41  
ASN CA   C  N S 42  
ASN C    C  N N 43  
ASN O    O  N N 44  
ASN CB   C  N N 45  
ASN CG   C  N N 46  
ASN OD1  O  N N 47  
ASN ND2  N  N N 48  
ASN OXT  O  N N 49  
ASN H    H  N N 50  
ASN H2   H  N N 51  
ASN HA   H  N N 52  
ASN HB2  H  N N 53  
ASN HB3  H  N N 54  
ASN HD21 H  N N 55  
ASN HD22 H  N N 56  
ASN HXT  H  N N 57  
ASP N    N  N N 58  
ASP CA   C  N S 59  
ASP C    C  N N 60  
ASP O    O  N N 61  
ASP CB   C  N N 62  
ASP CG   C  N N 63  
ASP OD1  O  N N 64  
ASP OD2  O  N N 65  
ASP OXT  O  N N 66  
ASP H    H  N N 67  
ASP H2   H  N N 68  
ASP HA   H  N N 69  
ASP HB2  H  N N 70  
ASP HB3  H  N N 71  
ASP HD2  H  N N 72  
ASP HXT  H  N N 73  
CA  CA   CA N N 74  
CYS N    N  N N 75  
CYS CA   C  N R 76  
CYS C    C  N N 77  
CYS O    O  N N 78  
CYS CB   C  N N 79  
CYS SG   S  N N 80  
CYS OXT  O  N N 81  
CYS H    H  N N 82  
CYS H2   H  N N 83  
CYS HA   H  N N 84  
CYS HB2  H  N N 85  
CYS HB3  H  N N 86  
CYS HG   H  N N 87  
CYS HXT  H  N N 88  
GLN N    N  N N 89  
GLN CA   C  N S 90  
GLN C    C  N N 91  
GLN O    O  N N 92  
GLN CB   C  N N 93  
GLN CG   C  N N 94  
GLN CD   C  N N 95  
GLN OE1  O  N N 96  
GLN NE2  N  N N 97  
GLN OXT  O  N N 98  
GLN H    H  N N 99  
GLN H2   H  N N 100 
GLN HA   H  N N 101 
GLN HB2  H  N N 102 
GLN HB3  H  N N 103 
GLN HG2  H  N N 104 
GLN HG3  H  N N 105 
GLN HE21 H  N N 106 
GLN HE22 H  N N 107 
GLN HXT  H  N N 108 
GLU N    N  N N 109 
GLU CA   C  N S 110 
GLU C    C  N N 111 
GLU O    O  N N 112 
GLU CB   C  N N 113 
GLU CG   C  N N 114 
GLU CD   C  N N 115 
GLU OE1  O  N N 116 
GLU OE2  O  N N 117 
GLU OXT  O  N N 118 
GLU H    H  N N 119 
GLU H2   H  N N 120 
GLU HA   H  N N 121 
GLU HB2  H  N N 122 
GLU HB3  H  N N 123 
GLU HG2  H  N N 124 
GLU HG3  H  N N 125 
GLU HE2  H  N N 126 
GLU HXT  H  N N 127 
GLY N    N  N N 128 
GLY CA   C  N N 129 
GLY C    C  N N 130 
GLY O    O  N N 131 
GLY OXT  O  N N 132 
GLY H    H  N N 133 
GLY H2   H  N N 134 
GLY HA2  H  N N 135 
GLY HA3  H  N N 136 
GLY HXT  H  N N 137 
HIS N    N  N N 138 
HIS CA   C  N S 139 
HIS C    C  N N 140 
HIS O    O  N N 141 
HIS CB   C  N N 142 
HIS CG   C  Y N 143 
HIS ND1  N  Y N 144 
HIS CD2  C  Y N 145 
HIS CE1  C  Y N 146 
HIS NE2  N  Y N 147 
HIS OXT  O  N N 148 
HIS H    H  N N 149 
HIS H2   H  N N 150 
HIS HA   H  N N 151 
HIS HB2  H  N N 152 
HIS HB3  H  N N 153 
HIS HD1  H  N N 154 
HIS HD2  H  N N 155 
HIS HE1  H  N N 156 
HIS HE2  H  N N 157 
HIS HXT  H  N N 158 
HOH O    O  N N 159 
HOH H1   H  N N 160 
HOH H2   H  N N 161 
ILE N    N  N N 162 
ILE CA   C  N S 163 
ILE C    C  N N 164 
ILE O    O  N N 165 
ILE CB   C  N S 166 
ILE CG1  C  N N 167 
ILE CG2  C  N N 168 
ILE CD1  C  N N 169 
ILE OXT  O  N N 170 
ILE H    H  N N 171 
ILE H2   H  N N 172 
ILE HA   H  N N 173 
ILE HB   H  N N 174 
ILE HG12 H  N N 175 
ILE HG13 H  N N 176 
ILE HG21 H  N N 177 
ILE HG22 H  N N 178 
ILE HG23 H  N N 179 
ILE HD11 H  N N 180 
ILE HD12 H  N N 181 
ILE HD13 H  N N 182 
ILE HXT  H  N N 183 
LEU N    N  N N 184 
LEU CA   C  N S 185 
LEU C    C  N N 186 
LEU O    O  N N 187 
LEU CB   C  N N 188 
LEU CG   C  N N 189 
LEU CD1  C  N N 190 
LEU CD2  C  N N 191 
LEU OXT  O  N N 192 
LEU H    H  N N 193 
LEU H2   H  N N 194 
LEU HA   H  N N 195 
LEU HB2  H  N N 196 
LEU HB3  H  N N 197 
LEU HG   H  N N 198 
LEU HD11 H  N N 199 
LEU HD12 H  N N 200 
LEU HD13 H  N N 201 
LEU HD21 H  N N 202 
LEU HD22 H  N N 203 
LEU HD23 H  N N 204 
LEU HXT  H  N N 205 
LYS N    N  N N 206 
LYS CA   C  N S 207 
LYS C    C  N N 208 
LYS O    O  N N 209 
LYS CB   C  N N 210 
LYS CG   C  N N 211 
LYS CD   C  N N 212 
LYS CE   C  N N 213 
LYS NZ   N  N N 214 
LYS OXT  O  N N 215 
LYS H    H  N N 216 
LYS H2   H  N N 217 
LYS HA   H  N N 218 
LYS HB2  H  N N 219 
LYS HB3  H  N N 220 
LYS HG2  H  N N 221 
LYS HG3  H  N N 222 
LYS HD2  H  N N 223 
LYS HD3  H  N N 224 
LYS HE2  H  N N 225 
LYS HE3  H  N N 226 
LYS HZ1  H  N N 227 
LYS HZ2  H  N N 228 
LYS HZ3  H  N N 229 
LYS HXT  H  N N 230 
MET N    N  N N 231 
MET CA   C  N S 232 
MET C    C  N N 233 
MET O    O  N N 234 
MET CB   C  N N 235 
MET CG   C  N N 236 
MET SD   S  N N 237 
MET CE   C  N N 238 
MET OXT  O  N N 239 
MET H    H  N N 240 
MET H2   H  N N 241 
MET HA   H  N N 242 
MET HB2  H  N N 243 
MET HB3  H  N N 244 
MET HG2  H  N N 245 
MET HG3  H  N N 246 
MET HE1  H  N N 247 
MET HE2  H  N N 248 
MET HE3  H  N N 249 
MET HXT  H  N N 250 
PHE N    N  N N 251 
PHE CA   C  N S 252 
PHE C    C  N N 253 
PHE O    O  N N 254 
PHE CB   C  N N 255 
PHE CG   C  Y N 256 
PHE CD1  C  Y N 257 
PHE CD2  C  Y N 258 
PHE CE1  C  Y N 259 
PHE CE2  C  Y N 260 
PHE CZ   C  Y N 261 
PHE OXT  O  N N 262 
PHE H    H  N N 263 
PHE H2   H  N N 264 
PHE HA   H  N N 265 
PHE HB2  H  N N 266 
PHE HB3  H  N N 267 
PHE HD1  H  N N 268 
PHE HD2  H  N N 269 
PHE HE1  H  N N 270 
PHE HE2  H  N N 271 
PHE HZ   H  N N 272 
PHE HXT  H  N N 273 
PO4 P    P  N N 274 
PO4 O1   O  N N 275 
PO4 O2   O  N N 276 
PO4 O3   O  N N 277 
PO4 O4   O  N N 278 
PRO N    N  N N 279 
PRO CA   C  N S 280 
PRO C    C  N N 281 
PRO O    O  N N 282 
PRO CB   C  N N 283 
PRO CG   C  N N 284 
PRO CD   C  N N 285 
PRO OXT  O  N N 286 
PRO H    H  N N 287 
PRO HA   H  N N 288 
PRO HB2  H  N N 289 
PRO HB3  H  N N 290 
PRO HG2  H  N N 291 
PRO HG3  H  N N 292 
PRO HD2  H  N N 293 
PRO HD3  H  N N 294 
PRO HXT  H  N N 295 
SER N    N  N N 296 
SER CA   C  N S 297 
SER C    C  N N 298 
SER O    O  N N 299 
SER CB   C  N N 300 
SER OG   O  N N 301 
SER OXT  O  N N 302 
SER H    H  N N 303 
SER H2   H  N N 304 
SER HA   H  N N 305 
SER HB2  H  N N 306 
SER HB3  H  N N 307 
SER HG   H  N N 308 
SER HXT  H  N N 309 
THR N    N  N N 310 
THR CA   C  N S 311 
THR C    C  N N 312 
THR O    O  N N 313 
THR CB   C  N R 314 
THR OG1  O  N N 315 
THR CG2  C  N N 316 
THR OXT  O  N N 317 
THR H    H  N N 318 
THR H2   H  N N 319 
THR HA   H  N N 320 
THR HB   H  N N 321 
THR HG1  H  N N 322 
THR HG21 H  N N 323 
THR HG22 H  N N 324 
THR HG23 H  N N 325 
THR HXT  H  N N 326 
TRP N    N  N N 327 
TRP CA   C  N S 328 
TRP C    C  N N 329 
TRP O    O  N N 330 
TRP CB   C  N N 331 
TRP CG   C  Y N 332 
TRP CD1  C  Y N 333 
TRP CD2  C  Y N 334 
TRP NE1  N  Y N 335 
TRP CE2  C  Y N 336 
TRP CE3  C  Y N 337 
TRP CZ2  C  Y N 338 
TRP CZ3  C  Y N 339 
TRP CH2  C  Y N 340 
TRP OXT  O  N N 341 
TRP H    H  N N 342 
TRP H2   H  N N 343 
TRP HA   H  N N 344 
TRP HB2  H  N N 345 
TRP HB3  H  N N 346 
TRP HD1  H  N N 347 
TRP HE1  H  N N 348 
TRP HE3  H  N N 349 
TRP HZ2  H  N N 350 
TRP HZ3  H  N N 351 
TRP HH2  H  N N 352 
TRP HXT  H  N N 353 
TYR N    N  N N 354 
TYR CA   C  N S 355 
TYR C    C  N N 356 
TYR O    O  N N 357 
TYR CB   C  N N 358 
TYR CG   C  Y N 359 
TYR CD1  C  Y N 360 
TYR CD2  C  Y N 361 
TYR CE1  C  Y N 362 
TYR CE2  C  Y N 363 
TYR CZ   C  Y N 364 
TYR OH   O  N N 365 
TYR OXT  O  N N 366 
TYR H    H  N N 367 
TYR H2   H  N N 368 
TYR HA   H  N N 369 
TYR HB2  H  N N 370 
TYR HB3  H  N N 371 
TYR HD1  H  N N 372 
TYR HD2  H  N N 373 
TYR HE1  H  N N 374 
TYR HE2  H  N N 375 
TYR HH   H  N N 376 
TYR HXT  H  N N 377 
VAL N    N  N N 378 
VAL CA   C  N S 379 
VAL C    C  N N 380 
VAL O    O  N N 381 
VAL CB   C  N N 382 
VAL CG1  C  N N 383 
VAL CG2  C  N N 384 
VAL OXT  O  N N 385 
VAL H    H  N N 386 
VAL H2   H  N N 387 
VAL HA   H  N N 388 
VAL HB   H  N N 389 
VAL HG11 H  N N 390 
VAL HG12 H  N N 391 
VAL HG13 H  N N 392 
VAL HG21 H  N N 393 
VAL HG22 H  N N 394 
VAL HG23 H  N N 395 
VAL HXT  H  N N 396 
# 
loop_
_chem_comp_bond.comp_id 
_chem_comp_bond.atom_id_1 
_chem_comp_bond.atom_id_2 
_chem_comp_bond.value_order 
_chem_comp_bond.pdbx_aromatic_flag 
_chem_comp_bond.pdbx_stereo_config 
_chem_comp_bond.pdbx_ordinal 
ALA N   CA   sing N N 1   
ALA N   H    sing N N 2   
ALA N   H2   sing N N 3   
ALA CA  C    sing N N 4   
ALA CA  CB   sing N N 5   
ALA CA  HA   sing N N 6   
ALA C   O    doub N N 7   
ALA C   OXT  sing N N 8   
ALA CB  HB1  sing N N 9   
ALA CB  HB2  sing N N 10  
ALA CB  HB3  sing N N 11  
ALA OXT HXT  sing N N 12  
ARG N   CA   sing N N 13  
ARG N   H    sing N N 14  
ARG N   H2   sing N N 15  
ARG CA  C    sing N N 16  
ARG CA  CB   sing N N 17  
ARG CA  HA   sing N N 18  
ARG C   O    doub N N 19  
ARG C   OXT  sing N N 20  
ARG CB  CG   sing N N 21  
ARG CB  HB2  sing N N 22  
ARG CB  HB3  sing N N 23  
ARG CG  CD   sing N N 24  
ARG CG  HG2  sing N N 25  
ARG CG  HG3  sing N N 26  
ARG CD  NE   sing N N 27  
ARG CD  HD2  sing N N 28  
ARG CD  HD3  sing N N 29  
ARG NE  CZ   sing N N 30  
ARG NE  HE   sing N N 31  
ARG CZ  NH1  sing N N 32  
ARG CZ  NH2  doub N N 33  
ARG NH1 HH11 sing N N 34  
ARG NH1 HH12 sing N N 35  
ARG NH2 HH21 sing N N 36  
ARG NH2 HH22 sing N N 37  
ARG OXT HXT  sing N N 38  
ASN N   CA   sing N N 39  
ASN N   H    sing N N 40  
ASN N   H2   sing N N 41  
ASN CA  C    sing N N 42  
ASN CA  CB   sing N N 43  
ASN CA  HA   sing N N 44  
ASN C   O    doub N N 45  
ASN C   OXT  sing N N 46  
ASN CB  CG   sing N N 47  
ASN CB  HB2  sing N N 48  
ASN CB  HB3  sing N N 49  
ASN CG  OD1  doub N N 50  
ASN CG  ND2  sing N N 51  
ASN ND2 HD21 sing N N 52  
ASN ND2 HD22 sing N N 53  
ASN OXT HXT  sing N N 54  
ASP N   CA   sing N N 55  
ASP N   H    sing N N 56  
ASP N   H2   sing N N 57  
ASP CA  C    sing N N 58  
ASP CA  CB   sing N N 59  
ASP CA  HA   sing N N 60  
ASP C   O    doub N N 61  
ASP C   OXT  sing N N 62  
ASP CB  CG   sing N N 63  
ASP CB  HB2  sing N N 64  
ASP CB  HB3  sing N N 65  
ASP CG  OD1  doub N N 66  
ASP CG  OD2  sing N N 67  
ASP OD2 HD2  sing N N 68  
ASP OXT HXT  sing N N 69  
CYS N   CA   sing N N 70  
CYS N   H    sing N N 71  
CYS N   H2   sing N N 72  
CYS CA  C    sing N N 73  
CYS CA  CB   sing N N 74  
CYS CA  HA   sing N N 75  
CYS C   O    doub N N 76  
CYS C   OXT  sing N N 77  
CYS CB  SG   sing N N 78  
CYS CB  HB2  sing N N 79  
CYS CB  HB3  sing N N 80  
CYS SG  HG   sing N N 81  
CYS OXT HXT  sing N N 82  
GLN N   CA   sing N N 83  
GLN N   H    sing N N 84  
GLN N   H2   sing N N 85  
GLN CA  C    sing N N 86  
GLN CA  CB   sing N N 87  
GLN CA  HA   sing N N 88  
GLN C   O    doub N N 89  
GLN C   OXT  sing N N 90  
GLN CB  CG   sing N N 91  
GLN CB  HB2  sing N N 92  
GLN CB  HB3  sing N N 93  
GLN CG  CD   sing N N 94  
GLN CG  HG2  sing N N 95  
GLN CG  HG3  sing N N 96  
GLN CD  OE1  doub N N 97  
GLN CD  NE2  sing N N 98  
GLN NE2 HE21 sing N N 99  
GLN NE2 HE22 sing N N 100 
GLN OXT HXT  sing N N 101 
GLU N   CA   sing N N 102 
GLU N   H    sing N N 103 
GLU N   H2   sing N N 104 
GLU CA  C    sing N N 105 
GLU CA  CB   sing N N 106 
GLU CA  HA   sing N N 107 
GLU C   O    doub N N 108 
GLU C   OXT  sing N N 109 
GLU CB  CG   sing N N 110 
GLU CB  HB2  sing N N 111 
GLU CB  HB3  sing N N 112 
GLU CG  CD   sing N N 113 
GLU CG  HG2  sing N N 114 
GLU CG  HG3  sing N N 115 
GLU CD  OE1  doub N N 116 
GLU CD  OE2  sing N N 117 
GLU OE2 HE2  sing N N 118 
GLU OXT HXT  sing N N 119 
GLY N   CA   sing N N 120 
GLY N   H    sing N N 121 
GLY N   H2   sing N N 122 
GLY CA  C    sing N N 123 
GLY CA  HA2  sing N N 124 
GLY CA  HA3  sing N N 125 
GLY C   O    doub N N 126 
GLY C   OXT  sing N N 127 
GLY OXT HXT  sing N N 128 
HIS N   CA   sing N N 129 
HIS N   H    sing N N 130 
HIS N   H2   sing N N 131 
HIS CA  C    sing N N 132 
HIS CA  CB   sing N N 133 
HIS CA  HA   sing N N 134 
HIS C   O    doub N N 135 
HIS C   OXT  sing N N 136 
HIS CB  CG   sing N N 137 
HIS CB  HB2  sing N N 138 
HIS CB  HB3  sing N N 139 
HIS CG  ND1  sing Y N 140 
HIS CG  CD2  doub Y N 141 
HIS ND1 CE1  doub Y N 142 
HIS ND1 HD1  sing N N 143 
HIS CD2 NE2  sing Y N 144 
HIS CD2 HD2  sing N N 145 
HIS CE1 NE2  sing Y N 146 
HIS CE1 HE1  sing N N 147 
HIS NE2 HE2  sing N N 148 
HIS OXT HXT  sing N N 149 
HOH O   H1   sing N N 150 
HOH O   H2   sing N N 151 
ILE N   CA   sing N N 152 
ILE N   H    sing N N 153 
ILE N   H2   sing N N 154 
ILE CA  C    sing N N 155 
ILE CA  CB   sing N N 156 
ILE CA  HA   sing N N 157 
ILE C   O    doub N N 158 
ILE C   OXT  sing N N 159 
ILE CB  CG1  sing N N 160 
ILE CB  CG2  sing N N 161 
ILE CB  HB   sing N N 162 
ILE CG1 CD1  sing N N 163 
ILE CG1 HG12 sing N N 164 
ILE CG1 HG13 sing N N 165 
ILE CG2 HG21 sing N N 166 
ILE CG2 HG22 sing N N 167 
ILE CG2 HG23 sing N N 168 
ILE CD1 HD11 sing N N 169 
ILE CD1 HD12 sing N N 170 
ILE CD1 HD13 sing N N 171 
ILE OXT HXT  sing N N 172 
LEU N   CA   sing N N 173 
LEU N   H    sing N N 174 
LEU N   H2   sing N N 175 
LEU CA  C    sing N N 176 
LEU CA  CB   sing N N 177 
LEU CA  HA   sing N N 178 
LEU C   O    doub N N 179 
LEU C   OXT  sing N N 180 
LEU CB  CG   sing N N 181 
LEU CB  HB2  sing N N 182 
LEU CB  HB3  sing N N 183 
LEU CG  CD1  sing N N 184 
LEU CG  CD2  sing N N 185 
LEU CG  HG   sing N N 186 
LEU CD1 HD11 sing N N 187 
LEU CD1 HD12 sing N N 188 
LEU CD1 HD13 sing N N 189 
LEU CD2 HD21 sing N N 190 
LEU CD2 HD22 sing N N 191 
LEU CD2 HD23 sing N N 192 
LEU OXT HXT  sing N N 193 
LYS N   CA   sing N N 194 
LYS N   H    sing N N 195 
LYS N   H2   sing N N 196 
LYS CA  C    sing N N 197 
LYS CA  CB   sing N N 198 
LYS CA  HA   sing N N 199 
LYS C   O    doub N N 200 
LYS C   OXT  sing N N 201 
LYS CB  CG   sing N N 202 
LYS CB  HB2  sing N N 203 
LYS CB  HB3  sing N N 204 
LYS CG  CD   sing N N 205 
LYS CG  HG2  sing N N 206 
LYS CG  HG3  sing N N 207 
LYS CD  CE   sing N N 208 
LYS CD  HD2  sing N N 209 
LYS CD  HD3  sing N N 210 
LYS CE  NZ   sing N N 211 
LYS CE  HE2  sing N N 212 
LYS CE  HE3  sing N N 213 
LYS NZ  HZ1  sing N N 214 
LYS NZ  HZ2  sing N N 215 
LYS NZ  HZ3  sing N N 216 
LYS OXT HXT  sing N N 217 
MET N   CA   sing N N 218 
MET N   H    sing N N 219 
MET N   H2   sing N N 220 
MET CA  C    sing N N 221 
MET CA  CB   sing N N 222 
MET CA  HA   sing N N 223 
MET C   O    doub N N 224 
MET C   OXT  sing N N 225 
MET CB  CG   sing N N 226 
MET CB  HB2  sing N N 227 
MET CB  HB3  sing N N 228 
MET CG  SD   sing N N 229 
MET CG  HG2  sing N N 230 
MET CG  HG3  sing N N 231 
MET SD  CE   sing N N 232 
MET CE  HE1  sing N N 233 
MET CE  HE2  sing N N 234 
MET CE  HE3  sing N N 235 
MET OXT HXT  sing N N 236 
PHE N   CA   sing N N 237 
PHE N   H    sing N N 238 
PHE N   H2   sing N N 239 
PHE CA  C    sing N N 240 
PHE CA  CB   sing N N 241 
PHE CA  HA   sing N N 242 
PHE C   O    doub N N 243 
PHE C   OXT  sing N N 244 
PHE CB  CG   sing N N 245 
PHE CB  HB2  sing N N 246 
PHE CB  HB3  sing N N 247 
PHE CG  CD1  doub Y N 248 
PHE CG  CD2  sing Y N 249 
PHE CD1 CE1  sing Y N 250 
PHE CD1 HD1  sing N N 251 
PHE CD2 CE2  doub Y N 252 
PHE CD2 HD2  sing N N 253 
PHE CE1 CZ   doub Y N 254 
PHE CE1 HE1  sing N N 255 
PHE CE2 CZ   sing Y N 256 
PHE CE2 HE2  sing N N 257 
PHE CZ  HZ   sing N N 258 
PHE OXT HXT  sing N N 259 
PO4 P   O1   doub N N 260 
PO4 P   O2   sing N N 261 
PO4 P   O3   sing N N 262 
PO4 P   O4   sing N N 263 
PRO N   CA   sing N N 264 
PRO N   CD   sing N N 265 
PRO N   H    sing N N 266 
PRO CA  C    sing N N 267 
PRO CA  CB   sing N N 268 
PRO CA  HA   sing N N 269 
PRO C   O    doub N N 270 
PRO C   OXT  sing N N 271 
PRO CB  CG   sing N N 272 
PRO CB  HB2  sing N N 273 
PRO CB  HB3  sing N N 274 
PRO CG  CD   sing N N 275 
PRO CG  HG2  sing N N 276 
PRO CG  HG3  sing N N 277 
PRO CD  HD2  sing N N 278 
PRO CD  HD3  sing N N 279 
PRO OXT HXT  sing N N 280 
SER N   CA   sing N N 281 
SER N   H    sing N N 282 
SER N   H2   sing N N 283 
SER CA  C    sing N N 284 
SER CA  CB   sing N N 285 
SER CA  HA   sing N N 286 
SER C   O    doub N N 287 
SER C   OXT  sing N N 288 
SER CB  OG   sing N N 289 
SER CB  HB2  sing N N 290 
SER CB  HB3  sing N N 291 
SER OG  HG   sing N N 292 
SER OXT HXT  sing N N 293 
THR N   CA   sing N N 294 
THR N   H    sing N N 295 
THR N   H2   sing N N 296 
THR CA  C    sing N N 297 
THR CA  CB   sing N N 298 
THR CA  HA   sing N N 299 
THR C   O    doub N N 300 
THR C   OXT  sing N N 301 
THR CB  OG1  sing N N 302 
THR CB  CG2  sing N N 303 
THR CB  HB   sing N N 304 
THR OG1 HG1  sing N N 305 
THR CG2 HG21 sing N N 306 
THR CG2 HG22 sing N N 307 
THR CG2 HG23 sing N N 308 
THR OXT HXT  sing N N 309 
TRP N   CA   sing N N 310 
TRP N   H    sing N N 311 
TRP N   H2   sing N N 312 
TRP CA  C    sing N N 313 
TRP CA  CB   sing N N 314 
TRP CA  HA   sing N N 315 
TRP C   O    doub N N 316 
TRP C   OXT  sing N N 317 
TRP CB  CG   sing N N 318 
TRP CB  HB2  sing N N 319 
TRP CB  HB3  sing N N 320 
TRP CG  CD1  doub Y N 321 
TRP CG  CD2  sing Y N 322 
TRP CD1 NE1  sing Y N 323 
TRP CD1 HD1  sing N N 324 
TRP CD2 CE2  doub Y N 325 
TRP CD2 CE3  sing Y N 326 
TRP NE1 CE2  sing Y N 327 
TRP NE1 HE1  sing N N 328 
TRP CE2 CZ2  sing Y N 329 
TRP CE3 CZ3  doub Y N 330 
TRP CE3 HE3  sing N N 331 
TRP CZ2 CH2  doub Y N 332 
TRP CZ2 HZ2  sing N N 333 
TRP CZ3 CH2  sing Y N 334 
TRP CZ3 HZ3  sing N N 335 
TRP CH2 HH2  sing N N 336 
TRP OXT HXT  sing N N 337 
TYR N   CA   sing N N 338 
TYR N   H    sing N N 339 
TYR N   H2   sing N N 340 
TYR CA  C    sing N N 341 
TYR CA  CB   sing N N 342 
TYR CA  HA   sing N N 343 
TYR C   O    doub N N 344 
TYR C   OXT  sing N N 345 
TYR CB  CG   sing N N 346 
TYR CB  HB2  sing N N 347 
TYR CB  HB3  sing N N 348 
TYR CG  CD1  doub Y N 349 
TYR CG  CD2  sing Y N 350 
TYR CD1 CE1  sing Y N 351 
TYR CD1 HD1  sing N N 352 
TYR CD2 CE2  doub Y N 353 
TYR CD2 HD2  sing N N 354 
TYR CE1 CZ   doub Y N 355 
TYR CE1 HE1  sing N N 356 
TYR CE2 CZ   sing Y N 357 
TYR CE2 HE2  sing N N 358 
TYR CZ  OH   sing N N 359 
TYR OH  HH   sing N N 360 
TYR OXT HXT  sing N N 361 
VAL N   CA   sing N N 362 
VAL N   H    sing N N 363 
VAL N   H2   sing N N 364 
VAL CA  C    sing N N 365 
VAL CA  CB   sing N N 366 
VAL CA  HA   sing N N 367 
VAL C   O    doub N N 368 
VAL C   OXT  sing N N 369 
VAL CB  CG1  sing N N 370 
VAL CB  CG2  sing N N 371 
VAL CB  HB   sing N N 372 
VAL CG1 HG11 sing N N 373 
VAL CG1 HG12 sing N N 374 
VAL CG1 HG13 sing N N 375 
VAL CG2 HG21 sing N N 376 
VAL CG2 HG22 sing N N 377 
VAL CG2 HG23 sing N N 378 
VAL OXT HXT  sing N N 379 
# 
loop_
_pdbx_entity_nonpoly.entity_id 
_pdbx_entity_nonpoly.name 
_pdbx_entity_nonpoly.comp_id 
2 'PHOSPHATE ION' PO4 
3 'CALCIUM ION'   CA  
4 water           HOH 
# 
_pdbx_initial_refinement_model.id               1 
_pdbx_initial_refinement_model.entity_id_list   ? 
_pdbx_initial_refinement_model.type             'experimental model' 
_pdbx_initial_refinement_model.source_name      PDB 
_pdbx_initial_refinement_model.accession_code   4Z71 
_pdbx_initial_refinement_model.details          ? 
# 
